data_4R2N
#
_entry.id   4R2N
#
_cell.length_a   55.414
_cell.length_b   164.460
_cell.length_c   178.515
_cell.angle_alpha   90.00
_cell.angle_beta   90.00
_cell.angle_gamma   90.00
#
_symmetry.space_group_name_H-M   'P 21 21 21'
#
loop_
_entity.id
_entity.type
_entity.pdbx_description
1 polymer 'Putative phenylalanine aminotransferase'
2 non-polymer "PYRIDOXAL-5'-PHOSPHATE"
3 non-polymer PHENYLALANINE
4 non-polymer '4-(2-HYDROXYETHYL)-1-PIPERAZINE ETHANESULFONIC ACID'
5 water water
#
_entity_poly.entity_id   1
_entity_poly.type   'polypeptide(L)'
_entity_poly.pdbx_seq_one_letter_code
;MVTARLRPELAGLPVYVPGKTVPGAIKLASNETVFGPLPSVRAAIDRATDTVNRYPDNGCVQLKAALARHLGPDFAPEHV
AVGCGSVSLCQQLVQVTASVGDEVVFGWRSFELYPPQVRVAGAIPIQVPLTDHTFDLYAMLATVTDRTRLIFVCNPNNPT
STVVGPDALARFVEAVPAHILIAIDEAYVEYIRDGMRPDSLGLVRAHNNVVVLRTFSKAYGLAGLRIGYAIGHPDVITAL
DKVYVPFTVSSIGQAAAIASLDAADELLARTDTVVAERARVSAELRAAGFTLPPSQANFVWLPLGSRTQDFVEQAADARI
VVRPYGTDGVRVTVAAPEENDAFLRFARRWRSDQKLAAALEHHHHHH
;
_entity_poly.pdbx_strand_id   A,B,C,D
#
loop_
_chem_comp.id
_chem_comp.type
_chem_comp.name
_chem_comp.formula
EPE non-polymer '4-(2-HYDROXYETHYL)-1-PIPERAZINE ETHANESULFONIC ACID' 'C8 H18 N2 O4 S'
PLP non-polymer PYRIDOXAL-5'-PHOSPHATE 'C8 H10 N O6 P'
#
# COMPACT_ATOMS: atom_id res chain seq x y z
N VAL A 2 -12.57 -38.48 39.03
CA VAL A 2 -13.18 -38.51 37.65
C VAL A 2 -13.97 -37.22 37.38
N THR A 3 -13.79 -36.68 36.18
CA THR A 3 -14.54 -35.51 35.74
C THR A 3 -15.16 -35.80 34.38
N ALA A 4 -15.99 -34.87 33.89
CA ALA A 4 -16.59 -35.03 32.58
C ALA A 4 -15.49 -34.89 31.54
N ARG A 5 -15.40 -35.85 30.63
CA ARG A 5 -14.39 -35.82 29.58
C ARG A 5 -14.74 -34.80 28.49
N LEU A 6 -13.93 -33.77 28.39
CA LEU A 6 -14.11 -32.71 27.40
C LEU A 6 -13.06 -32.81 26.31
N ARG A 7 -13.31 -32.16 25.17
CA ARG A 7 -12.41 -32.27 24.03
C ARG A 7 -11.03 -31.74 24.39
N PRO A 8 -9.97 -32.49 24.01
CA PRO A 8 -8.60 -32.02 24.27
C PRO A 8 -8.25 -30.72 23.57
N GLU A 9 -8.94 -30.41 22.48
CA GLU A 9 -8.72 -29.17 21.71
C GLU A 9 -9.01 -27.91 22.53
N LEU A 10 -9.84 -28.03 23.56
CA LEU A 10 -10.14 -26.89 24.43
C LEU A 10 -8.90 -26.42 25.21
N ALA A 11 -7.93 -27.31 25.40
CA ALA A 11 -6.74 -27.01 26.19
C ALA A 11 -5.98 -25.83 25.61
N GLY A 12 -5.84 -24.77 26.40
CA GLY A 12 -5.18 -23.56 25.92
C GLY A 12 -5.78 -23.07 24.61
N LEU A 13 -7.09 -23.23 24.44
CA LEU A 13 -7.78 -22.64 23.31
C LEU A 13 -7.63 -21.12 23.44
N PRO A 14 -7.20 -20.44 22.36
CA PRO A 14 -6.93 -19.00 22.39
C PRO A 14 -8.20 -18.16 22.53
N VAL A 15 -8.65 -17.98 23.77
CA VAL A 15 -9.95 -17.34 24.05
C VAL A 15 -9.94 -15.83 23.78
N TYR A 16 -11.07 -15.29 23.35
CA TYR A 16 -11.23 -13.83 23.30
C TYR A 16 -11.40 -13.28 24.71
N VAL A 17 -10.43 -12.48 25.16
CA VAL A 17 -10.50 -11.84 26.46
C VAL A 17 -10.82 -10.35 26.28
N PRO A 18 -11.93 -9.89 26.87
CA PRO A 18 -12.21 -8.45 26.81
C PRO A 18 -11.21 -7.64 27.62
N GLY A 19 -11.14 -6.34 27.35
CA GLY A 19 -10.38 -5.44 28.20
C GLY A 19 -11.12 -5.26 29.50
N LYS A 20 -10.39 -5.15 30.61
CA LYS A 20 -11.02 -4.94 31.90
C LYS A 20 -11.69 -3.56 31.92
N THR A 21 -12.82 -3.46 32.61
CA THR A 21 -13.60 -2.23 32.63
C THR A 21 -12.99 -1.23 33.61
N VAL A 22 -12.76 -0.01 33.12
CA VAL A 22 -12.34 1.10 33.94
C VAL A 22 -13.52 2.07 34.03
N PRO A 23 -14.29 2.01 35.12
CA PRO A 23 -15.52 2.81 35.23
C PRO A 23 -15.32 4.28 34.84
N GLY A 24 -16.10 4.73 33.85
CA GLY A 24 -16.07 6.13 33.39
C GLY A 24 -15.00 6.47 32.35
N ALA A 25 -14.11 5.52 32.06
CA ALA A 25 -12.97 5.79 31.17
C ALA A 25 -13.43 6.07 29.75
N ILE A 26 -12.61 6.80 28.99
CA ILE A 26 -12.93 7.00 27.59
C ILE A 26 -12.68 5.66 26.87
N LYS A 27 -13.66 5.26 26.07
CA LYS A 27 -13.67 3.92 25.49
C LYS A 27 -13.04 3.88 24.10
N LEU A 28 -11.73 3.69 24.05
CA LEU A 28 -11.02 3.61 22.78
C LEU A 28 -10.52 2.18 22.47
N ALA A 29 -11.21 1.17 23.00
CA ALA A 29 -10.75 -0.20 22.89
C ALA A 29 -11.66 -1.16 22.14
N SER A 30 -12.81 -0.69 21.62
CA SER A 30 -13.79 -1.60 21.01
C SER A 30 -14.27 -1.20 19.61
N ASN A 31 -13.65 -0.17 19.04
CA ASN A 31 -13.97 0.31 17.71
C ASN A 31 -15.44 0.71 17.54
N GLU A 32 -16.00 1.27 18.61
CA GLU A 32 -17.37 1.75 18.60
C GLU A 32 -17.44 3.16 18.04
N THR A 33 -18.54 3.49 17.38
CA THR A 33 -18.86 4.89 17.10
C THR A 33 -19.56 5.49 18.32
N VAL A 34 -19.67 6.82 18.39
CA VAL A 34 -20.01 7.49 19.65
C VAL A 34 -21.45 8.00 19.80
N PHE A 35 -22.28 7.81 18.78
CA PHE A 35 -23.66 8.33 18.84
C PHE A 35 -24.72 7.29 19.16
N GLY A 36 -25.65 7.65 20.05
CA GLY A 36 -26.81 6.81 20.34
C GLY A 36 -27.72 6.68 19.13
N PRO A 37 -28.82 5.94 19.28
CA PRO A 37 -29.68 5.64 18.13
C PRO A 37 -30.47 6.84 17.62
N LEU A 38 -30.67 6.88 16.30
CA LEU A 38 -31.56 7.87 15.67
C LEU A 38 -32.99 7.71 16.18
N PRO A 39 -33.80 8.78 16.11
CA PRO A 39 -35.21 8.66 16.52
C PRO A 39 -35.96 7.51 15.84
N SER A 40 -35.75 7.33 14.54
CA SER A 40 -36.43 6.26 13.81
C SER A 40 -35.98 4.87 14.26
N VAL A 41 -34.70 4.74 14.63
CA VAL A 41 -34.18 3.47 15.12
C VAL A 41 -34.72 3.14 16.54
N ARG A 42 -34.82 4.15 17.41
CA ARG A 42 -35.38 3.91 18.73
C ARG A 42 -36.86 3.57 18.64
N ALA A 43 -37.57 4.23 17.72
CA ALA A 43 -38.98 3.94 17.49
C ALA A 43 -39.21 2.50 17.02
N ALA A 44 -38.38 2.02 16.09
CA ALA A 44 -38.47 0.63 15.65
C ALA A 44 -38.18 -0.35 16.80
N ILE A 45 -37.20 0.00 17.63
CA ILE A 45 -36.85 -0.81 18.79
C ILE A 45 -38.03 -0.83 19.77
N ASP A 46 -38.58 0.34 20.05
CA ASP A 46 -39.75 0.45 20.94
C ASP A 46 -40.92 -0.40 20.43
N ARG A 47 -41.22 -0.31 19.14
CA ARG A 47 -42.32 -1.11 18.58
C ARG A 47 -42.07 -2.62 18.69
N ALA A 48 -40.84 -3.04 18.41
CA ALA A 48 -40.48 -4.47 18.53
C ALA A 48 -40.51 -4.94 19.98
N THR A 49 -40.26 -4.03 20.92
CA THR A 49 -40.30 -4.40 22.34
C THR A 49 -41.67 -4.89 22.78
N ASP A 50 -42.73 -4.40 22.13
CA ASP A 50 -44.10 -4.85 22.39
C ASP A 50 -44.27 -6.38 22.35
N THR A 51 -43.58 -7.06 21.44
CA THR A 51 -43.80 -8.49 21.25
C THR A 51 -42.59 -9.34 21.64
N VAL A 52 -41.93 -8.96 22.73
CA VAL A 52 -40.70 -9.61 23.18
C VAL A 52 -40.99 -11.06 23.63
N ASN A 53 -42.26 -11.35 23.88
CA ASN A 53 -42.69 -12.70 24.21
C ASN A 53 -42.76 -13.64 23.00
N ARG A 54 -42.64 -13.11 21.79
CA ARG A 54 -42.67 -13.92 20.57
C ARG A 54 -41.27 -14.13 19.98
N TYR A 55 -41.00 -15.32 19.48
CA TYR A 55 -39.74 -15.60 18.79
C TYR A 55 -39.53 -14.64 17.59
N PRO A 56 -38.26 -14.37 17.24
CA PRO A 56 -38.01 -13.56 16.05
C PRO A 56 -38.34 -14.33 14.79
N ASP A 57 -38.38 -13.65 13.66
CA ASP A 57 -38.41 -14.32 12.35
C ASP A 57 -37.05 -14.98 12.16
N ASN A 58 -37.05 -16.31 12.10
CA ASN A 58 -35.82 -17.08 11.95
C ASN A 58 -35.11 -16.76 10.62
N GLY A 59 -35.92 -16.43 9.62
CA GLY A 59 -35.42 -16.20 8.28
C GLY A 59 -35.11 -14.75 8.00
N CYS A 60 -35.40 -13.87 8.96
CA CYS A 60 -35.08 -12.44 8.85
C CYS A 60 -35.54 -11.90 7.50
N VAL A 61 -36.77 -12.23 7.12
CA VAL A 61 -37.22 -12.01 5.75
C VAL A 61 -37.16 -10.55 5.32
N GLN A 62 -37.77 -9.66 6.09
CA GLN A 62 -37.85 -8.25 5.74
C GLN A 62 -36.47 -7.59 5.77
N LEU A 63 -35.59 -8.07 6.64
CA LEU A 63 -34.25 -7.54 6.72
C LEU A 63 -33.45 -7.90 5.46
N LYS A 64 -33.55 -9.15 5.03
CA LYS A 64 -32.91 -9.58 3.78
C LYS A 64 -33.42 -8.80 2.56
N ALA A 65 -34.73 -8.58 2.51
CA ALA A 65 -35.32 -7.81 1.42
C ALA A 65 -34.71 -6.41 1.43
N ALA A 66 -34.61 -5.83 2.61
CA ALA A 66 -34.06 -4.47 2.73
C ALA A 66 -32.59 -4.46 2.33
N LEU A 67 -31.86 -5.51 2.72
CA LEU A 67 -30.45 -5.60 2.40
C LEU A 67 -30.22 -5.75 0.89
N ALA A 68 -30.99 -6.63 0.25
CA ALA A 68 -30.91 -6.81 -1.21
C ALA A 68 -31.23 -5.53 -1.97
N ARG A 69 -32.24 -4.79 -1.49
CA ARG A 69 -32.58 -3.47 -2.07
C ARG A 69 -31.39 -2.53 -1.94
N HIS A 70 -30.86 -2.40 -0.72
CA HIS A 70 -29.67 -1.61 -0.41
C HIS A 70 -28.47 -1.98 -1.29
N LEU A 71 -28.32 -3.27 -1.58
CA LEU A 71 -27.17 -3.77 -2.32
C LEU A 71 -27.25 -3.47 -3.82
N GLY A 72 -28.45 -3.41 -4.36
CA GLY A 72 -28.63 -3.03 -5.76
C GLY A 72 -29.29 -4.10 -6.58
N PRO A 73 -29.55 -3.81 -7.87
CA PRO A 73 -30.42 -4.62 -8.71
C PRO A 73 -29.96 -6.04 -8.95
N ASP A 74 -28.66 -6.28 -8.88
CA ASP A 74 -28.12 -7.62 -9.12
C ASP A 74 -28.24 -8.55 -7.91
N PHE A 75 -28.70 -8.00 -6.78
CA PHE A 75 -28.75 -8.76 -5.55
C PHE A 75 -30.18 -9.00 -5.09
N ALA A 76 -30.46 -10.25 -4.72
CA ALA A 76 -31.74 -10.66 -4.20
C ALA A 76 -31.54 -11.27 -2.80
N PRO A 77 -32.66 -11.50 -2.07
CA PRO A 77 -32.60 -12.04 -0.72
C PRO A 77 -31.78 -13.33 -0.63
N GLU A 78 -31.81 -14.10 -1.72
CA GLU A 78 -31.11 -15.38 -1.85
C GLU A 78 -29.57 -15.25 -1.77
N HIS A 79 -29.07 -14.02 -1.93
CA HIS A 79 -27.64 -13.72 -1.84
C HIS A 79 -27.19 -13.16 -0.50
N VAL A 80 -28.05 -13.23 0.51
CA VAL A 80 -27.79 -12.56 1.79
C VAL A 80 -28.10 -13.49 2.95
N ALA A 81 -27.11 -13.64 3.84
CA ALA A 81 -27.30 -14.38 5.09
C ALA A 81 -27.14 -13.40 6.22
N VAL A 82 -27.94 -13.54 7.27
CA VAL A 82 -27.82 -12.68 8.44
C VAL A 82 -27.34 -13.50 9.62
N GLY A 83 -26.54 -12.90 10.49
CA GLY A 83 -26.04 -13.56 11.67
C GLY A 83 -26.01 -12.66 12.90
N CYS A 84 -25.87 -13.27 14.08
CA CYS A 84 -25.81 -12.56 15.33
C CYS A 84 -24.43 -11.91 15.51
N GLY A 85 -24.27 -10.78 14.84
CA GLY A 85 -22.97 -10.17 14.62
C GLY A 85 -22.27 -10.90 13.50
N SER A 86 -21.37 -10.20 12.81
CA SER A 86 -20.53 -10.85 11.83
C SER A 86 -19.58 -11.86 12.50
N VAL A 87 -19.36 -11.77 13.81
CA VAL A 87 -18.56 -12.79 14.51
CA VAL A 87 -18.56 -12.77 14.53
C VAL A 87 -19.19 -14.17 14.44
N SER A 88 -20.53 -14.22 14.47
CA SER A 88 -21.22 -15.50 14.33
C SER A 88 -21.04 -16.01 12.90
N LEU A 89 -21.07 -15.10 11.93
CA LEU A 89 -20.91 -15.52 10.53
C LEU A 89 -19.51 -16.07 10.28
N CYS A 90 -18.51 -15.53 10.96
CA CYS A 90 -17.15 -16.07 10.93
C CYS A 90 -17.13 -17.54 11.33
N GLN A 91 -17.79 -17.90 12.43
CA GLN A 91 -17.86 -19.29 12.83
C GLN A 91 -18.66 -20.13 11.82
N GLN A 92 -19.75 -19.57 11.30
CA GLN A 92 -20.57 -20.29 10.31
C GLN A 92 -19.78 -20.61 9.05
N LEU A 93 -18.92 -19.69 8.63
CA LEU A 93 -18.04 -19.94 7.49
C LEU A 93 -17.11 -21.13 7.73
N VAL A 94 -16.52 -21.22 8.92
CA VAL A 94 -15.69 -22.37 9.27
C VAL A 94 -16.56 -23.63 9.26
N GLN A 95 -17.74 -23.52 9.82
CA GLN A 95 -18.64 -24.68 9.91
C GLN A 95 -19.14 -25.22 8.58
N VAL A 96 -19.23 -24.37 7.56
CA VAL A 96 -19.67 -24.86 6.25
C VAL A 96 -18.51 -25.31 5.36
N THR A 97 -17.27 -25.10 5.81
CA THR A 97 -16.09 -25.37 4.97
C THR A 97 -15.07 -26.36 5.55
N ALA A 98 -14.81 -26.29 6.86
CA ALA A 98 -13.62 -26.93 7.40
C ALA A 98 -13.93 -27.87 8.55
N SER A 99 -13.31 -29.04 8.52
CA SER A 99 -13.39 -29.98 9.62
C SER A 99 -11.99 -30.47 9.99
N VAL A 100 -11.91 -31.64 10.61
CA VAL A 100 -10.64 -32.14 11.13
C VAL A 100 -9.56 -32.25 10.04
N GLY A 101 -8.42 -31.59 10.27
CA GLY A 101 -7.29 -31.65 9.35
C GLY A 101 -7.34 -30.63 8.23
N ASP A 102 -8.52 -30.08 7.95
CA ASP A 102 -8.64 -29.04 6.93
C ASP A 102 -7.93 -27.76 7.36
N GLU A 103 -7.48 -26.98 6.39
CA GLU A 103 -6.68 -25.79 6.68
C GLU A 103 -7.45 -24.53 6.36
N VAL A 104 -7.28 -23.53 7.23
CA VAL A 104 -7.89 -22.22 7.02
C VAL A 104 -6.78 -21.19 7.07
N VAL A 105 -6.68 -20.39 6.01
CA VAL A 105 -5.60 -19.44 5.83
C VAL A 105 -6.03 -17.99 6.09
N PHE A 106 -5.22 -17.27 6.85
CA PHE A 106 -5.44 -15.84 7.05
C PHE A 106 -4.14 -15.17 7.45
N GLY A 107 -4.05 -13.88 7.14
CA GLY A 107 -2.91 -13.07 7.58
C GLY A 107 -2.94 -12.97 9.09
N TRP A 108 -1.78 -12.70 9.68
CA TRP A 108 -1.64 -12.70 11.12
C TRP A 108 -0.50 -11.77 11.49
N ARG A 109 -0.75 -10.80 12.38
CA ARG A 109 -1.96 -10.65 13.19
C ARG A 109 -3.21 -10.14 12.44
N SER A 110 -4.35 -10.72 12.81
CA SER A 110 -5.63 -10.35 12.25
C SER A 110 -6.72 -10.55 13.29
N PHE A 111 -7.97 -10.65 12.84
CA PHE A 111 -9.09 -10.74 13.77
C PHE A 111 -8.88 -11.89 14.76
N GLU A 112 -8.86 -11.55 16.05
CA GLU A 112 -8.48 -12.50 17.11
C GLU A 112 -9.36 -13.72 17.22
N LEU A 113 -10.55 -13.70 16.63
CA LEU A 113 -11.42 -14.87 16.68
C LEU A 113 -11.21 -15.90 15.59
N TYR A 114 -10.42 -15.60 14.57
CA TYR A 114 -10.18 -16.61 13.52
C TYR A 114 -9.53 -17.89 14.08
N PRO A 115 -8.43 -17.79 14.86
CA PRO A 115 -7.81 -19.00 15.41
C PRO A 115 -8.70 -19.86 16.31
N PRO A 116 -9.35 -19.26 17.32
CA PRO A 116 -10.16 -20.17 18.14
C PRO A 116 -11.31 -20.82 17.36
N GLN A 117 -11.96 -20.07 16.47
CA GLN A 117 -13.09 -20.63 15.73
C GLN A 117 -12.65 -21.74 14.78
N VAL A 118 -11.47 -21.59 14.18
CA VAL A 118 -10.89 -22.66 13.37
C VAL A 118 -10.53 -23.87 14.24
N ARG A 119 -9.97 -23.63 15.41
CA ARG A 119 -9.56 -24.73 16.28
C ARG A 119 -10.73 -25.50 16.87
N VAL A 120 -11.82 -24.79 17.16
CA VAL A 120 -13.04 -25.44 17.67
C VAL A 120 -13.58 -26.45 16.66
N ALA A 121 -13.42 -26.16 15.37
CA ALA A 121 -13.83 -27.07 14.30
C ALA A 121 -12.87 -28.26 14.11
N GLY A 122 -11.74 -28.25 14.81
CA GLY A 122 -10.72 -29.26 14.63
C GLY A 122 -9.89 -29.01 13.38
N ALA A 123 -9.94 -27.78 12.87
CA ALA A 123 -9.19 -27.40 11.68
C ALA A 123 -7.87 -26.74 12.05
N ILE A 124 -7.00 -26.56 11.07
CA ILE A 124 -5.65 -26.04 11.31
C ILE A 124 -5.54 -24.60 10.82
N PRO A 125 -5.27 -23.65 11.73
CA PRO A 125 -5.07 -22.27 11.30
C PRO A 125 -3.72 -22.03 10.65
N ILE A 126 -3.73 -21.49 9.44
CA ILE A 126 -2.50 -21.18 8.72
C ILE A 126 -2.31 -19.67 8.80
N GLN A 127 -1.44 -19.26 9.69
CA GLN A 127 -1.30 -17.86 10.04
C GLN A 127 -0.10 -17.25 9.32
N VAL A 128 -0.39 -16.43 8.30
CA VAL A 128 0.62 -15.90 7.40
C VAL A 128 1.09 -14.51 7.84
N PRO A 129 2.39 -14.36 8.15
CA PRO A 129 2.89 -13.07 8.62
C PRO A 129 2.59 -11.92 7.67
N LEU A 130 2.44 -10.73 8.25
CA LEU A 130 2.16 -9.52 7.50
C LEU A 130 3.45 -8.87 7.05
N THR A 131 3.37 -7.97 6.07
CA THR A 131 4.50 -7.08 5.83
C THR A 131 3.99 -5.65 5.71
N ASP A 132 4.72 -4.74 6.34
CA ASP A 132 4.24 -3.37 6.52
C ASP A 132 2.86 -3.40 7.17
N HIS A 133 2.68 -4.33 8.11
CA HIS A 133 1.43 -4.48 8.88
C HIS A 133 0.25 -4.69 7.97
N THR A 134 0.51 -5.31 6.81
CA THR A 134 -0.50 -5.45 5.77
C THR A 134 -0.57 -6.90 5.32
N PHE A 135 -1.77 -7.34 4.97
CA PHE A 135 -1.92 -8.68 4.41
C PHE A 135 -0.98 -8.82 3.22
N ASP A 136 -0.28 -9.94 3.18
CA ASP A 136 0.65 -10.27 2.09
C ASP A 136 -0.04 -11.34 1.26
N LEU A 137 -0.70 -10.91 0.21
CA LEU A 137 -1.52 -11.78 -0.60
C LEU A 137 -0.68 -12.83 -1.34
N TYR A 138 0.53 -12.44 -1.75
CA TYR A 138 1.45 -13.37 -2.41
C TYR A 138 1.85 -14.49 -1.46
N ALA A 139 2.21 -14.13 -0.23
CA ALA A 139 2.60 -15.13 0.78
C ALA A 139 1.41 -16.02 1.16
N MET A 140 0.21 -15.44 1.19
CA MET A 140 -0.99 -16.21 1.52
C MET A 140 -1.28 -17.24 0.44
N LEU A 141 -1.23 -16.84 -0.83
CA LEU A 141 -1.43 -17.76 -1.95
C LEU A 141 -0.44 -18.91 -1.90
N ALA A 142 0.83 -18.60 -1.64
CA ALA A 142 1.90 -19.62 -1.55
C ALA A 142 1.65 -20.66 -0.44
N THR A 143 0.65 -20.39 0.38
CA THR A 143 0.42 -21.16 1.59
C THR A 143 -0.71 -22.18 1.34
N VAL A 144 -1.39 -22.04 0.20
CA VAL A 144 -2.51 -22.90 -0.18
C VAL A 144 -2.03 -24.32 -0.45
N THR A 145 -2.79 -25.30 0.02
CA THR A 145 -2.51 -26.71 -0.22
C THR A 145 -3.82 -27.41 -0.59
N ASP A 146 -3.75 -28.72 -0.81
CA ASP A 146 -4.94 -29.52 -1.08
C ASP A 146 -5.95 -29.49 0.07
N ARG A 147 -5.49 -29.20 1.28
CA ARG A 147 -6.37 -29.19 2.44
C ARG A 147 -7.00 -27.81 2.72
N THR A 148 -6.65 -26.80 1.92
CA THR A 148 -7.18 -25.45 2.14
C THR A 148 -8.65 -25.40 1.78
N ARG A 149 -9.47 -25.02 2.76
CA ARG A 149 -10.92 -25.00 2.61
C ARG A 149 -11.53 -23.61 2.76
N LEU A 150 -10.78 -22.66 3.32
CA LEU A 150 -11.29 -21.32 3.57
C LEU A 150 -10.14 -20.34 3.71
N ILE A 151 -10.32 -19.16 3.15
CA ILE A 151 -9.38 -18.05 3.30
C ILE A 151 -10.15 -16.84 3.83
N PHE A 152 -9.60 -16.20 4.85
CA PHE A 152 -10.08 -14.91 5.31
C PHE A 152 -9.14 -13.78 4.86
N VAL A 153 -9.71 -12.82 4.15
CA VAL A 153 -9.01 -11.58 3.85
C VAL A 153 -9.72 -10.50 4.65
N CYS A 154 -9.06 -10.02 5.71
CA CYS A 154 -9.62 -8.97 6.56
C CYS A 154 -9.21 -7.57 6.04
N ASN A 155 -10.17 -6.79 5.56
CA ASN A 155 -9.88 -5.59 4.80
C ASN A 155 -10.92 -4.48 5.00
N PRO A 156 -10.58 -3.44 5.78
CA PRO A 156 -9.32 -3.21 6.51
C PRO A 156 -9.06 -4.26 7.58
N ASN A 157 -7.79 -4.45 7.90
CA ASN A 157 -7.39 -5.45 8.88
C ASN A 157 -7.58 -4.94 10.29
N ASN A 158 -8.09 -5.84 11.14
CA ASN A 158 -8.13 -5.66 12.58
C ASN A 158 -7.11 -6.65 13.16
N PRO A 159 -6.11 -6.16 13.90
CA PRO A 159 -5.91 -4.86 14.49
C PRO A 159 -4.96 -3.85 13.82
N THR A 160 -4.39 -4.17 12.65
CA THR A 160 -3.33 -3.30 12.10
C THR A 160 -3.82 -2.09 11.29
N SER A 161 -5.12 -2.10 10.94
CA SER A 161 -5.84 -0.96 10.36
C SER A 161 -5.69 -0.79 8.84
N THR A 162 -4.87 -1.63 8.21
CA THR A 162 -4.43 -1.39 6.85
C THR A 162 -5.29 -2.10 5.82
N VAL A 163 -5.11 -1.71 4.56
CA VAL A 163 -5.80 -2.36 3.45
C VAL A 163 -4.81 -2.84 2.40
N VAL A 164 -5.19 -3.89 1.68
CA VAL A 164 -4.50 -4.29 0.46
C VAL A 164 -4.95 -3.40 -0.69
N GLY A 165 -4.19 -3.40 -1.78
CA GLY A 165 -4.62 -2.69 -2.98
C GLY A 165 -5.85 -3.35 -3.59
N PRO A 166 -6.79 -2.54 -4.09
CA PRO A 166 -8.04 -3.09 -4.61
C PRO A 166 -7.89 -4.02 -5.82
N ASP A 167 -7.03 -3.64 -6.77
CA ASP A 167 -6.70 -4.55 -7.88
C ASP A 167 -5.86 -5.73 -7.40
N ALA A 168 -4.98 -5.53 -6.44
CA ALA A 168 -4.23 -6.66 -5.88
C ALA A 168 -5.20 -7.73 -5.36
N LEU A 169 -6.24 -7.30 -4.64
CA LEU A 169 -7.26 -8.21 -4.10
C LEU A 169 -7.93 -8.99 -5.23
N ALA A 170 -8.30 -8.29 -6.29
CA ALA A 170 -8.90 -8.92 -7.47
C ALA A 170 -7.97 -9.97 -8.08
N ARG A 171 -6.69 -9.65 -8.22
CA ARG A 171 -5.72 -10.61 -8.80
C ARG A 171 -5.58 -11.81 -7.88
N PHE A 172 -5.56 -11.56 -6.57
CA PHE A 172 -5.46 -12.63 -5.59
C PHE A 172 -6.64 -13.60 -5.72
N VAL A 173 -7.85 -13.06 -5.70
CA VAL A 173 -9.06 -13.86 -5.88
C VAL A 173 -8.96 -14.65 -7.20
N GLU A 174 -8.51 -13.99 -8.26
CA GLU A 174 -8.40 -14.66 -9.55
C GLU A 174 -7.42 -15.83 -9.47
N ALA A 175 -6.38 -15.68 -8.66
CA ALA A 175 -5.31 -16.69 -8.58
C ALA A 175 -5.65 -17.87 -7.69
N VAL A 176 -6.47 -17.66 -6.65
CA VAL A 176 -6.84 -18.76 -5.75
C VAL A 176 -7.66 -19.82 -6.50
N PRO A 177 -7.33 -21.11 -6.29
CA PRO A 177 -8.19 -22.13 -6.87
C PRO A 177 -9.68 -21.83 -6.62
N ALA A 178 -10.49 -21.92 -7.67
CA ALA A 178 -11.86 -21.39 -7.62
C ALA A 178 -12.85 -22.20 -6.79
N HIS A 179 -12.40 -23.28 -6.18
CA HIS A 179 -13.27 -24.11 -5.34
C HIS A 179 -13.09 -23.81 -3.83
N ILE A 180 -12.14 -22.93 -3.49
CA ILE A 180 -11.90 -22.58 -2.09
C ILE A 180 -12.71 -21.32 -1.75
N LEU A 181 -13.50 -21.36 -0.69
CA LEU A 181 -14.29 -20.20 -0.30
C LEU A 181 -13.35 -19.12 0.22
N ILE A 182 -13.54 -17.90 -0.27
CA ILE A 182 -12.77 -16.75 0.21
C ILE A 182 -13.74 -15.77 0.86
N ALA A 183 -13.51 -15.47 2.14
CA ALA A 183 -14.36 -14.54 2.84
C ALA A 183 -13.62 -13.21 3.02
N ILE A 184 -14.19 -12.15 2.45
CA ILE A 184 -13.64 -10.81 2.63
C ILE A 184 -14.42 -10.16 3.79
N ASP A 185 -13.72 -10.01 4.91
CA ASP A 185 -14.31 -9.48 6.14
C ASP A 185 -14.21 -7.96 6.07
N GLU A 186 -15.34 -7.32 5.82
CA GLU A 186 -15.37 -5.89 5.51
C GLU A 186 -15.99 -5.08 6.63
N ALA A 187 -15.65 -5.44 7.86
CA ALA A 187 -16.21 -4.78 9.03
C ALA A 187 -15.97 -3.26 9.02
N TYR A 188 -14.85 -2.81 8.46
CA TYR A 188 -14.54 -1.37 8.45
C TYR A 188 -14.55 -0.75 7.06
N VAL A 189 -15.25 -1.39 6.12
CA VAL A 189 -15.19 -0.96 4.72
C VAL A 189 -15.67 0.47 4.52
N GLU A 190 -16.62 0.92 5.34
CA GLU A 190 -17.22 2.25 5.20
C GLU A 190 -16.24 3.38 5.56
N TYR A 191 -15.09 3.04 6.15
CA TYR A 191 -14.08 4.02 6.51
C TYR A 191 -12.92 4.13 5.53
N ILE A 192 -12.92 3.31 4.48
CA ILE A 192 -11.84 3.35 3.50
C ILE A 192 -11.95 4.60 2.62
N ARG A 193 -10.82 5.24 2.40
CA ARG A 193 -10.71 6.40 1.53
C ARG A 193 -9.45 6.25 0.69
N ASP A 194 -8.95 7.36 0.15
CA ASP A 194 -7.70 7.38 -0.61
C ASP A 194 -7.74 6.47 -1.84
N GLY A 195 -8.94 6.27 -2.39
CA GLY A 195 -9.15 5.40 -3.55
C GLY A 195 -8.74 3.94 -3.36
N MET A 196 -8.86 3.45 -2.13
CA MET A 196 -8.37 2.09 -1.80
C MET A 196 -9.50 1.10 -1.61
N ARG A 197 -10.74 1.57 -1.71
CA ARG A 197 -11.88 0.68 -1.52
C ARG A 197 -12.02 -0.26 -2.70
N PRO A 198 -12.08 -1.58 -2.44
CA PRO A 198 -12.18 -2.56 -3.53
C PRO A 198 -13.60 -2.69 -4.08
N ASP A 199 -13.74 -3.30 -5.25
CA ASP A 199 -15.04 -3.58 -5.83
C ASP A 199 -15.61 -4.87 -5.22
N SER A 200 -15.96 -4.78 -3.94
CA SER A 200 -16.39 -5.95 -3.16
C SER A 200 -17.52 -6.72 -3.85
N LEU A 201 -18.58 -6.00 -4.21
CA LEU A 201 -19.75 -6.60 -4.87
C LEU A 201 -19.42 -7.11 -6.27
N GLY A 202 -18.60 -6.38 -7.01
CA GLY A 202 -18.10 -6.84 -8.31
C GLY A 202 -17.39 -8.18 -8.18
N LEU A 203 -16.61 -8.35 -7.12
CA LEU A 203 -15.93 -9.63 -6.87
C LEU A 203 -16.90 -10.79 -6.61
N VAL A 204 -17.93 -10.59 -5.79
CA VAL A 204 -18.86 -11.69 -5.57
C VAL A 204 -19.68 -11.96 -6.84
N ARG A 205 -19.99 -10.93 -7.62
CA ARG A 205 -20.69 -11.15 -8.91
C ARG A 205 -19.86 -11.99 -9.88
N ALA A 206 -18.55 -11.80 -9.87
CA ALA A 206 -17.65 -12.46 -10.84
C ALA A 206 -17.09 -13.79 -10.35
N HIS A 207 -17.20 -14.07 -9.06
CA HIS A 207 -16.61 -15.28 -8.48
C HIS A 207 -17.57 -15.98 -7.53
N ASN A 208 -17.95 -17.19 -7.87
CA ASN A 208 -18.85 -17.98 -7.04
C ASN A 208 -18.30 -18.29 -5.65
N ASN A 209 -16.96 -18.29 -5.51
CA ASN A 209 -16.34 -18.61 -4.24
C ASN A 209 -15.98 -17.41 -3.36
N VAL A 210 -16.50 -16.23 -3.68
CA VAL A 210 -16.26 -15.05 -2.84
C VAL A 210 -17.51 -14.72 -2.05
N VAL A 211 -17.33 -14.56 -0.74
CA VAL A 211 -18.40 -14.14 0.13
C VAL A 211 -17.87 -12.91 0.89
N VAL A 212 -18.71 -11.88 1.02
CA VAL A 212 -18.34 -10.64 1.74
C VAL A 212 -19.13 -10.54 3.04
N LEU A 213 -18.43 -10.23 4.14
CA LEU A 213 -19.05 -10.03 5.46
C LEU A 213 -19.09 -8.55 5.86
N ARG A 214 -20.26 -8.08 6.28
CA ARG A 214 -20.38 -6.72 6.80
C ARG A 214 -21.15 -6.71 8.12
N THR A 215 -21.20 -5.54 8.76
CA THR A 215 -21.74 -5.44 10.11
C THR A 215 -22.57 -4.16 10.27
N PHE A 216 -23.51 -4.21 11.22
CA PHE A 216 -24.23 -3.02 11.66
C PHE A 216 -23.59 -2.43 12.91
N SER A 217 -22.51 -3.06 13.39
CA SER A 217 -21.98 -2.72 14.72
C SER A 217 -21.24 -1.39 14.78
N LYS A 218 -20.65 -0.98 13.67
CA LYS A 218 -19.75 0.17 13.67
C LYS A 218 -20.35 1.41 13.03
N ALA A 219 -20.20 1.57 11.72
CA ALA A 219 -20.78 2.72 11.02
C ALA A 219 -22.28 2.83 11.24
N TYR A 220 -22.98 1.72 11.37
CA TYR A 220 -24.42 1.78 11.55
C TYR A 220 -24.84 1.83 13.01
N GLY A 221 -23.87 1.69 13.92
CA GLY A 221 -24.03 2.06 15.33
C GLY A 221 -24.89 1.15 16.16
N LEU A 222 -24.96 -0.13 15.79
CA LEU A 222 -25.82 -1.08 16.51
C LEU A 222 -25.02 -2.20 17.13
N ALA A 223 -23.83 -1.90 17.62
CA ALA A 223 -22.97 -2.94 18.24
C ALA A 223 -23.66 -3.71 19.36
N GLY A 224 -24.52 -3.03 20.12
CA GLY A 224 -25.21 -3.66 21.24
C GLY A 224 -26.24 -4.70 20.85
N LEU A 225 -26.74 -4.64 19.62
CA LEU A 225 -27.87 -5.46 19.17
C LEU A 225 -27.51 -6.66 18.27
N ARG A 226 -26.29 -6.68 17.76
CA ARG A 226 -25.70 -7.89 17.17
C ARG A 226 -26.30 -8.32 15.81
N ILE A 227 -25.99 -7.56 14.76
CA ILE A 227 -26.45 -7.90 13.41
C ILE A 227 -25.27 -7.77 12.44
N GLY A 228 -24.93 -8.89 11.79
CA GLY A 228 -23.96 -8.90 10.69
C GLY A 228 -24.61 -9.57 9.49
N TYR A 229 -24.02 -9.43 8.30
CA TYR A 229 -24.55 -10.12 7.11
C TYR A 229 -23.46 -10.55 6.17
N ALA A 230 -23.74 -11.58 5.40
CA ALA A 230 -22.84 -12.09 4.38
C ALA A 230 -23.50 -11.97 3.01
N ILE A 231 -22.73 -11.54 2.02
CA ILE A 231 -23.20 -11.44 0.65
C ILE A 231 -22.45 -12.46 -0.21
N GLY A 232 -23.16 -13.34 -0.91
CA GLY A 232 -22.50 -14.35 -1.74
C GLY A 232 -23.42 -15.14 -2.65
N HIS A 233 -22.87 -16.21 -3.22
CA HIS A 233 -23.59 -17.13 -4.10
C HIS A 233 -24.69 -17.87 -3.32
N PRO A 234 -25.84 -18.12 -3.97
CA PRO A 234 -26.99 -18.70 -3.26
C PRO A 234 -26.72 -20.01 -2.51
N ASP A 235 -25.88 -20.88 -3.08
CA ASP A 235 -25.52 -22.15 -2.43
C ASP A 235 -24.70 -21.90 -1.15
N VAL A 236 -23.82 -20.91 -1.18
CA VAL A 236 -23.03 -20.54 -0.01
C VAL A 236 -23.95 -19.99 1.09
N ILE A 237 -24.88 -19.10 0.70
CA ILE A 237 -25.84 -18.51 1.63
C ILE A 237 -26.73 -19.58 2.26
N THR A 238 -27.21 -20.51 1.44
CA THR A 238 -28.03 -21.63 1.90
C THR A 238 -27.27 -22.44 2.95
N ALA A 239 -25.99 -22.71 2.71
CA ALA A 239 -25.17 -23.46 3.67
C ALA A 239 -24.99 -22.73 5.00
N LEU A 240 -24.70 -21.43 4.93
CA LEU A 240 -24.59 -20.60 6.14
C LEU A 240 -25.87 -20.67 6.98
N ASP A 241 -27.02 -20.65 6.31
CA ASP A 241 -28.29 -20.72 7.00
C ASP A 241 -28.60 -22.10 7.55
N LYS A 242 -27.99 -23.13 6.98
CA LYS A 242 -28.12 -24.47 7.56
C LYS A 242 -27.46 -24.54 8.94
N VAL A 243 -26.31 -23.88 9.10
CA VAL A 243 -25.57 -23.91 10.36
C VAL A 243 -25.92 -22.77 11.31
N TYR A 244 -26.61 -21.76 10.78
CA TYR A 244 -27.16 -20.67 11.59
C TYR A 244 -27.85 -21.24 12.82
N VAL A 245 -27.47 -20.78 14.00
CA VAL A 245 -28.20 -21.16 15.21
C VAL A 245 -29.53 -20.41 15.15
N PRO A 246 -30.64 -21.16 15.13
CA PRO A 246 -31.94 -20.52 14.95
C PRO A 246 -32.23 -19.42 15.95
N PHE A 247 -32.84 -18.35 15.45
CA PHE A 247 -33.38 -17.27 16.27
C PHE A 247 -32.35 -16.36 16.93
N THR A 248 -31.07 -16.49 16.58
CA THR A 248 -30.03 -15.72 17.26
C THR A 248 -30.06 -14.25 16.89
N VAL A 249 -30.62 -13.91 15.73
CA VAL A 249 -30.84 -12.51 15.39
C VAL A 249 -32.20 -12.07 15.93
N SER A 250 -32.15 -11.27 16.99
CA SER A 250 -33.37 -10.86 17.72
C SER A 250 -34.32 -10.03 16.86
N SER A 251 -35.58 -9.91 17.29
CA SER A 251 -36.56 -9.12 16.55
C SER A 251 -36.24 -7.64 16.64
N ILE A 252 -35.76 -7.22 17.81
CA ILE A 252 -35.34 -5.85 18.01
C ILE A 252 -34.14 -5.55 17.11
N GLY A 253 -33.23 -6.52 17.00
CA GLY A 253 -32.08 -6.38 16.11
C GLY A 253 -32.48 -6.16 14.66
N GLN A 254 -33.41 -6.98 14.17
CA GLN A 254 -33.86 -6.88 12.80
C GLN A 254 -34.56 -5.53 12.56
N ALA A 255 -35.42 -5.14 13.49
CA ALA A 255 -36.14 -3.88 13.36
C ALA A 255 -35.18 -2.71 13.29
N ALA A 256 -34.21 -2.68 14.21
CA ALA A 256 -33.22 -1.63 14.25
C ALA A 256 -32.35 -1.63 12.99
N ALA A 257 -31.99 -2.80 12.49
CA ALA A 257 -31.20 -2.88 11.29
C ALA A 257 -31.96 -2.29 10.11
N ILE A 258 -33.24 -2.65 9.98
CA ILE A 258 -34.03 -2.16 8.84
C ILE A 258 -34.13 -0.64 8.89
N ALA A 259 -34.41 -0.09 10.06
CA ALA A 259 -34.50 1.36 10.23
C ALA A 259 -33.17 2.04 9.91
N SER A 260 -32.06 1.38 10.26
CA SER A 260 -30.74 1.92 9.98
C SER A 260 -30.38 1.97 8.48
N LEU A 261 -30.81 0.97 7.71
CA LEU A 261 -30.61 0.98 6.25
C LEU A 261 -31.39 2.12 5.61
N ASP A 262 -32.62 2.32 6.09
CA ASP A 262 -33.44 3.46 5.67
C ASP A 262 -32.78 4.81 5.94
N ALA A 263 -31.83 4.85 6.88
CA ALA A 263 -31.12 6.08 7.22
C ALA A 263 -29.63 6.00 6.88
N ALA A 264 -29.26 5.10 5.97
CA ALA A 264 -27.85 4.90 5.55
C ALA A 264 -27.14 6.17 5.11
N ASP A 265 -27.80 7.00 4.32
CA ASP A 265 -27.17 8.23 3.83
C ASP A 265 -26.66 9.10 4.98
N GLU A 266 -27.51 9.30 5.98
CA GLU A 266 -27.13 10.09 7.16
C GLU A 266 -26.03 9.40 7.97
N LEU A 267 -26.17 8.09 8.21
CA LEU A 267 -25.18 7.34 8.99
C LEU A 267 -23.82 7.21 8.30
N LEU A 268 -23.83 6.90 7.00
CA LEU A 268 -22.59 6.82 6.21
C LEU A 268 -21.89 8.19 6.14
N ALA A 269 -22.66 9.26 6.02
CA ALA A 269 -22.10 10.60 5.98
C ALA A 269 -21.27 10.92 7.21
N ARG A 270 -21.65 10.38 8.37
CA ARG A 270 -20.87 10.58 9.60
C ARG A 270 -19.46 9.99 9.57
N THR A 271 -19.21 9.04 8.66
CA THR A 271 -17.90 8.41 8.60
C THR A 271 -16.85 9.37 8.11
N ASP A 272 -17.28 10.40 7.39
CA ASP A 272 -16.35 11.43 6.92
C ASP A 272 -15.66 12.14 8.07
N THR A 273 -16.42 12.43 9.12
CA THR A 273 -15.91 13.11 10.31
CA THR A 273 -15.86 13.13 10.27
C THR A 273 -14.90 12.24 11.06
N VAL A 274 -15.17 10.93 11.10
CA VAL A 274 -14.25 10.01 11.75
C VAL A 274 -12.93 9.93 10.98
N VAL A 275 -13.01 9.89 9.64
CA VAL A 275 -11.82 9.84 8.79
C VAL A 275 -10.97 11.08 8.97
N ALA A 276 -11.61 12.23 9.13
CA ALA A 276 -10.86 13.47 9.31
C ALA A 276 -10.10 13.42 10.63
N GLU A 277 -10.77 12.97 11.69
CA GLU A 277 -10.14 12.83 13.00
C GLU A 277 -9.03 11.78 12.96
N ARG A 278 -9.23 10.71 12.19
CA ARG A 278 -8.21 9.66 12.06
C ARG A 278 -6.94 10.25 11.48
N ALA A 279 -7.09 11.07 10.43
CA ALA A 279 -5.96 11.74 9.81
C ALA A 279 -5.25 12.66 10.79
N ARG A 280 -6.03 13.35 11.61
CA ARG A 280 -5.46 14.28 12.60
C ARG A 280 -4.74 13.53 13.72
N VAL A 281 -5.39 12.54 14.30
CA VAL A 281 -4.77 11.68 15.32
C VAL A 281 -3.48 11.02 14.80
N SER A 282 -3.49 10.53 13.56
CA SER A 282 -2.30 9.90 12.99
C SER A 282 -1.17 10.90 12.84
N ALA A 283 -1.48 12.09 12.33
CA ALA A 283 -0.48 13.13 12.11
C ALA A 283 0.18 13.56 13.43
N GLU A 284 -0.63 13.70 14.48
CA GLU A 284 -0.14 14.19 15.76
C GLU A 284 0.69 13.12 16.47
N LEU A 285 0.26 11.86 16.38
CA LEU A 285 1.08 10.76 16.87
C LEU A 285 2.43 10.71 16.17
N ARG A 286 2.44 10.81 14.83
CA ARG A 286 3.71 10.76 14.10
C ARG A 286 4.60 11.97 14.41
N ALA A 287 3.98 13.14 14.60
CA ALA A 287 4.71 14.35 15.02
C ALA A 287 5.37 14.17 16.40
N ALA A 288 4.74 13.38 17.26
CA ALA A 288 5.27 13.12 18.60
C ALA A 288 6.26 11.97 18.63
N GLY A 289 6.54 11.37 17.47
CA GLY A 289 7.59 10.36 17.35
C GLY A 289 7.09 8.92 17.27
N PHE A 290 5.78 8.71 17.37
CA PHE A 290 5.24 7.36 17.21
C PHE A 290 5.34 6.88 15.76
N THR A 291 5.46 5.56 15.59
CA THR A 291 5.37 4.95 14.28
C THR A 291 4.02 4.23 14.18
N LEU A 292 3.34 4.37 13.05
CA LEU A 292 2.10 3.66 12.82
C LEU A 292 1.85 3.58 11.31
N PRO A 293 1.22 2.49 10.85
CA PRO A 293 0.89 2.38 9.43
C PRO A 293 -0.30 3.26 9.02
N PRO A 294 -0.54 3.41 7.71
CA PRO A 294 -1.70 4.20 7.28
C PRO A 294 -3.01 3.44 7.49
N SER A 295 -3.88 4.05 8.30
CA SER A 295 -5.14 3.44 8.67
C SER A 295 -6.22 3.74 7.65
N GLN A 296 -7.00 2.72 7.32
CA GLN A 296 -8.22 2.90 6.51
C GLN A 296 -9.48 2.44 7.24
N ALA A 297 -9.41 2.39 8.58
CA ALA A 297 -10.53 1.95 9.41
C ALA A 297 -10.91 3.07 10.39
N ASN A 298 -11.49 2.75 11.54
CA ASN A 298 -11.84 3.75 12.56
C ASN A 298 -10.98 3.62 13.82
N PHE A 299 -9.75 3.19 13.63
CA PHE A 299 -8.76 3.03 14.71
C PHE A 299 -7.38 3.11 14.08
N VAL A 300 -6.35 3.32 14.91
CA VAL A 300 -4.98 3.22 14.46
C VAL A 300 -4.26 2.11 15.24
N TRP A 301 -3.11 1.72 14.72
CA TRP A 301 -2.32 0.63 15.25
C TRP A 301 -0.95 1.15 15.65
N LEU A 302 -0.58 0.93 16.91
CA LEU A 302 0.70 1.36 17.45
C LEU A 302 1.53 0.14 17.79
N PRO A 303 2.50 -0.20 16.90
CA PRO A 303 3.33 -1.37 17.15
C PRO A 303 4.39 -1.11 18.21
N LEU A 304 3.99 -1.10 19.47
CA LEU A 304 4.87 -0.73 20.57
C LEU A 304 5.70 -1.87 21.17
N GLY A 305 5.53 -3.08 20.66
CA GLY A 305 6.30 -4.22 21.12
C GLY A 305 6.17 -4.55 22.61
N SER A 306 7.31 -4.70 23.28
CA SER A 306 7.36 -5.04 24.70
C SER A 306 6.85 -3.92 25.61
N ARG A 307 6.68 -2.73 25.06
CA ARG A 307 6.12 -1.60 25.82
C ARG A 307 4.60 -1.53 25.78
N THR A 308 3.98 -2.47 25.05
CA THR A 308 2.53 -2.51 24.90
C THR A 308 1.78 -2.52 26.25
N GLN A 309 2.13 -3.47 27.11
CA GLN A 309 1.47 -3.60 28.42
C GLN A 309 1.51 -2.30 29.21
N ASP A 310 2.69 -1.69 29.24
CA ASP A 310 2.90 -0.46 30.01
C ASP A 310 2.08 0.72 29.46
N PHE A 311 2.07 0.86 28.14
CA PHE A 311 1.28 1.88 27.48
C PHE A 311 -0.17 1.78 27.92
N VAL A 312 -0.72 0.57 27.84
CA VAL A 312 -2.12 0.31 28.13
C VAL A 312 -2.46 0.46 29.62
N GLU A 313 -1.56 0.00 30.49
CA GLU A 313 -1.72 0.19 31.93
C GLU A 313 -1.74 1.68 32.28
N GLN A 314 -0.78 2.43 31.75
CA GLN A 314 -0.71 3.85 32.04
C GLN A 314 -1.89 4.61 31.43
N ALA A 315 -2.33 4.22 30.25
CA ALA A 315 -3.55 4.81 29.67
C ALA A 315 -4.72 4.65 30.63
N ALA A 316 -4.89 3.43 31.14
CA ALA A 316 -5.93 3.12 32.12
C ALA A 316 -5.82 4.00 33.38
N ASP A 317 -4.59 4.28 33.84
CA ASP A 317 -4.36 5.25 34.94
C ASP A 317 -4.89 6.64 34.58
N ALA A 318 -4.81 6.99 33.30
CA ALA A 318 -5.36 8.26 32.81
C ALA A 318 -6.84 8.14 32.39
N ARG A 319 -7.50 7.06 32.82
CA ARG A 319 -8.90 6.81 32.53
C ARG A 319 -9.17 6.70 31.02
N ILE A 320 -8.25 6.02 30.33
CA ILE A 320 -8.38 5.77 28.90
C ILE A 320 -8.19 4.29 28.67
N VAL A 321 -9.13 3.67 27.96
CA VAL A 321 -9.04 2.26 27.66
C VAL A 321 -8.67 2.05 26.19
N VAL A 322 -7.52 1.41 25.98
CA VAL A 322 -7.10 1.00 24.64
C VAL A 322 -6.82 -0.51 24.67
N ARG A 323 -6.72 -1.15 23.51
CA ARG A 323 -6.69 -2.61 23.47
C ARG A 323 -5.30 -3.13 23.17
N PRO A 324 -4.73 -3.93 24.09
CA PRO A 324 -3.40 -4.51 23.87
C PRO A 324 -3.48 -5.82 23.12
N TYR A 325 -2.45 -6.10 22.32
CA TYR A 325 -2.29 -7.39 21.65
C TYR A 325 -0.90 -7.96 21.96
N GLY A 326 -0.84 -8.80 22.99
CA GLY A 326 0.39 -9.46 23.43
C GLY A 326 1.55 -8.51 23.65
N THR A 327 2.65 -8.74 22.93
CA THR A 327 3.76 -7.79 22.92
C THR A 327 3.98 -7.27 21.50
N ASP A 328 2.92 -7.27 20.70
CA ASP A 328 2.94 -6.74 19.33
C ASP A 328 2.62 -5.25 19.29
N GLY A 329 1.48 -4.86 19.85
CA GLY A 329 1.04 -3.46 19.72
C GLY A 329 -0.29 -3.12 20.36
N VAL A 330 -0.69 -1.85 20.20
CA VAL A 330 -1.93 -1.35 20.79
C VAL A 330 -2.87 -0.79 19.71
N ARG A 331 -4.13 -1.17 19.78
CA ARG A 331 -5.13 -0.70 18.84
C ARG A 331 -5.93 0.38 19.56
N VAL A 332 -5.95 1.57 18.97
CA VAL A 332 -6.65 2.73 19.52
C VAL A 332 -7.77 3.22 18.58
N THR A 333 -8.99 3.19 19.08
CA THR A 333 -10.16 3.64 18.35
C THR A 333 -10.16 5.17 18.21
N VAL A 334 -10.63 5.66 17.08
CA VAL A 334 -10.75 7.08 16.81
C VAL A 334 -12.16 7.48 17.16
N ALA A 335 -12.33 8.39 18.11
CA ALA A 335 -13.67 8.73 18.62
C ALA A 335 -13.93 10.24 18.50
N ALA A 336 -14.59 10.82 19.50
CA ALA A 336 -14.94 12.25 19.43
C ALA A 336 -13.69 13.08 19.57
N PRO A 337 -13.71 14.32 19.06
CA PRO A 337 -12.52 15.16 19.10
C PRO A 337 -11.94 15.39 20.51
N GLU A 338 -12.79 15.63 21.50
CA GLU A 338 -12.30 15.90 22.87
C GLU A 338 -11.65 14.64 23.43
N GLU A 339 -12.19 13.48 23.04
CA GLU A 339 -11.70 12.20 23.50
C GLU A 339 -10.35 11.89 22.84
N ASN A 340 -10.24 12.18 21.55
CA ASN A 340 -8.98 11.97 20.83
C ASN A 340 -7.88 12.88 21.38
N ASP A 341 -8.24 14.11 21.72
CA ASP A 341 -7.26 15.05 22.30
C ASP A 341 -6.76 14.57 23.65
N ALA A 342 -7.65 14.02 24.46
CA ALA A 342 -7.27 13.44 25.72
C ALA A 342 -6.31 12.29 25.50
N PHE A 343 -6.59 11.41 24.55
CA PHE A 343 -5.66 10.34 24.23
C PHE A 343 -4.33 10.91 23.79
N LEU A 344 -4.36 11.96 22.96
CA LEU A 344 -3.13 12.55 22.44
C LEU A 344 -2.28 13.16 23.56
N ARG A 345 -2.90 13.85 24.51
CA ARG A 345 -2.16 14.39 25.65
CA ARG A 345 -2.16 14.39 25.65
C ARG A 345 -1.50 13.26 26.43
N PHE A 346 -2.22 12.16 26.62
CA PHE A 346 -1.62 11.02 27.31
C PHE A 346 -0.43 10.48 26.53
N ALA A 347 -0.62 10.27 25.22
CA ALA A 347 0.41 9.67 24.37
C ALA A 347 1.70 10.47 24.35
N ARG A 348 1.58 11.80 24.23
CA ARG A 348 2.75 12.68 24.21
C ARG A 348 3.51 12.64 25.53
N ARG A 349 2.78 12.66 26.64
CA ARG A 349 3.41 12.60 27.95
C ARG A 349 4.11 11.26 28.12
N TRP A 350 3.43 10.17 27.79
CA TRP A 350 3.99 8.84 27.93
C TRP A 350 5.26 8.73 27.10
N ARG A 351 5.19 9.21 25.86
CA ARG A 351 6.35 9.20 24.97
C ARG A 351 7.55 9.92 25.59
N SER A 352 7.36 11.18 25.97
CA SER A 352 8.44 11.97 26.59
C SER A 352 9.09 11.21 27.75
N ASP A 353 8.27 10.58 28.59
CA ASP A 353 8.77 9.82 29.73
C ASP A 353 9.61 8.59 29.35
N GLN A 354 9.41 8.05 28.14
CA GLN A 354 10.23 6.92 27.67
C GLN A 354 11.58 7.47 27.20
N VAL B 2 24.45 8.75 -50.19
CA VAL B 2 25.09 8.23 -48.95
C VAL B 2 24.88 9.21 -47.80
N THR B 3 24.48 8.67 -46.65
CA THR B 3 24.40 9.43 -45.42
C THR B 3 25.34 8.79 -44.41
N ALA B 4 25.69 9.52 -43.35
CA ALA B 4 26.54 8.96 -42.30
C ALA B 4 25.75 7.85 -41.63
N ARG B 5 26.41 6.73 -41.42
CA ARG B 5 25.79 5.55 -40.85
C ARG B 5 25.77 5.65 -39.33
N LEU B 6 24.58 5.77 -38.76
CA LEU B 6 24.38 5.82 -37.32
C LEU B 6 23.87 4.46 -36.79
N ARG B 7 23.86 4.31 -35.47
CA ARG B 7 23.48 3.03 -34.86
C ARG B 7 22.04 2.67 -35.19
N PRO B 8 21.81 1.43 -35.68
CA PRO B 8 20.41 1.03 -35.94
C PRO B 8 19.52 1.14 -34.71
N GLU B 9 20.11 1.01 -33.52
CA GLU B 9 19.38 1.10 -32.25
C GLU B 9 18.66 2.43 -32.02
N LEU B 10 19.08 3.49 -32.69
CA LEU B 10 18.45 4.80 -32.54
C LEU B 10 17.06 4.86 -33.16
N ALA B 11 16.84 4.01 -34.17
CA ALA B 11 15.65 4.08 -35.02
C ALA B 11 14.36 4.15 -34.22
N GLY B 12 14.14 3.13 -33.40
CA GLY B 12 13.00 3.11 -32.50
C GLY B 12 13.47 3.48 -31.11
N LEU B 13 13.87 4.73 -30.94
CA LEU B 13 14.33 5.21 -29.66
C LEU B 13 13.35 6.23 -29.09
N PRO B 14 12.75 5.91 -27.92
CA PRO B 14 11.91 6.84 -27.18
C PRO B 14 12.66 8.13 -26.86
N VAL B 15 12.08 9.27 -27.18
CA VAL B 15 12.72 10.57 -26.95
C VAL B 15 11.87 11.41 -26.01
N TYR B 16 12.45 11.84 -24.89
CA TYR B 16 11.72 12.70 -23.97
C TYR B 16 11.18 13.90 -24.75
N VAL B 17 9.86 13.93 -24.94
CA VAL B 17 9.19 15.06 -25.55
C VAL B 17 8.71 15.98 -24.42
N PRO B 18 9.33 17.16 -24.28
CA PRO B 18 8.69 18.12 -23.37
C PRO B 18 7.31 18.48 -23.90
N GLY B 19 6.33 18.57 -23.00
CA GLY B 19 4.93 18.79 -23.40
C GLY B 19 4.72 19.84 -24.47
N LYS B 20 4.66 21.10 -24.05
CA LYS B 20 4.46 22.24 -24.95
C LYS B 20 4.30 23.51 -24.12
N THR B 21 5.05 24.55 -24.49
CA THR B 21 4.91 25.85 -23.83
C THR B 21 3.63 26.57 -24.26
N VAL B 22 2.88 27.05 -23.27
CA VAL B 22 1.72 27.89 -23.48
C VAL B 22 1.97 29.15 -22.66
N PRO B 23 2.26 30.29 -23.33
CA PRO B 23 2.72 31.49 -22.62
C PRO B 23 1.78 31.95 -21.52
N GLY B 24 2.32 32.11 -20.32
CA GLY B 24 1.58 32.59 -19.16
C GLY B 24 0.74 31.53 -18.47
N ALA B 25 0.78 30.30 -18.96
CA ALA B 25 -0.08 29.25 -18.41
C ALA B 25 0.39 28.78 -17.04
N ILE B 26 -0.53 28.21 -16.27
CA ILE B 26 -0.20 27.59 -15.00
C ILE B 26 0.59 26.31 -15.27
N LYS B 27 1.74 26.21 -14.63
CA LYS B 27 2.72 25.17 -14.95
C LYS B 27 2.57 23.98 -14.00
N LEU B 28 1.72 23.03 -14.38
CA LEU B 28 1.48 21.83 -13.57
C LEU B 28 1.98 20.55 -14.25
N ALA B 29 3.01 20.67 -15.09
CA ALA B 29 3.46 19.54 -15.90
C ALA B 29 4.89 19.09 -15.66
N SER B 30 5.59 19.70 -14.70
CA SER B 30 7.01 19.40 -14.50
C SER B 30 7.44 19.21 -13.07
N ASN B 31 6.48 19.02 -12.17
CA ASN B 31 6.77 18.75 -10.77
C ASN B 31 7.68 19.78 -10.10
N GLU B 32 7.58 21.03 -10.54
CA GLU B 32 8.37 22.11 -9.95
C GLU B 32 7.70 22.68 -8.70
N THR B 33 8.51 23.15 -7.76
CA THR B 33 8.01 23.94 -6.64
C THR B 33 7.95 25.42 -7.10
N VAL B 34 7.20 26.26 -6.39
CA VAL B 34 6.78 27.56 -6.95
C VAL B 34 7.62 28.77 -6.52
N PHE B 35 8.55 28.59 -5.60
CA PHE B 35 9.25 29.73 -5.03
C PHE B 35 10.62 29.98 -5.65
N GLY B 36 10.90 31.25 -5.92
CA GLY B 36 12.23 31.67 -6.35
C GLY B 36 13.24 31.45 -5.25
N PRO B 37 14.52 31.66 -5.54
CA PRO B 37 15.58 31.27 -4.63
C PRO B 37 15.62 32.10 -3.35
N LEU B 38 15.99 31.46 -2.25
CA LEU B 38 16.22 32.20 -1.00
C LEU B 38 17.33 33.24 -1.18
N PRO B 39 17.29 34.34 -0.39
CA PRO B 39 18.32 35.37 -0.51
C PRO B 39 19.74 34.81 -0.38
N SER B 40 19.95 33.88 0.55
CA SER B 40 21.27 33.27 0.71
C SER B 40 21.65 32.41 -0.51
N VAL B 41 20.67 31.83 -1.17
CA VAL B 41 20.94 31.05 -2.38
C VAL B 41 21.29 32.00 -3.54
N ARG B 42 20.54 33.10 -3.66
CA ARG B 42 20.84 34.07 -4.72
CA ARG B 42 20.80 34.10 -4.69
C ARG B 42 22.22 34.67 -4.52
N ALA B 43 22.60 34.92 -3.27
CA ALA B 43 23.92 35.48 -2.97
C ALA B 43 25.07 34.54 -3.35
N ALA B 44 24.88 33.24 -3.12
CA ALA B 44 25.90 32.26 -3.52
C ALA B 44 26.05 32.26 -5.03
N ILE B 45 24.93 32.32 -5.74
CA ILE B 45 24.90 32.32 -7.21
C ILE B 45 25.59 33.59 -7.72
N ASP B 46 25.21 34.72 -7.15
CA ASP B 46 25.78 36.02 -7.49
C ASP B 46 27.31 35.98 -7.37
N ARG B 47 27.81 35.50 -6.23
CA ARG B 47 29.24 35.43 -6.00
C ARG B 47 29.94 34.48 -6.98
N ALA B 48 29.34 33.32 -7.24
CA ALA B 48 29.95 32.36 -8.17
C ALA B 48 29.92 32.87 -9.61
N THR B 49 29.07 33.86 -9.89
CA THR B 49 28.97 34.46 -11.23
C THR B 49 30.24 35.23 -11.62
N ASP B 50 30.98 35.73 -10.64
CA ASP B 50 32.24 36.45 -10.88
C ASP B 50 33.26 35.65 -11.68
N THR B 51 33.27 34.32 -11.52
CA THR B 51 34.31 33.50 -12.15
C THR B 51 33.75 32.51 -13.18
N VAL B 52 32.70 32.92 -13.87
CA VAL B 52 32.08 32.16 -14.96
C VAL B 52 33.09 31.79 -16.05
N ASN B 53 34.20 32.50 -16.11
CA ASN B 53 35.26 32.19 -17.07
C ASN B 53 36.17 31.04 -16.64
N ARG B 54 35.97 30.54 -15.41
CA ARG B 54 36.74 29.42 -14.87
C ARG B 54 35.92 28.13 -14.84
N TYR B 55 36.55 27.01 -15.18
CA TYR B 55 35.88 25.71 -15.09
C TYR B 55 35.43 25.43 -13.66
N PRO B 56 34.32 24.70 -13.48
CA PRO B 56 33.97 24.30 -12.12
C PRO B 56 34.98 23.31 -11.54
N ASP B 57 34.88 23.07 -10.24
CA ASP B 57 35.59 21.98 -9.59
C ASP B 57 34.98 20.69 -10.13
N ASN B 58 35.78 19.91 -10.86
CA ASN B 58 35.32 18.64 -11.43
C ASN B 58 34.92 17.61 -10.36
N GLY B 59 35.52 17.75 -9.18
CA GLY B 59 35.27 16.82 -8.09
C GLY B 59 34.18 17.25 -7.13
N CYS B 60 33.65 18.46 -7.32
CA CYS B 60 32.58 18.96 -6.44
C CYS B 60 32.93 18.75 -4.97
N VAL B 61 34.16 19.05 -4.60
CA VAL B 61 34.68 18.69 -3.27
C VAL B 61 33.87 19.28 -2.11
N GLN B 62 33.62 20.58 -2.15
CA GLN B 62 32.93 21.22 -1.03
C GLN B 62 31.47 20.81 -0.98
N LEU B 63 30.85 20.56 -2.13
CA LEU B 63 29.46 20.14 -2.15
C LEU B 63 29.32 18.73 -1.56
N LYS B 64 30.24 17.85 -1.91
CA LYS B 64 30.25 16.49 -1.38
C LYS B 64 30.46 16.48 0.13
N ALA B 65 31.34 17.34 0.61
CA ALA B 65 31.60 17.41 2.03
C ALA B 65 30.34 17.87 2.73
N ALA B 66 29.64 18.82 2.11
CA ALA B 66 28.36 19.30 2.63
C ALA B 66 27.30 18.21 2.62
N LEU B 67 27.25 17.42 1.55
CA LEU B 67 26.28 16.35 1.46
C LEU B 67 26.54 15.31 2.56
N ALA B 68 27.81 14.94 2.74
CA ALA B 68 28.19 13.95 3.73
C ALA B 68 27.79 14.40 5.14
N ARG B 69 28.01 15.68 5.45
CA ARG B 69 27.56 16.26 6.72
C ARG B 69 26.04 16.16 6.87
N HIS B 70 25.32 16.50 5.81
CA HIS B 70 23.85 16.48 5.81
C HIS B 70 23.31 15.04 6.01
N LEU B 71 24.00 14.05 5.44
CA LEU B 71 23.56 12.66 5.51
C LEU B 71 23.82 12.03 6.89
N GLY B 72 24.86 12.48 7.58
CA GLY B 72 25.12 12.03 8.94
C GLY B 72 26.48 11.40 9.16
N PRO B 73 26.78 11.05 10.43
CA PRO B 73 28.12 10.61 10.84
C PRO B 73 28.64 9.36 10.15
N ASP B 74 27.75 8.52 9.64
CA ASP B 74 28.16 7.29 8.97
C ASP B 74 28.56 7.52 7.51
N PHE B 75 28.38 8.74 7.03
CA PHE B 75 28.64 9.04 5.63
C PHE B 75 29.78 10.03 5.46
N ALA B 76 30.66 9.73 4.52
CA ALA B 76 31.77 10.59 4.15
C ALA B 76 31.64 10.98 2.68
N PRO B 77 32.49 11.91 2.22
CA PRO B 77 32.48 12.31 0.81
C PRO B 77 32.62 11.13 -0.18
N GLU B 78 33.28 10.05 0.25
CA GLU B 78 33.51 8.87 -0.60
C GLU B 78 32.26 8.06 -0.90
N HIS B 79 31.19 8.31 -0.15
CA HIS B 79 29.91 7.66 -0.38
C HIS B 79 28.99 8.49 -1.29
N VAL B 80 29.49 9.61 -1.81
CA VAL B 80 28.65 10.53 -2.56
C VAL B 80 29.21 10.83 -3.95
N ALA B 81 28.35 10.69 -4.96
CA ALA B 81 28.63 11.11 -6.32
C ALA B 81 27.64 12.20 -6.67
N VAL B 82 28.10 13.16 -7.47
CA VAL B 82 27.25 14.29 -7.89
C VAL B 82 27.10 14.25 -9.41
N GLY B 83 25.92 14.63 -9.89
CA GLY B 83 25.60 14.60 -11.32
C GLY B 83 24.82 15.82 -11.77
N CYS B 84 24.81 16.03 -13.07
CA CYS B 84 24.11 17.17 -13.68
C CYS B 84 22.65 16.79 -13.82
N GLY B 85 21.94 16.95 -12.71
CA GLY B 85 20.63 16.37 -12.51
C GLY B 85 20.79 14.90 -12.15
N SER B 86 19.84 14.38 -11.39
CA SER B 86 19.82 12.92 -11.17
C SER B 86 19.53 12.16 -12.48
N VAL B 87 19.00 12.85 -13.49
CA VAL B 87 18.84 12.22 -14.82
C VAL B 87 20.18 11.78 -15.42
N SER B 88 21.25 12.53 -15.13
CA SER B 88 22.57 12.16 -15.61
C SER B 88 23.02 10.93 -14.85
N LEU B 89 22.74 10.93 -13.55
CA LEU B 89 23.12 9.81 -12.70
C LEU B 89 22.41 8.52 -13.12
N CYS B 90 21.17 8.63 -13.59
CA CYS B 90 20.45 7.48 -14.15
C CYS B 90 21.21 6.86 -15.31
N GLN B 91 21.71 7.68 -16.24
CA GLN B 91 22.51 7.19 -17.36
C GLN B 91 23.85 6.61 -16.88
N GLN B 92 24.48 7.26 -15.91
CA GLN B 92 25.73 6.77 -15.35
C GLN B 92 25.57 5.39 -14.70
N LEU B 93 24.42 5.14 -14.09
CA LEU B 93 24.16 3.84 -13.51
C LEU B 93 24.15 2.74 -14.57
N VAL B 94 23.50 3.02 -15.70
CA VAL B 94 23.46 2.07 -16.81
C VAL B 94 24.86 1.85 -17.35
N GLN B 95 25.61 2.94 -17.51
CA GLN B 95 26.96 2.88 -18.04
C GLN B 95 27.96 2.12 -17.18
N VAL B 96 27.76 2.08 -15.87
CA VAL B 96 28.68 1.29 -15.02
C VAL B 96 28.28 -0.19 -14.91
N THR B 97 27.08 -0.53 -15.36
CA THR B 97 26.52 -1.85 -15.10
C THR B 97 26.21 -2.69 -16.34
N ALA B 98 25.69 -2.06 -17.39
CA ALA B 98 25.05 -2.80 -18.47
C ALA B 98 25.63 -2.50 -19.85
N SER B 99 25.67 -3.52 -20.70
CA SER B 99 26.07 -3.37 -22.09
C SER B 99 25.22 -4.29 -22.97
N VAL B 100 25.71 -4.61 -24.17
CA VAL B 100 24.95 -5.40 -25.12
C VAL B 100 24.45 -6.72 -24.52
N GLY B 101 23.15 -6.96 -24.62
CA GLY B 101 22.57 -8.21 -24.12
C GLY B 101 22.21 -8.22 -22.65
N ASP B 102 22.72 -7.25 -21.88
CA ASP B 102 22.40 -7.18 -20.47
C ASP B 102 20.97 -6.66 -20.29
N GLU B 103 20.39 -6.94 -19.13
CA GLU B 103 19.02 -6.58 -18.85
C GLU B 103 18.96 -5.60 -17.70
N VAL B 104 18.00 -4.69 -17.78
CA VAL B 104 17.79 -3.71 -16.75
C VAL B 104 16.33 -3.76 -16.42
N VAL B 105 16.03 -4.01 -15.15
CA VAL B 105 14.67 -4.25 -14.69
C VAL B 105 14.10 -3.02 -14.01
N PHE B 106 12.86 -2.69 -14.37
CA PHE B 106 12.11 -1.64 -13.68
C PHE B 106 10.60 -1.76 -13.89
N GLY B 107 9.83 -1.24 -12.95
CA GLY B 107 8.39 -1.18 -13.10
C GLY B 107 8.01 -0.23 -14.24
N TRP B 108 6.84 -0.43 -14.80
CA TRP B 108 6.39 0.34 -15.95
C TRP B 108 4.87 0.47 -15.96
N ARG B 109 4.32 1.68 -16.08
CA ARG B 109 5.06 2.92 -16.34
C ARG B 109 5.88 3.44 -15.16
N SER B 110 7.03 4.00 -15.48
CA SER B 110 7.90 4.65 -14.51
C SER B 110 8.65 5.78 -15.24
N PHE B 111 9.81 6.18 -14.72
CA PHE B 111 10.54 7.31 -15.27
C PHE B 111 10.83 7.12 -16.77
N GLU B 112 10.33 8.07 -17.56
CA GLU B 112 10.30 7.91 -19.01
C GLU B 112 11.69 7.78 -19.59
N LEU B 113 12.72 8.16 -18.84
CA LEU B 113 14.08 8.08 -19.33
C LEU B 113 14.80 6.76 -19.11
N TYR B 114 14.23 5.83 -18.34
CA TYR B 114 14.92 4.57 -18.12
C TYR B 114 15.05 3.76 -19.43
N PRO B 115 13.96 3.66 -20.22
CA PRO B 115 14.05 2.87 -21.45
C PRO B 115 15.06 3.34 -22.50
N PRO B 116 15.02 4.64 -22.90
CA PRO B 116 16.04 5.08 -23.87
C PRO B 116 17.47 5.00 -23.35
N GLN B 117 17.67 5.33 -22.08
CA GLN B 117 19.02 5.29 -21.52
C GLN B 117 19.57 3.86 -21.55
N VAL B 118 18.70 2.88 -21.27
CA VAL B 118 19.08 1.46 -21.32
C VAL B 118 19.38 1.03 -22.75
N ARG B 119 18.52 1.46 -23.67
CA ARG B 119 18.68 1.15 -25.09
C ARG B 119 19.94 1.78 -25.72
N VAL B 120 20.33 2.95 -25.24
CA VAL B 120 21.55 3.59 -25.74
C VAL B 120 22.78 2.78 -25.35
N ALA B 121 22.72 2.10 -24.22
CA ALA B 121 23.82 1.29 -23.75
C ALA B 121 23.91 -0.02 -24.54
N GLY B 122 22.86 -0.31 -25.28
CA GLY B 122 22.75 -1.56 -26.03
C GLY B 122 22.11 -2.65 -25.19
N ALA B 123 21.58 -2.25 -24.05
CA ALA B 123 21.00 -3.22 -23.11
C ALA B 123 19.50 -3.34 -23.33
N ILE B 124 18.89 -4.28 -22.61
CA ILE B 124 17.51 -4.70 -22.84
C ILE B 124 16.66 -4.28 -21.64
N PRO B 125 15.69 -3.36 -21.85
CA PRO B 125 14.80 -2.93 -20.77
C PRO B 125 13.74 -3.98 -20.44
N ILE B 126 13.69 -4.40 -19.18
CA ILE B 126 12.67 -5.37 -18.76
C ILE B 126 11.63 -4.60 -17.97
N GLN B 127 10.48 -4.37 -18.61
CA GLN B 127 9.46 -3.48 -18.09
C GLN B 127 8.33 -4.27 -17.44
N VAL B 128 8.29 -4.23 -16.12
CA VAL B 128 7.38 -5.05 -15.33
C VAL B 128 6.11 -4.27 -14.98
N PRO B 129 4.95 -4.82 -15.36
CA PRO B 129 3.68 -4.15 -15.12
C PRO B 129 3.45 -3.82 -13.65
N LEU B 130 2.69 -2.75 -13.43
CA LEU B 130 2.33 -2.29 -12.08
C LEU B 130 1.04 -2.95 -11.66
N THR B 131 0.82 -2.99 -10.36
CA THR B 131 -0.46 -3.38 -9.80
CA THR B 131 -0.47 -3.37 -9.81
C THR B 131 -0.90 -2.26 -8.85
N ASP B 132 -2.13 -1.79 -9.01
CA ASP B 132 -2.62 -0.63 -8.25
C ASP B 132 -1.72 0.58 -8.46
N HIS B 133 -1.21 0.72 -9.69
CA HIS B 133 -0.34 1.84 -10.07
C HIS B 133 0.90 1.89 -9.20
N THR B 134 1.32 0.72 -8.74
CA THR B 134 2.42 0.64 -7.78
C THR B 134 3.40 -0.40 -8.25
N PHE B 135 4.68 -0.16 -8.00
CA PHE B 135 5.73 -1.13 -8.32
C PHE B 135 5.36 -2.46 -7.67
N ASP B 136 5.46 -3.54 -8.44
CA ASP B 136 5.18 -4.89 -7.94
C ASP B 136 6.51 -5.59 -7.75
N LEU B 137 7.00 -5.58 -6.52
CA LEU B 137 8.33 -6.07 -6.21
C LEU B 137 8.48 -7.59 -6.38
N TYR B 138 7.45 -8.35 -6.02
CA TYR B 138 7.45 -9.79 -6.29
C TYR B 138 7.57 -10.07 -7.78
N ALA B 139 6.79 -9.35 -8.59
CA ALA B 139 6.82 -9.52 -10.04
C ALA B 139 8.19 -9.11 -10.63
N MET B 140 8.80 -8.09 -10.04
CA MET B 140 10.08 -7.60 -10.50
C MET B 140 11.16 -8.62 -10.18
N LEU B 141 11.17 -9.12 -8.95
CA LEU B 141 12.08 -10.20 -8.57
C LEU B 141 11.99 -11.40 -9.50
N ALA B 142 10.77 -11.83 -9.81
CA ALA B 142 10.52 -12.97 -10.71
C ALA B 142 11.09 -12.77 -12.13
N THR B 143 11.57 -11.56 -12.40
CA THR B 143 12.01 -11.17 -13.71
C THR B 143 13.55 -11.22 -13.84
N VAL B 144 14.22 -11.41 -12.72
CA VAL B 144 15.67 -11.41 -12.67
C VAL B 144 16.25 -12.67 -13.30
N THR B 145 17.36 -12.52 -14.01
CA THR B 145 18.07 -13.62 -14.68
C THR B 145 19.57 -13.48 -14.47
N ASP B 146 20.35 -14.32 -15.16
CA ASP B 146 21.81 -14.20 -15.13
C ASP B 146 22.29 -12.95 -15.84
N ARG B 147 21.44 -12.34 -16.66
CA ARG B 147 21.82 -11.14 -17.43
C ARG B 147 21.37 -9.83 -16.79
N THR B 148 20.76 -9.89 -15.61
CA THR B 148 20.31 -8.67 -14.93
C THR B 148 21.51 -7.99 -14.31
N ARG B 149 21.70 -6.71 -14.64
CA ARG B 149 22.84 -5.92 -14.21
C ARG B 149 22.47 -4.69 -13.39
N LEU B 150 21.20 -4.31 -13.46
CA LEU B 150 20.73 -3.13 -12.75
C LEU B 150 19.24 -3.25 -12.59
N ILE B 151 18.75 -2.81 -11.44
CA ILE B 151 17.33 -2.69 -11.17
C ILE B 151 17.05 -1.27 -10.68
N PHE B 152 16.01 -0.64 -11.21
CA PHE B 152 15.55 0.67 -10.73
C PHE B 152 14.27 0.51 -9.92
N VAL B 153 14.29 1.00 -8.69
CA VAL B 153 13.06 1.15 -7.92
C VAL B 153 12.81 2.66 -7.77
N CYS B 154 11.78 3.14 -8.43
CA CYS B 154 11.44 4.57 -8.40
C CYS B 154 10.41 4.78 -7.28
N ASN B 155 10.78 5.51 -6.24
CA ASN B 155 9.99 5.55 -5.00
C ASN B 155 10.06 6.92 -4.28
N PRO B 156 9.02 7.78 -4.42
CA PRO B 156 7.75 7.60 -5.17
C PRO B 156 7.92 7.46 -6.68
N ASN B 157 7.00 6.73 -7.31
CA ASN B 157 7.08 6.50 -8.74
C ASN B 157 6.63 7.71 -9.54
N ASN B 158 7.37 7.98 -10.61
CA ASN B 158 6.98 8.92 -11.64
C ASN B 158 6.66 8.10 -12.88
N PRO B 159 5.42 8.19 -13.40
CA PRO B 159 4.36 9.16 -13.11
C PRO B 159 3.21 8.80 -12.17
N THR B 160 3.19 7.61 -11.55
CA THR B 160 1.96 7.19 -10.89
C THR B 160 1.82 7.68 -9.46
N SER B 161 2.92 8.16 -8.88
CA SER B 161 2.94 8.91 -7.61
C SER B 161 3.03 8.07 -6.34
N THR B 162 2.95 6.75 -6.51
CA THR B 162 2.80 5.81 -5.39
C THR B 162 4.12 5.38 -4.78
N VAL B 163 4.02 4.70 -3.63
CA VAL B 163 5.16 4.08 -3.00
C VAL B 163 4.86 2.63 -2.60
N VAL B 164 5.90 1.82 -2.62
CA VAL B 164 5.86 0.48 -2.08
C VAL B 164 5.97 0.62 -0.56
N GLY B 165 5.64 -0.43 0.16
CA GLY B 165 5.81 -0.44 1.61
C GLY B 165 7.29 -0.38 1.95
N PRO B 166 7.63 0.32 3.05
CA PRO B 166 9.02 0.48 3.43
C PRO B 166 9.70 -0.81 3.84
N ASP B 167 8.99 -1.70 4.54
CA ASP B 167 9.53 -3.03 4.85
C ASP B 167 9.54 -3.93 3.63
N ALA B 168 8.51 -3.82 2.79
CA ALA B 168 8.48 -4.55 1.53
C ALA B 168 9.76 -4.27 0.75
N LEU B 169 10.15 -3.00 0.67
CA LEU B 169 11.36 -2.60 -0.05
C LEU B 169 12.62 -3.30 0.50
N ALA B 170 12.78 -3.30 1.81
CA ALA B 170 13.93 -3.96 2.43
C ALA B 170 13.93 -5.46 2.16
N ARG B 171 12.76 -6.08 2.20
CA ARG B 171 12.66 -7.52 1.94
C ARG B 171 13.04 -7.83 0.48
N PHE B 172 12.61 -6.96 -0.43
CA PHE B 172 12.98 -7.07 -1.85
C PHE B 172 14.50 -6.96 -2.03
N VAL B 173 15.10 -5.95 -1.39
CA VAL B 173 16.55 -5.75 -1.47
C VAL B 173 17.27 -6.98 -0.93
N GLU B 174 16.78 -7.53 0.16
CA GLU B 174 17.38 -8.73 0.77
C GLU B 174 17.27 -9.95 -0.14
N ALA B 175 16.21 -10.01 -0.94
CA ALA B 175 15.92 -11.16 -1.79
C ALA B 175 16.67 -11.12 -3.14
N VAL B 176 16.96 -9.93 -3.63
CA VAL B 176 17.68 -9.79 -4.89
C VAL B 176 19.10 -10.33 -4.71
N PRO B 177 19.56 -11.16 -5.67
CA PRO B 177 20.95 -11.65 -5.60
C PRO B 177 21.92 -10.48 -5.36
N ALA B 178 22.88 -10.69 -4.47
CA ALA B 178 23.63 -9.58 -3.92
C ALA B 178 24.60 -8.90 -4.88
N HIS B 179 24.81 -9.49 -6.06
CA HIS B 179 25.75 -8.93 -7.04
C HIS B 179 25.08 -7.92 -8.01
N ILE B 180 23.76 -7.83 -7.96
CA ILE B 180 23.01 -6.94 -8.85
C ILE B 180 22.84 -5.55 -8.22
N LEU B 181 23.31 -4.51 -8.91
CA LEU B 181 23.18 -3.16 -8.37
C LEU B 181 21.72 -2.74 -8.40
N ILE B 182 21.24 -2.22 -7.28
CA ILE B 182 19.86 -1.76 -7.16
C ILE B 182 19.88 -0.28 -6.87
N ALA B 183 19.20 0.50 -7.71
CA ALA B 183 19.16 1.95 -7.57
C ALA B 183 17.76 2.37 -7.15
N ILE B 184 17.67 2.99 -5.99
CA ILE B 184 16.41 3.53 -5.48
C ILE B 184 16.33 5.01 -5.85
N ASP B 185 15.43 5.32 -6.79
CA ASP B 185 15.25 6.70 -7.27
C ASP B 185 14.30 7.46 -6.33
N GLU B 186 14.87 8.33 -5.52
CA GLU B 186 14.16 9.04 -4.47
C GLU B 186 13.97 10.52 -4.80
N ALA B 187 13.68 10.83 -6.06
CA ALA B 187 13.48 12.22 -6.46
C ALA B 187 12.40 12.93 -5.62
N TYR B 188 11.41 12.18 -5.15
CA TYR B 188 10.29 12.78 -4.42
C TYR B 188 10.20 12.35 -2.97
N VAL B 189 11.30 11.84 -2.43
CA VAL B 189 11.28 11.24 -1.08
C VAL B 189 10.89 12.24 0.02
N GLU B 190 11.16 13.52 -0.22
CA GLU B 190 10.85 14.55 0.78
C GLU B 190 9.35 14.80 0.93
N TYR B 191 8.54 14.28 0.01
CA TYR B 191 7.08 14.46 0.09
C TYR B 191 6.34 13.26 0.67
N ILE B 192 7.07 12.17 0.99
CA ILE B 192 6.43 10.99 1.57
C ILE B 192 5.95 11.26 2.99
N ARG B 193 4.71 10.84 3.28
CA ARG B 193 4.13 10.92 4.63
C ARG B 193 3.47 9.58 4.95
N ASP B 194 2.53 9.58 5.91
CA ASP B 194 1.70 8.41 6.22
C ASP B 194 2.52 7.17 6.61
N GLY B 195 3.67 7.42 7.24
CA GLY B 195 4.55 6.35 7.69
C GLY B 195 5.22 5.49 6.61
N MET B 196 5.20 5.96 5.36
CA MET B 196 5.63 5.10 4.25
C MET B 196 7.08 5.31 3.82
N ARG B 197 7.77 6.28 4.42
CA ARG B 197 9.13 6.58 4.00
C ARG B 197 10.07 5.46 4.44
N PRO B 198 10.84 4.89 3.52
CA PRO B 198 11.69 3.76 3.88
C PRO B 198 12.98 4.18 4.54
N ASP B 199 13.69 3.24 5.16
CA ASP B 199 15.01 3.53 5.74
C ASP B 199 16.08 3.48 4.66
N SER B 200 16.08 4.52 3.82
CA SER B 200 16.89 4.53 2.59
C SER B 200 18.38 4.43 2.93
N LEU B 201 18.81 5.26 3.85
CA LEU B 201 20.21 5.29 4.28
C LEU B 201 20.61 3.98 5.00
N GLY B 202 19.67 3.38 5.71
CA GLY B 202 19.93 2.10 6.37
C GLY B 202 20.16 0.98 5.37
N LEU B 203 19.46 1.04 4.24
CA LEU B 203 19.65 0.05 3.19
C LEU B 203 21.02 0.17 2.54
N VAL B 204 21.47 1.41 2.29
CA VAL B 204 22.81 1.60 1.71
C VAL B 204 23.88 1.12 2.69
N ARG B 205 23.74 1.44 3.98
CA ARG B 205 24.70 0.95 4.97
C ARG B 205 24.68 -0.59 5.06
N ALA B 206 23.52 -1.21 4.89
CA ALA B 206 23.39 -2.66 5.01
C ALA B 206 23.79 -3.46 3.75
N HIS B 207 23.73 -2.85 2.58
CA HIS B 207 23.93 -3.57 1.32
C HIS B 207 24.87 -2.86 0.36
N ASN B 208 25.98 -3.51 0.04
CA ASN B 208 26.97 -2.96 -0.87
C ASN B 208 26.39 -2.62 -2.24
N ASN B 209 25.31 -3.29 -2.61
CA ASN B 209 24.76 -3.19 -3.96
C ASN B 209 23.52 -2.29 -4.03
N VAL B 210 23.33 -1.43 -3.04
CA VAL B 210 22.23 -0.48 -3.05
C VAL B 210 22.78 0.94 -3.22
N VAL B 211 22.15 1.70 -4.12
CA VAL B 211 22.51 3.09 -4.33
C VAL B 211 21.24 3.92 -4.35
N VAL B 212 21.29 5.10 -3.75
CA VAL B 212 20.12 5.97 -3.62
C VAL B 212 20.37 7.21 -4.44
N LEU B 213 19.39 7.59 -5.25
CA LEU B 213 19.48 8.83 -6.04
C LEU B 213 18.56 9.88 -5.48
N ARG B 214 19.09 11.09 -5.27
CA ARG B 214 18.30 12.23 -4.87
C ARG B 214 18.63 13.46 -5.72
N THR B 215 17.83 14.50 -5.57
CA THR B 215 17.93 15.68 -6.42
C THR B 215 17.74 16.98 -5.66
N PHE B 216 18.31 18.03 -6.23
CA PHE B 216 18.09 19.38 -5.74
C PHE B 216 16.99 20.08 -6.55
N SER B 217 16.32 19.35 -7.44
CA SER B 217 15.42 19.99 -8.40
C SER B 217 14.05 20.30 -7.88
N LYS B 218 13.59 19.57 -6.88
CA LYS B 218 12.18 19.66 -6.51
C LYS B 218 12.02 20.32 -5.15
N ALA B 219 12.21 19.57 -4.06
CA ALA B 219 12.07 20.15 -2.73
C ALA B 219 13.08 21.27 -2.49
N TYR B 220 14.26 21.18 -3.09
CA TYR B 220 15.29 22.17 -2.88
C TYR B 220 15.27 23.33 -3.89
N GLY B 221 14.37 23.25 -4.88
CA GLY B 221 14.08 24.38 -5.77
C GLY B 221 15.12 24.80 -6.80
N LEU B 222 16.06 23.91 -7.15
CA LEU B 222 17.11 24.27 -8.09
C LEU B 222 17.01 23.58 -9.44
N ALA B 223 15.79 23.28 -9.91
CA ALA B 223 15.63 22.58 -11.20
C ALA B 223 16.41 23.24 -12.35
N GLY B 224 16.52 24.57 -12.34
CA GLY B 224 17.19 25.27 -13.40
C GLY B 224 18.69 25.00 -13.48
N LEU B 225 19.27 24.65 -12.33
CA LEU B 225 20.72 24.54 -12.19
C LEU B 225 21.30 23.12 -12.34
N ARG B 226 20.48 22.08 -12.20
CA ARG B 226 20.90 20.72 -12.58
C ARG B 226 21.93 20.09 -11.62
N ILE B 227 21.46 19.77 -10.41
CA ILE B 227 22.28 19.05 -9.43
C ILE B 227 21.52 17.84 -8.86
N GLY B 228 22.08 16.66 -9.03
CA GLY B 228 21.54 15.45 -8.40
C GLY B 228 22.69 14.78 -7.68
N TYR B 229 22.37 13.80 -6.83
CA TYR B 229 23.43 13.05 -6.14
C TYR B 229 23.02 11.62 -5.86
N ALA B 230 24.04 10.79 -5.70
CA ALA B 230 23.91 9.36 -5.45
C ALA B 230 24.66 9.04 -4.16
N ILE B 231 24.07 8.16 -3.35
CA ILE B 231 24.65 7.74 -2.09
C ILE B 231 24.83 6.24 -2.18
N GLY B 232 26.04 5.76 -1.99
CA GLY B 232 26.32 4.34 -2.12
C GLY B 232 27.66 3.96 -1.55
N HIS B 233 28.03 2.71 -1.77
CA HIS B 233 29.32 2.15 -1.35
C HIS B 233 30.45 2.80 -2.17
N PRO B 234 31.63 3.01 -1.55
CA PRO B 234 32.70 3.72 -2.25
C PRO B 234 33.05 3.19 -3.65
N ASP B 235 33.07 1.87 -3.83
CA ASP B 235 33.38 1.30 -5.14
C ASP B 235 32.39 1.73 -6.21
N VAL B 236 31.11 1.79 -5.84
CA VAL B 236 30.06 2.15 -6.78
C VAL B 236 30.19 3.63 -7.13
N ILE B 237 30.44 4.45 -6.11
CA ILE B 237 30.62 5.89 -6.30
C ILE B 237 31.81 6.15 -7.21
N THR B 238 32.91 5.45 -6.94
CA THR B 238 34.11 5.55 -7.77
C THR B 238 33.80 5.22 -9.23
N ALA B 239 32.98 4.19 -9.47
CA ALA B 239 32.60 3.82 -10.83
C ALA B 239 31.79 4.94 -11.51
N LEU B 240 30.80 5.47 -10.78
CA LEU B 240 29.97 6.54 -11.30
C LEU B 240 30.82 7.74 -11.74
N ASP B 241 31.82 8.08 -10.92
CA ASP B 241 32.71 9.19 -11.21
C ASP B 241 33.65 8.95 -12.40
N LYS B 242 33.93 7.69 -12.73
CA LYS B 242 34.71 7.40 -13.93
C LYS B 242 33.92 7.70 -15.21
N VAL B 243 32.60 7.51 -15.17
CA VAL B 243 31.76 7.72 -16.34
C VAL B 243 31.07 9.07 -16.32
N TYR B 244 31.17 9.76 -15.19
CA TYR B 244 30.77 11.16 -15.08
C TYR B 244 31.40 11.97 -16.22
N VAL B 245 30.57 12.72 -16.94
CA VAL B 245 31.08 13.65 -17.94
C VAL B 245 31.69 14.84 -17.22
N PRO B 246 33.01 15.03 -17.34
CA PRO B 246 33.68 16.06 -16.55
C PRO B 246 33.05 17.44 -16.64
N PHE B 247 33.03 18.14 -15.51
CA PHE B 247 32.61 19.53 -15.43
C PHE B 247 31.12 19.81 -15.67
N THR B 248 30.30 18.75 -15.76
CA THR B 248 28.90 18.94 -16.11
C THR B 248 28.09 19.56 -14.99
N VAL B 249 28.54 19.41 -13.75
CA VAL B 249 27.93 20.11 -12.63
C VAL B 249 28.61 21.48 -12.50
N SER B 250 27.87 22.54 -12.84
CA SER B 250 28.45 23.87 -12.95
C SER B 250 28.95 24.42 -11.61
N SER B 251 29.73 25.50 -11.65
CA SER B 251 30.19 26.17 -10.42
C SER B 251 29.04 26.84 -9.68
N ILE B 252 28.17 27.53 -10.43
CA ILE B 252 27.00 28.17 -9.84
C ILE B 252 26.04 27.14 -9.24
N GLY B 253 25.85 26.03 -9.94
CA GLY B 253 25.06 24.92 -9.42
C GLY B 253 25.55 24.44 -8.07
N GLN B 254 26.84 24.15 -7.97
CA GLN B 254 27.46 23.68 -6.74
C GLN B 254 27.28 24.68 -5.60
N ALA B 255 27.52 25.96 -5.88
CA ALA B 255 27.37 27.00 -4.86
C ALA B 255 25.93 27.10 -4.39
N ALA B 256 24.98 27.02 -5.32
CA ALA B 256 23.58 27.09 -4.97
C ALA B 256 23.15 25.88 -4.14
N ALA B 257 23.69 24.71 -4.47
CA ALA B 257 23.35 23.48 -3.74
C ALA B 257 23.87 23.54 -2.31
N ILE B 258 25.10 23.99 -2.13
CA ILE B 258 25.66 24.13 -0.78
C ILE B 258 24.81 25.07 0.07
N ALA B 259 24.46 26.23 -0.48
CA ALA B 259 23.62 27.18 0.26
C ALA B 259 22.25 26.60 0.58
N SER B 260 21.72 25.78 -0.31
CA SER B 260 20.40 25.18 -0.11
C SER B 260 20.44 24.15 1.02
N LEU B 261 21.54 23.42 1.11
CA LEU B 261 21.74 22.46 2.19
C LEU B 261 21.81 23.19 3.52
N ASP B 262 22.50 24.32 3.53
CA ASP B 262 22.54 25.21 4.70
C ASP B 262 21.13 25.63 5.13
N ALA B 263 20.22 25.76 4.17
CA ALA B 263 18.84 26.17 4.49
C ALA B 263 17.85 25.00 4.41
N ALA B 264 18.35 23.78 4.59
CA ALA B 264 17.53 22.57 4.47
C ALA B 264 16.27 22.62 5.34
N ASP B 265 16.42 22.99 6.60
CA ASP B 265 15.29 23.04 7.53
C ASP B 265 14.14 23.87 6.98
N GLU B 266 14.44 25.05 6.46
CA GLU B 266 13.41 25.95 5.92
C GLU B 266 12.77 25.38 4.65
N LEU B 267 13.60 24.85 3.76
CA LEU B 267 13.11 24.36 2.46
C LEU B 267 12.28 23.09 2.65
N LEU B 268 12.73 22.21 3.54
CA LEU B 268 11.99 20.98 3.82
C LEU B 268 10.69 21.30 4.55
N ALA B 269 10.69 22.33 5.38
CA ALA B 269 9.48 22.73 6.10
C ALA B 269 8.34 23.03 5.13
N ARG B 270 8.69 23.64 4.01
CA ARG B 270 7.72 23.99 2.96
C ARG B 270 7.02 22.78 2.35
N THR B 271 7.66 21.62 2.40
CA THR B 271 7.07 20.42 1.81
C THR B 271 5.77 20.02 2.54
N ASP B 272 5.61 20.42 3.79
CA ASP B 272 4.36 20.18 4.51
C ASP B 272 3.16 20.86 3.84
N THR B 273 3.37 22.07 3.34
CA THR B 273 2.30 22.82 2.66
C THR B 273 1.89 22.13 1.38
N VAL B 274 2.87 21.61 0.65
CA VAL B 274 2.58 20.92 -0.57
C VAL B 274 1.74 19.68 -0.27
N VAL B 275 2.10 18.96 0.79
CA VAL B 275 1.41 17.71 1.14
C VAL B 275 -0.04 17.97 1.52
N ALA B 276 -0.28 19.07 2.22
CA ALA B 276 -1.63 19.48 2.57
C ALA B 276 -2.46 19.75 1.32
N GLU B 277 -1.87 20.46 0.36
CA GLU B 277 -2.55 20.76 -0.90
C GLU B 277 -2.78 19.49 -1.71
N ARG B 278 -1.81 18.58 -1.66
CA ARG B 278 -1.92 17.29 -2.31
C ARG B 278 -3.16 16.55 -1.83
N ALA B 279 -3.34 16.49 -0.52
CA ALA B 279 -4.48 15.82 0.08
C ALA B 279 -5.79 16.52 -0.27
N ARG B 280 -5.74 17.85 -0.35
CA ARG B 280 -6.96 18.61 -0.64
C ARG B 280 -7.35 18.41 -2.10
N VAL B 281 -6.38 18.56 -3.00
CA VAL B 281 -6.60 18.35 -4.43
C VAL B 281 -7.10 16.92 -4.67
N SER B 282 -6.47 15.96 -4.02
CA SER B 282 -6.85 14.55 -4.19
C SER B 282 -8.30 14.29 -3.77
N ALA B 283 -8.71 14.85 -2.63
CA ALA B 283 -10.06 14.64 -2.11
C ALA B 283 -11.11 15.22 -3.04
N GLU B 284 -10.84 16.44 -3.54
CA GLU B 284 -11.77 17.16 -4.39
C GLU B 284 -11.95 16.44 -5.72
N LEU B 285 -10.86 15.87 -6.24
CA LEU B 285 -10.92 15.13 -7.49
C LEU B 285 -11.79 13.89 -7.34
N ARG B 286 -11.59 13.16 -6.24
CA ARG B 286 -12.38 11.95 -6.01
C ARG B 286 -13.84 12.31 -5.76
N ALA B 287 -14.10 13.39 -5.04
CA ALA B 287 -15.48 13.85 -4.85
C ALA B 287 -16.13 14.22 -6.18
N ALA B 288 -15.33 14.62 -7.17
CA ALA B 288 -15.87 14.98 -8.48
C ALA B 288 -16.02 13.77 -9.41
N GLY B 289 -15.61 12.59 -8.93
CA GLY B 289 -15.80 11.36 -9.68
C GLY B 289 -14.52 10.84 -10.31
N PHE B 290 -13.42 11.56 -10.16
CA PHE B 290 -12.15 11.11 -10.68
C PHE B 290 -11.63 9.95 -9.84
N THR B 291 -10.89 9.05 -10.47
CA THR B 291 -10.21 7.99 -9.74
C THR B 291 -8.72 8.23 -9.84
N LEU B 292 -8.02 8.09 -8.72
CA LEU B 292 -6.57 8.23 -8.69
C LEU B 292 -5.99 7.52 -7.46
N PRO B 293 -4.78 6.97 -7.59
CA PRO B 293 -4.14 6.33 -6.44
C PRO B 293 -3.61 7.34 -5.40
N PRO B 294 -3.29 6.85 -4.20
CA PRO B 294 -2.75 7.73 -3.16
C PRO B 294 -1.34 8.18 -3.51
N SER B 295 -1.17 9.49 -3.69
CA SER B 295 0.13 10.06 -3.98
C SER B 295 0.99 10.24 -2.73
N GLN B 296 2.27 9.92 -2.84
CA GLN B 296 3.26 10.32 -1.83
C GLN B 296 4.35 11.24 -2.41
N ALA B 297 3.99 11.95 -3.50
CA ALA B 297 4.92 12.84 -4.19
C ALA B 297 4.36 14.28 -4.24
N ASN B 298 4.81 15.10 -5.17
CA ASN B 298 4.28 16.47 -5.28
C ASN B 298 3.38 16.62 -6.52
N PHE B 299 2.69 15.54 -6.85
CA PHE B 299 1.83 15.47 -8.02
C PHE B 299 0.84 14.32 -7.84
N VAL B 300 -0.18 14.28 -8.69
CA VAL B 300 -1.12 13.19 -8.69
C VAL B 300 -1.21 12.58 -10.08
N TRP B 301 -1.75 11.37 -10.15
CA TRP B 301 -1.82 10.59 -11.39
C TRP B 301 -3.27 10.26 -11.71
N LEU B 302 -3.73 10.70 -12.87
CA LEU B 302 -5.08 10.43 -13.33
C LEU B 302 -5.07 9.46 -14.50
N PRO B 303 -5.47 8.20 -14.27
CA PRO B 303 -5.47 7.23 -15.36
C PRO B 303 -6.74 7.38 -16.21
N LEU B 304 -6.72 8.33 -17.13
CA LEU B 304 -7.89 8.65 -17.96
C LEU B 304 -7.95 7.83 -19.25
N GLY B 305 -6.99 6.92 -19.44
CA GLY B 305 -6.97 6.07 -20.63
C GLY B 305 -6.98 6.85 -21.93
N SER B 306 -7.98 6.57 -22.78
CA SER B 306 -8.05 7.17 -24.11
C SER B 306 -8.59 8.61 -24.11
N ARG B 307 -9.00 9.09 -22.95
CA ARG B 307 -9.41 10.48 -22.81
C ARG B 307 -8.26 11.43 -22.41
N THR B 308 -7.05 10.91 -22.30
CA THR B 308 -5.93 11.71 -21.81
C THR B 308 -5.57 12.87 -22.74
N GLN B 309 -5.48 12.58 -24.04
CA GLN B 309 -5.08 13.59 -25.00
C GLN B 309 -6.05 14.76 -24.91
N ASP B 310 -7.34 14.44 -24.82
CA ASP B 310 -8.36 15.46 -24.81
C ASP B 310 -8.35 16.25 -23.49
N PHE B 311 -8.09 15.54 -22.40
CA PHE B 311 -7.97 16.20 -21.11
C PHE B 311 -6.88 17.27 -21.17
N VAL B 312 -5.70 16.89 -21.66
CA VAL B 312 -4.55 17.78 -21.75
C VAL B 312 -4.79 18.96 -22.69
N GLU B 313 -5.48 18.70 -23.81
CA GLU B 313 -5.78 19.76 -24.78
C GLU B 313 -6.74 20.80 -24.22
N GLN B 314 -7.82 20.35 -23.61
CA GLN B 314 -8.80 21.26 -23.02
C GLN B 314 -8.26 22.04 -21.83
N ALA B 315 -7.29 21.44 -21.13
CA ALA B 315 -6.60 22.13 -20.05
C ALA B 315 -5.73 23.24 -20.64
N ALA B 316 -5.05 22.94 -21.74
CA ALA B 316 -4.22 23.92 -22.43
C ALA B 316 -5.05 25.12 -22.90
N ASP B 317 -6.27 24.84 -23.39
CA ASP B 317 -7.21 25.89 -23.79
C ASP B 317 -7.58 26.76 -22.59
N ALA B 318 -7.60 26.16 -21.40
CA ALA B 318 -7.89 26.87 -20.16
C ALA B 318 -6.62 27.44 -19.52
N ARG B 319 -5.52 27.43 -20.27
CA ARG B 319 -4.27 28.04 -19.82
C ARG B 319 -3.68 27.29 -18.64
N ILE B 320 -3.82 25.96 -18.66
CA ILE B 320 -3.21 25.09 -17.67
C ILE B 320 -2.44 23.99 -18.38
N VAL B 321 -1.16 23.84 -18.01
CA VAL B 321 -0.32 22.82 -18.64
C VAL B 321 -0.15 21.64 -17.69
N VAL B 322 -0.59 20.46 -18.14
CA VAL B 322 -0.37 19.20 -17.43
C VAL B 322 0.27 18.18 -18.39
N ARG B 323 0.79 17.07 -17.86
CA ARG B 323 1.60 16.18 -18.70
C ARG B 323 0.89 14.87 -19.08
N PRO B 324 0.74 14.62 -20.40
CA PRO B 324 0.17 13.36 -20.88
C PRO B 324 1.20 12.24 -20.97
N TYR B 325 0.76 11.01 -20.70
CA TYR B 325 1.54 9.81 -21.00
C TYR B 325 0.72 8.87 -21.86
N GLY B 326 0.89 8.99 -23.18
CA GLY B 326 0.21 8.14 -24.16
C GLY B 326 -1.30 8.08 -23.97
N THR B 327 -1.82 6.87 -23.95
CA THR B 327 -3.22 6.64 -23.67
C THR B 327 -3.38 6.01 -22.30
N ASP B 328 -2.43 6.27 -21.40
CA ASP B 328 -2.49 5.74 -20.04
C ASP B 328 -3.09 6.74 -19.05
N GLY B 329 -2.49 7.93 -18.97
CA GLY B 329 -3.01 8.92 -18.01
C GLY B 329 -2.36 10.29 -18.08
N VAL B 330 -2.68 11.11 -17.09
CA VAL B 330 -2.19 12.48 -16.98
C VAL B 330 -1.57 12.70 -15.58
N ARG B 331 -0.38 13.30 -15.56
CA ARG B 331 0.30 13.60 -14.29
C ARG B 331 0.12 15.08 -14.04
N VAL B 332 -0.42 15.40 -12.87
CA VAL B 332 -0.73 16.78 -12.49
C VAL B 332 0.05 17.15 -11.23
N THR B 333 0.92 18.14 -11.37
CA THR B 333 1.73 18.62 -10.28
C THR B 333 0.84 19.42 -9.31
N VAL B 334 1.14 19.32 -8.02
CA VAL B 334 0.50 20.13 -6.99
C VAL B 334 1.35 21.36 -6.80
N ALA B 335 0.75 22.54 -6.89
CA ALA B 335 1.49 23.80 -6.77
C ALA B 335 0.81 24.76 -5.78
N ALA B 336 0.73 26.05 -6.10
CA ALA B 336 0.12 27.04 -5.20
C ALA B 336 -1.38 26.79 -5.08
N PRO B 337 -1.99 27.23 -3.97
CA PRO B 337 -3.42 26.99 -3.79
C PRO B 337 -4.30 27.56 -4.91
N GLU B 338 -3.97 28.76 -5.41
CA GLU B 338 -4.78 29.40 -6.47
C GLU B 338 -4.61 28.64 -7.77
N GLU B 339 -3.42 28.07 -7.99
CA GLU B 339 -3.15 27.28 -9.18
C GLU B 339 -3.92 25.96 -9.10
N ASN B 340 -3.89 25.33 -7.93
CA ASN B 340 -4.65 24.09 -7.71
C ASN B 340 -6.16 24.30 -7.89
N ASP B 341 -6.66 25.41 -7.35
CA ASP B 341 -8.08 25.74 -7.45
C ASP B 341 -8.48 25.92 -8.92
N ALA B 342 -7.69 26.64 -9.68
CA ALA B 342 -7.95 26.80 -11.11
C ALA B 342 -8.00 25.44 -11.82
N PHE B 343 -7.05 24.56 -11.49
CA PHE B 343 -7.05 23.21 -12.05
C PHE B 343 -8.33 22.46 -11.68
N LEU B 344 -8.74 22.59 -10.42
CA LEU B 344 -9.91 21.86 -9.92
C LEU B 344 -11.18 22.33 -10.63
N ARG B 345 -11.33 23.64 -10.82
CA ARG B 345 -12.47 24.15 -11.57
CA ARG B 345 -12.46 24.17 -11.58
C ARG B 345 -12.50 23.59 -12.99
N PHE B 346 -11.34 23.49 -13.63
CA PHE B 346 -11.28 22.91 -14.96
C PHE B 346 -11.64 21.42 -14.94
N ALA B 347 -11.04 20.68 -14.01
CA ALA B 347 -11.28 19.24 -13.89
C ALA B 347 -12.77 18.94 -13.75
N ARG B 348 -13.44 19.66 -12.86
CA ARG B 348 -14.89 19.47 -12.63
C ARG B 348 -15.70 19.75 -13.88
N ARG B 349 -15.44 20.88 -14.51
CA ARG B 349 -16.11 21.25 -15.73
C ARG B 349 -15.87 20.20 -16.83
N TRP B 350 -14.61 19.82 -17.03
CA TRP B 350 -14.29 18.81 -18.04
C TRP B 350 -15.02 17.50 -17.81
N ARG B 351 -15.08 17.06 -16.55
CA ARG B 351 -15.71 15.77 -16.26
C ARG B 351 -17.23 15.84 -16.43
N SER B 352 -17.82 16.99 -16.10
CA SER B 352 -19.25 17.20 -16.35
C SER B 352 -19.58 17.02 -17.82
N ASP B 353 -18.72 17.57 -18.68
CA ASP B 353 -18.95 17.55 -20.12
C ASP B 353 -18.79 16.17 -20.75
N GLN B 354 -18.23 15.21 -20.02
CA GLN B 354 -18.10 13.84 -20.55
C GLN B 354 -19.43 13.11 -20.47
N VAL C 2 -17.57 -23.69 -11.81
CA VAL C 2 -17.12 -24.27 -10.50
C VAL C 2 -17.64 -23.42 -9.34
N THR C 3 -18.05 -24.09 -8.28
CA THR C 3 -18.51 -23.41 -7.09
C THR C 3 -17.59 -23.75 -5.92
N ALA C 4 -17.71 -22.96 -4.85
CA ALA C 4 -16.95 -23.19 -3.64
C ALA C 4 -17.26 -24.56 -3.08
N ARG C 5 -16.25 -25.28 -2.61
CA ARG C 5 -16.44 -26.60 -2.06
C ARG C 5 -16.83 -26.51 -0.58
N LEU C 6 -18.01 -27.01 -0.26
CA LEU C 6 -18.55 -26.94 1.11
C LEU C 6 -18.54 -28.35 1.69
N ARG C 7 -18.70 -28.45 3.01
CA ARG C 7 -18.66 -29.74 3.68
C ARG C 7 -19.83 -30.62 3.25
N PRO C 8 -19.55 -31.88 2.89
CA PRO C 8 -20.61 -32.81 2.48
C PRO C 8 -21.58 -33.16 3.60
N GLU C 9 -21.13 -33.01 4.85
CA GLU C 9 -21.98 -33.27 6.02
C GLU C 9 -23.22 -32.36 6.08
N LEU C 10 -23.22 -31.28 5.30
CA LEU C 10 -24.35 -30.35 5.28
C LEU C 10 -25.60 -30.99 4.71
N ALA C 11 -25.42 -32.10 3.99
CA ALA C 11 -26.55 -32.88 3.46
C ALA C 11 -27.39 -33.49 4.58
N GLY C 12 -26.82 -33.63 5.78
CA GLY C 12 -27.56 -34.10 6.93
C GLY C 12 -28.31 -33.02 7.69
N LEU C 13 -28.37 -31.81 7.14
CA LEU C 13 -29.01 -30.68 7.81
C LEU C 13 -30.23 -30.19 7.04
N PRO C 14 -31.27 -29.76 7.75
CA PRO C 14 -32.50 -29.34 7.07
C PRO C 14 -32.50 -27.87 6.64
N VAL C 15 -33.13 -27.60 5.49
CA VAL C 15 -33.50 -26.23 5.12
C VAL C 15 -34.94 -25.98 5.59
N TYR C 16 -35.19 -24.82 6.19
CA TYR C 16 -36.46 -24.59 6.86
C TYR C 16 -37.58 -24.02 5.99
N VAL C 17 -37.24 -23.09 5.09
CA VAL C 17 -38.21 -22.40 4.22
C VAL C 17 -39.38 -21.74 4.98
N PRO C 18 -39.45 -20.40 4.93
CA PRO C 18 -40.48 -19.68 5.67
C PRO C 18 -41.89 -19.97 5.18
N GLY C 19 -42.75 -20.45 6.08
CA GLY C 19 -44.16 -20.68 5.77
C GLY C 19 -44.95 -19.38 5.76
N LYS C 20 -46.26 -19.50 5.56
CA LYS C 20 -47.13 -18.31 5.46
C LYS C 20 -47.25 -17.56 6.79
N THR C 21 -47.24 -16.23 6.70
CA THR C 21 -47.52 -15.38 7.85
C THR C 21 -48.86 -14.69 7.62
N VAL C 22 -49.94 -15.36 8.02
CA VAL C 22 -51.28 -14.84 7.78
C VAL C 22 -51.72 -13.93 8.92
N PRO C 23 -52.21 -12.73 8.58
CA PRO C 23 -52.77 -11.83 9.60
C PRO C 23 -53.95 -12.47 10.34
N GLY C 24 -53.94 -12.34 11.66
CA GLY C 24 -55.03 -12.85 12.49
C GLY C 24 -54.96 -14.33 12.83
N ALA C 25 -53.95 -15.03 12.32
CA ALA C 25 -53.79 -16.44 12.63
C ALA C 25 -53.46 -16.60 14.11
N ILE C 26 -54.04 -17.62 14.74
CA ILE C 26 -53.77 -17.90 16.14
C ILE C 26 -52.48 -18.71 16.29
N LYS C 27 -51.54 -18.19 17.08
CA LYS C 27 -50.18 -18.75 17.15
C LYS C 27 -50.01 -19.77 18.27
N LEU C 28 -50.19 -21.05 17.93
CA LEU C 28 -50.02 -22.15 18.88
C LEU C 28 -48.92 -23.12 18.42
N ALA C 29 -47.89 -22.61 17.76
CA ALA C 29 -46.87 -23.46 17.19
C ALA C 29 -45.46 -23.23 17.71
N SER C 30 -45.26 -22.25 18.59
CA SER C 30 -43.90 -21.92 19.06
C SER C 30 -43.69 -21.94 20.59
N ASN C 31 -44.68 -22.41 21.33
CA ASN C 31 -44.59 -22.56 22.79
C ASN C 31 -44.36 -21.25 23.54
N GLU C 32 -44.85 -20.16 22.94
CA GLU C 32 -44.68 -18.83 23.50
C GLU C 32 -45.77 -18.57 24.55
N THR C 33 -45.45 -17.71 25.52
CA THR C 33 -46.47 -17.18 26.43
C THR C 33 -47.06 -15.93 25.78
N VAL C 34 -48.22 -15.47 26.26
CA VAL C 34 -48.99 -14.49 25.50
C VAL C 34 -48.88 -13.04 25.95
N PHE C 35 -48.16 -12.79 27.04
CA PHE C 35 -48.09 -11.46 27.61
C PHE C 35 -46.81 -10.69 27.25
N GLY C 36 -46.99 -9.42 26.89
CA GLY C 36 -45.88 -8.52 26.58
C GLY C 36 -45.12 -8.13 27.84
N PRO C 37 -44.08 -7.30 27.67
CA PRO C 37 -43.15 -7.02 28.75
C PRO C 37 -43.77 -6.24 29.91
N LEU C 38 -43.41 -6.61 31.14
CA LEU C 38 -43.72 -5.78 32.31
C LEU C 38 -43.12 -4.39 32.15
N PRO C 39 -43.74 -3.38 32.81
CA PRO C 39 -43.20 -2.03 32.83
C PRO C 39 -41.70 -1.96 33.17
N SER C 40 -41.27 -2.74 34.16
CA SER C 40 -39.85 -2.73 34.57
C SER C 40 -38.94 -3.37 33.50
N VAL C 41 -39.48 -4.32 32.74
CA VAL C 41 -38.69 -4.98 31.71
C VAL C 41 -38.57 -4.04 30.52
N ARG C 42 -39.66 -3.39 30.15
CA ARG C 42 -39.62 -2.40 29.07
CA ARG C 42 -39.63 -2.40 29.08
C ARG C 42 -38.63 -1.29 29.43
N ALA C 43 -38.66 -0.86 30.69
CA ALA C 43 -37.74 0.20 31.15
C ALA C 43 -36.27 -0.23 31.00
N ALA C 44 -35.97 -1.46 31.39
CA ALA C 44 -34.58 -1.95 31.27
C ALA C 44 -34.17 -1.90 29.80
N ILE C 45 -35.05 -2.41 28.94
CA ILE C 45 -34.83 -2.42 27.50
C ILE C 45 -34.63 -0.98 27.00
N ASP C 46 -35.55 -0.09 27.35
CA ASP C 46 -35.46 1.33 26.94
C ASP C 46 -34.17 2.03 27.33
N ARG C 47 -33.63 1.68 28.49
CA ARG C 47 -32.44 2.37 28.98
C ARG C 47 -31.19 1.82 28.30
N ALA C 48 -31.14 0.50 28.11
CA ALA C 48 -30.04 -0.13 27.39
C ALA C 48 -29.99 0.35 25.94
N THR C 49 -31.13 0.81 25.42
CA THR C 49 -31.19 1.32 24.05
C THR C 49 -30.35 2.57 23.86
N ASP C 50 -30.20 3.35 24.94
CA ASP C 50 -29.45 4.60 24.90
C ASP C 50 -28.02 4.37 24.43
N THR C 51 -27.47 3.18 24.72
CA THR C 51 -26.06 2.89 24.42
C THR C 51 -25.91 1.76 23.40
N VAL C 52 -26.85 1.64 22.48
CA VAL C 52 -26.86 0.55 21.49
C VAL C 52 -25.65 0.61 20.55
N ASN C 53 -25.00 1.76 20.51
CA ASN C 53 -23.72 1.92 19.82
C ASN C 53 -22.52 1.27 20.52
N ARG C 54 -22.71 0.83 21.77
CA ARG C 54 -21.66 0.16 22.51
C ARG C 54 -21.88 -1.35 22.51
N TYR C 55 -20.80 -2.13 22.48
CA TYR C 55 -20.90 -3.59 22.60
C TYR C 55 -21.44 -3.99 23.97
N PRO C 56 -22.10 -5.15 24.06
CA PRO C 56 -22.54 -5.65 25.37
C PRO C 56 -21.35 -6.03 26.22
N ASP C 57 -21.63 -6.33 27.50
CA ASP C 57 -20.65 -6.97 28.34
C ASP C 57 -20.55 -8.42 27.88
N ASN C 58 -19.37 -8.78 27.37
CA ASN C 58 -19.15 -10.12 26.86
C ASN C 58 -19.31 -11.21 27.92
N GLY C 59 -18.93 -10.89 29.15
CA GLY C 59 -19.00 -11.83 30.28
C GLY C 59 -20.33 -11.84 31.00
N CYS C 60 -21.26 -10.98 30.59
CA CYS C 60 -22.60 -10.96 31.20
C CYS C 60 -22.51 -10.96 32.74
N VAL C 61 -21.63 -10.12 33.29
CA VAL C 61 -21.28 -10.20 34.71
C VAL C 61 -22.51 -9.98 35.63
N GLN C 62 -23.25 -8.92 35.38
CA GLN C 62 -24.39 -8.61 36.24
C GLN C 62 -25.50 -9.66 36.12
N LEU C 63 -25.71 -10.17 34.90
CA LEU C 63 -26.73 -11.21 34.69
C LEU C 63 -26.35 -12.51 35.38
N LYS C 64 -25.07 -12.91 35.30
CA LYS C 64 -24.63 -14.11 36.01
C LYS C 64 -24.78 -13.97 37.52
N ALA C 65 -24.49 -12.79 38.04
CA ALA C 65 -24.67 -12.54 39.49
C ALA C 65 -26.15 -12.68 39.87
N ALA C 66 -27.03 -12.17 39.00
CA ALA C 66 -28.46 -12.24 39.26
C ALA C 66 -28.95 -13.67 39.16
N LEU C 67 -28.40 -14.42 38.22
CA LEU C 67 -28.77 -15.84 38.08
C LEU C 67 -28.30 -16.63 39.30
N ALA C 68 -27.07 -16.37 39.75
CA ALA C 68 -26.55 -17.07 40.93
C ALA C 68 -27.38 -16.79 42.20
N ARG C 69 -27.81 -15.55 42.36
CA ARG C 69 -28.75 -15.19 43.43
C ARG C 69 -30.04 -15.99 43.30
N HIS C 70 -30.61 -15.93 42.10
CA HIS C 70 -31.89 -16.55 41.82
C HIS C 70 -31.82 -18.05 42.12
N LEU C 71 -30.66 -18.63 41.85
CA LEU C 71 -30.43 -20.05 42.06
C LEU C 71 -30.25 -20.40 43.54
N GLY C 72 -29.84 -19.42 44.35
CA GLY C 72 -29.73 -19.63 45.79
C GLY C 72 -28.30 -19.78 46.29
N PRO C 73 -28.14 -19.97 47.61
CA PRO C 73 -26.80 -19.97 48.24
C PRO C 73 -25.85 -21.10 47.85
N ASP C 74 -26.34 -22.16 47.21
CA ASP C 74 -25.44 -23.24 46.77
C ASP C 74 -24.71 -22.95 45.44
N PHE C 75 -25.05 -21.83 44.79
CA PHE C 75 -24.57 -21.55 43.44
C PHE C 75 -23.99 -20.15 43.32
N ALA C 76 -22.85 -20.06 42.66
CA ALA C 76 -22.11 -18.83 42.43
C ALA C 76 -22.03 -18.56 40.92
N PRO C 77 -21.57 -17.35 40.52
CA PRO C 77 -21.44 -17.01 39.11
C PRO C 77 -20.65 -18.04 38.29
N GLU C 78 -19.66 -18.65 38.93
CA GLU C 78 -18.81 -19.64 38.28
C GLU C 78 -19.57 -20.90 37.85
N HIS C 79 -20.80 -21.06 38.35
CA HIS C 79 -21.62 -22.20 37.97
C HIS C 79 -22.53 -21.87 36.78
N VAL C 80 -22.44 -20.64 36.28
CA VAL C 80 -23.38 -20.18 35.25
C VAL C 80 -22.71 -19.77 33.95
N ALA C 81 -23.17 -20.37 32.85
CA ALA C 81 -22.90 -19.87 31.51
C ALA C 81 -24.20 -19.33 30.91
N VAL C 82 -24.07 -18.25 30.15
CA VAL C 82 -25.20 -17.64 29.45
C VAL C 82 -24.99 -17.80 27.95
N GLY C 83 -26.09 -17.94 27.20
CA GLY C 83 -26.02 -18.14 25.76
C GLY C 83 -27.11 -17.37 25.05
N CYS C 84 -26.95 -17.17 23.76
CA CYS C 84 -27.95 -16.50 22.94
C CYS C 84 -29.10 -17.47 22.69
N GLY C 85 -30.00 -17.52 23.67
CA GLY C 85 -30.99 -18.59 23.75
C GLY C 85 -30.29 -19.86 24.19
N SER C 86 -31.02 -20.78 24.82
CA SER C 86 -30.43 -22.07 25.18
C SER C 86 -30.13 -22.93 23.95
N VAL C 87 -30.74 -22.62 22.80
CA VAL C 87 -30.36 -23.27 21.52
C VAL C 87 -28.87 -23.08 21.23
N SER C 88 -28.33 -21.91 21.54
CA SER C 88 -26.90 -21.67 21.37
C SER C 88 -26.09 -22.59 22.31
N LEU C 89 -26.57 -22.76 23.54
CA LEU C 89 -25.87 -23.58 24.53
C LEU C 89 -25.90 -25.05 24.17
N CYS C 90 -26.92 -25.47 23.45
CA CYS C 90 -26.98 -26.85 22.97
C CYS C 90 -25.82 -27.10 22.02
N GLN C 91 -25.60 -26.18 21.08
CA GLN C 91 -24.45 -26.26 20.19
C GLN C 91 -23.12 -26.21 20.96
N GLN C 92 -23.01 -25.27 21.90
CA GLN C 92 -21.80 -25.16 22.73
C GLN C 92 -21.49 -26.45 23.49
N LEU C 93 -22.51 -27.15 23.96
CA LEU C 93 -22.31 -28.44 24.63
C LEU C 93 -21.70 -29.47 23.70
N VAL C 94 -22.18 -29.50 22.46
CA VAL C 94 -21.62 -30.40 21.48
C VAL C 94 -20.18 -30.02 21.18
N GLN C 95 -19.91 -28.72 21.11
CA GLN C 95 -18.57 -28.24 20.79
C GLN C 95 -17.52 -28.52 21.88
N VAL C 96 -17.94 -28.63 23.14
CA VAL C 96 -16.98 -28.94 24.20
C VAL C 96 -16.82 -30.44 24.42
N THR C 97 -17.67 -31.27 23.80
CA THR C 97 -17.66 -32.72 24.03
C THR C 97 -17.39 -33.61 22.81
N ALA C 98 -17.94 -33.25 21.66
CA ALA C 98 -18.01 -34.18 20.54
C ALA C 98 -17.39 -33.66 19.26
N SER C 99 -16.61 -34.51 18.60
CA SER C 99 -16.08 -34.24 17.28
C SER C 99 -16.28 -35.50 16.44
N VAL C 100 -15.48 -35.65 15.38
CA VAL C 100 -15.70 -36.71 14.38
C VAL C 100 -15.58 -38.09 15.04
N GLY C 101 -16.51 -38.99 14.68
CA GLY C 101 -16.51 -40.35 15.22
C GLY C 101 -17.22 -40.53 16.56
N ASP C 102 -17.36 -39.44 17.31
CA ASP C 102 -17.95 -39.48 18.64
C ASP C 102 -19.48 -39.64 18.58
N GLU C 103 -20.05 -40.20 19.65
CA GLU C 103 -21.49 -40.44 19.72
C GLU C 103 -22.19 -39.52 20.73
N VAL C 104 -23.35 -39.01 20.33
CA VAL C 104 -24.16 -38.17 21.21
C VAL C 104 -25.53 -38.83 21.35
N VAL C 105 -25.89 -39.17 22.58
CA VAL C 105 -27.11 -39.95 22.85
C VAL C 105 -28.27 -39.07 23.26
N PHE C 106 -29.42 -39.32 22.64
CA PHE C 106 -30.66 -38.71 23.10
C PHE C 106 -31.88 -39.52 22.71
N GLY C 107 -32.98 -39.28 23.42
CA GLY C 107 -34.25 -39.90 23.11
C GLY C 107 -34.78 -39.31 21.83
N TRP C 108 -35.60 -40.07 21.12
CA TRP C 108 -36.13 -39.61 19.83
C TRP C 108 -37.51 -40.21 19.60
N ARG C 109 -38.53 -39.40 19.24
CA ARG C 109 -38.39 -37.99 18.87
C ARG C 109 -38.17 -37.05 20.06
N SER C 110 -37.27 -36.10 19.86
CA SER C 110 -36.96 -35.07 20.85
C SER C 110 -36.63 -33.75 20.15
N PHE C 111 -35.87 -32.88 20.81
CA PHE C 111 -35.64 -31.54 20.29
C PHE C 111 -35.06 -31.62 18.89
N GLU C 112 -35.74 -30.97 17.93
CA GLU C 112 -35.37 -31.07 16.52
C GLU C 112 -33.97 -30.56 16.20
N LEU C 113 -33.38 -29.79 17.11
CA LEU C 113 -32.02 -29.28 16.89
C LEU C 113 -30.90 -30.24 17.29
N TYR C 114 -31.22 -31.29 18.06
CA TYR C 114 -30.17 -32.18 18.54
C TYR C 114 -29.41 -32.83 17.37
N PRO C 115 -30.13 -33.43 16.41
CA PRO C 115 -29.43 -34.11 15.31
C PRO C 115 -28.56 -33.21 14.43
N PRO C 116 -29.08 -32.08 13.95
CA PRO C 116 -28.23 -31.24 13.11
C PRO C 116 -27.03 -30.66 13.80
N GLN C 117 -27.16 -30.25 15.07
CA GLN C 117 -26.03 -29.70 15.79
C GLN C 117 -24.93 -30.75 15.98
N VAL C 118 -25.35 -32.00 16.17
CA VAL C 118 -24.41 -33.11 16.26
C VAL C 118 -23.75 -33.37 14.91
N ARG C 119 -24.53 -33.33 13.83
CA ARG C 119 -23.98 -33.58 12.49
C ARG C 119 -22.97 -32.49 12.11
N VAL C 120 -23.25 -31.24 12.53
CA VAL C 120 -22.36 -30.13 12.23
C VAL C 120 -20.95 -30.38 12.76
N ALA C 121 -20.88 -31.00 13.94
CA ALA C 121 -19.61 -31.34 14.57
C ALA C 121 -19.01 -32.61 13.97
N GLY C 122 -19.69 -33.20 13.00
CA GLY C 122 -19.25 -34.46 12.40
C GLY C 122 -19.43 -35.63 13.33
N ALA C 123 -20.16 -35.43 14.43
CA ALA C 123 -20.42 -36.50 15.39
C ALA C 123 -21.64 -37.28 14.95
N ILE C 124 -21.94 -38.37 15.65
CA ILE C 124 -23.05 -39.26 15.28
C ILE C 124 -24.16 -39.26 16.33
N PRO C 125 -25.38 -38.91 15.92
CA PRO C 125 -26.49 -38.93 16.86
C PRO C 125 -27.04 -40.33 17.06
N ILE C 126 -27.10 -40.79 18.31
CA ILE C 126 -27.70 -42.08 18.60
C ILE C 126 -29.09 -41.79 19.13
N GLN C 127 -30.10 -42.03 18.29
CA GLN C 127 -31.45 -41.61 18.54
C GLN C 127 -32.24 -42.81 19.05
N VAL C 128 -32.52 -42.79 20.36
CA VAL C 128 -33.11 -43.93 21.06
C VAL C 128 -34.62 -43.75 21.16
N PRO C 129 -35.39 -44.73 20.62
CA PRO C 129 -36.85 -44.63 20.62
C PRO C 129 -37.45 -44.43 22.01
N LEU C 130 -38.53 -43.66 22.06
CA LEU C 130 -39.26 -43.42 23.30
C LEU C 130 -40.12 -44.64 23.64
N THR C 131 -40.61 -44.69 24.88
CA THR C 131 -41.63 -45.64 25.29
CA THR C 131 -41.64 -45.65 25.26
C THR C 131 -42.82 -44.87 25.86
N ASP C 132 -44.01 -45.11 25.31
CA ASP C 132 -45.20 -44.35 25.69
C ASP C 132 -44.92 -42.85 25.62
N HIS C 133 -44.29 -42.42 24.53
CA HIS C 133 -43.99 -41.00 24.27
C HIS C 133 -43.10 -40.36 25.34
N THR C 134 -42.30 -41.19 26.01
CA THR C 134 -41.42 -40.74 27.09
C THR C 134 -40.00 -41.30 26.93
N PHE C 135 -39.01 -40.53 27.36
CA PHE C 135 -37.63 -40.99 27.31
C PHE C 135 -37.50 -42.37 27.98
N ASP C 136 -36.88 -43.30 27.29
CA ASP C 136 -36.65 -44.65 27.80
C ASP C 136 -35.22 -44.68 28.35
N LEU C 137 -35.09 -44.37 29.64
CA LEU C 137 -33.78 -44.21 30.25
C LEU C 137 -32.95 -45.49 30.25
N TYR C 138 -33.61 -46.65 30.37
CA TYR C 138 -32.90 -47.93 30.34
C TYR C 138 -32.33 -48.18 28.95
N ALA C 139 -33.16 -48.02 27.92
CA ALA C 139 -32.71 -48.18 26.54
C ALA C 139 -31.56 -47.23 26.23
N MET C 140 -31.61 -46.02 26.77
CA MET C 140 -30.55 -45.04 26.52
C MET C 140 -29.25 -45.52 27.14
N LEU C 141 -29.31 -45.95 28.39
CA LEU C 141 -28.12 -46.49 29.06
C LEU C 141 -27.49 -47.65 28.26
N ALA C 142 -28.32 -48.53 27.74
CA ALA C 142 -27.82 -49.67 26.97
C ALA C 142 -27.08 -49.29 25.69
N THR C 143 -27.28 -48.06 25.22
CA THR C 143 -26.66 -47.59 23.97
C THR C 143 -25.31 -46.89 24.21
N VAL C 144 -24.96 -46.71 25.48
CA VAL C 144 -23.71 -46.05 25.85
C VAL C 144 -22.51 -46.92 25.46
N THR C 145 -21.52 -46.31 24.83
CA THR C 145 -20.29 -46.97 24.42
C THR C 145 -19.06 -46.16 24.79
N ASP C 146 -17.90 -46.72 24.42
CA ASP C 146 -16.61 -46.04 24.49
C ASP C 146 -16.61 -44.68 23.78
N ARG C 147 -17.48 -44.53 22.77
CA ARG C 147 -17.51 -43.33 21.95
C ARG C 147 -18.54 -42.27 22.40
N THR C 148 -19.26 -42.55 23.49
CA THR C 148 -20.28 -41.61 23.97
C THR C 148 -19.63 -40.41 24.66
N ARG C 149 -19.94 -39.20 24.18
CA ARG C 149 -19.33 -38.00 24.76
C ARG C 149 -20.36 -37.06 25.39
N LEU C 150 -21.64 -37.29 25.10
CA LEU C 150 -22.68 -36.39 25.56
C LEU C 150 -24.02 -37.09 25.53
N ILE C 151 -24.81 -36.84 26.56
CA ILE C 151 -26.19 -37.33 26.61
C ILE C 151 -27.10 -36.14 26.87
N PHE C 152 -28.16 -36.02 26.06
CA PHE C 152 -29.23 -35.06 26.32
C PHE C 152 -30.42 -35.81 26.91
N VAL C 153 -30.96 -35.27 28.01
CA VAL C 153 -32.27 -35.66 28.52
C VAL C 153 -33.15 -34.42 28.50
N CYS C 154 -34.19 -34.46 27.67
CA CYS C 154 -35.09 -33.33 27.51
C CYS C 154 -36.32 -33.56 28.38
N ASN C 155 -36.50 -32.72 29.40
CA ASN C 155 -37.44 -33.02 30.49
C ASN C 155 -38.05 -31.75 31.07
N PRO C 156 -39.30 -31.41 30.69
CA PRO C 156 -40.18 -32.12 29.77
C PRO C 156 -39.64 -32.21 28.35
N ASN C 157 -40.00 -33.28 27.65
CA ASN C 157 -39.58 -33.47 26.28
C ASN C 157 -40.33 -32.57 25.30
N ASN C 158 -39.59 -32.02 24.35
CA ASN C 158 -40.15 -31.39 23.16
C ASN C 158 -39.86 -32.36 22.02
N PRO C 159 -40.90 -32.86 21.33
CA PRO C 159 -42.28 -32.38 21.32
C PRO C 159 -43.35 -33.15 22.10
N THR C 160 -43.00 -34.27 22.72
CA THR C 160 -44.01 -35.17 23.27
C THR C 160 -44.61 -34.75 24.62
N SER C 161 -44.01 -33.74 25.26
CA SER C 161 -44.55 -33.08 26.45
C SER C 161 -44.32 -33.81 27.78
N THR C 162 -43.84 -35.05 27.73
CA THR C 162 -43.74 -35.87 28.93
C THR C 162 -42.45 -35.68 29.73
N VAL C 163 -42.49 -36.13 30.97
CA VAL C 163 -41.29 -36.20 31.81
C VAL C 163 -41.06 -37.62 32.26
N VAL C 164 -39.81 -37.96 32.56
CA VAL C 164 -39.51 -39.23 33.22
C VAL C 164 -39.77 -39.06 34.70
N GLY C 165 -39.80 -40.17 35.44
CA GLY C 165 -39.95 -40.10 36.89
C GLY C 165 -38.78 -39.33 37.49
N PRO C 166 -39.06 -38.43 38.42
CA PRO C 166 -37.95 -37.68 39.04
C PRO C 166 -36.90 -38.59 39.69
N ASP C 167 -37.34 -39.61 40.43
CA ASP C 167 -36.40 -40.58 41.02
C ASP C 167 -35.69 -41.39 39.94
N ALA C 168 -36.42 -41.76 38.88
CA ALA C 168 -35.82 -42.50 37.77
C ALA C 168 -34.68 -41.73 37.11
N LEU C 169 -34.82 -40.40 37.03
CA LEU C 169 -33.80 -39.55 36.43
C LEU C 169 -32.52 -39.62 37.26
N ALA C 170 -32.66 -39.56 38.59
CA ALA C 170 -31.52 -39.68 39.49
C ALA C 170 -30.83 -41.03 39.33
N ARG C 171 -31.61 -42.11 39.36
CA ARG C 171 -31.07 -43.45 39.15
C ARG C 171 -30.25 -43.52 37.86
N PHE C 172 -30.81 -42.98 36.76
CA PHE C 172 -30.13 -42.96 35.48
C PHE C 172 -28.82 -42.19 35.57
N VAL C 173 -28.85 -41.02 36.19
CA VAL C 173 -27.64 -40.20 36.30
C VAL C 173 -26.56 -40.93 37.11
N GLU C 174 -26.97 -41.59 38.20
CA GLU C 174 -26.06 -42.40 39.01
C GLU C 174 -25.49 -43.57 38.23
N ALA C 175 -26.21 -44.06 37.22
CA ALA C 175 -25.81 -45.24 36.47
C ALA C 175 -24.94 -44.94 35.24
N VAL C 176 -25.02 -43.72 34.73
CA VAL C 176 -24.20 -43.33 33.57
C VAL C 176 -22.72 -43.26 33.99
N PRO C 177 -21.82 -43.83 33.18
CA PRO C 177 -20.39 -43.67 33.49
C PRO C 177 -20.03 -42.21 33.74
N ALA C 178 -19.32 -41.95 34.84
CA ALA C 178 -19.15 -40.61 35.35
C ALA C 178 -18.35 -39.64 34.46
N HIS C 179 -17.66 -40.15 33.45
CA HIS C 179 -16.88 -39.30 32.56
C HIS C 179 -17.71 -38.71 31.41
N ILE C 180 -18.99 -39.07 31.35
CA ILE C 180 -19.84 -38.66 30.23
C ILE C 180 -20.71 -37.50 30.65
N LEU C 181 -20.63 -36.39 29.92
CA LEU C 181 -21.40 -35.21 30.25
C LEU C 181 -22.88 -35.44 29.96
N ILE C 182 -23.72 -35.13 30.93
CA ILE C 182 -25.16 -35.25 30.80
C ILE C 182 -25.78 -33.86 30.85
N ALA C 183 -26.53 -33.52 29.80
CA ALA C 183 -27.25 -32.26 29.75
C ALA C 183 -28.73 -32.52 29.97
N ILE C 184 -29.28 -31.90 31.02
CA ILE C 184 -30.71 -31.97 31.27
C ILE C 184 -31.31 -30.67 30.75
N ASP C 185 -32.03 -30.79 29.64
CA ASP C 185 -32.68 -29.62 29.04
C ASP C 185 -34.01 -29.36 29.74
N GLU C 186 -34.08 -28.23 30.43
CA GLU C 186 -35.21 -27.92 31.30
C GLU C 186 -35.95 -26.68 30.85
N ALA C 187 -36.05 -26.52 29.53
CA ALA C 187 -36.77 -25.39 28.93
C ALA C 187 -38.21 -25.19 29.48
N TYR C 188 -38.89 -26.28 29.84
CA TYR C 188 -40.27 -26.21 30.34
C TYR C 188 -40.43 -26.60 31.82
N VAL C 189 -39.31 -26.62 32.56
CA VAL C 189 -39.32 -27.06 33.96
C VAL C 189 -40.33 -26.30 34.82
N GLU C 190 -40.56 -25.04 34.50
CA GLU C 190 -41.45 -24.20 35.28
C GLU C 190 -42.93 -24.65 35.21
N TYR C 191 -43.25 -25.52 34.26
CA TYR C 191 -44.61 -25.99 34.04
C TYR C 191 -44.89 -27.37 34.63
N ILE C 192 -43.85 -28.05 35.13
CA ILE C 192 -44.03 -29.37 35.72
C ILE C 192 -44.84 -29.28 37.02
N ARG C 193 -45.73 -30.25 37.23
CA ARG C 193 -46.55 -30.34 38.45
C ARG C 193 -46.72 -31.79 38.84
N ASP C 194 -47.59 -32.03 39.82
CA ASP C 194 -47.97 -33.39 40.23
C ASP C 194 -46.79 -34.12 40.83
N GLY C 195 -45.91 -33.39 41.50
CA GLY C 195 -44.75 -33.98 42.16
C GLY C 195 -43.72 -34.58 41.23
N MET C 196 -43.71 -34.15 39.97
CA MET C 196 -42.87 -34.78 38.96
C MET C 196 -41.59 -34.01 38.64
N ARG C 197 -41.41 -32.84 39.27
CA ARG C 197 -40.21 -32.06 39.03
C ARG C 197 -39.00 -32.74 39.67
N PRO C 198 -37.95 -33.01 38.89
CA PRO C 198 -36.79 -33.65 39.48
C PRO C 198 -35.97 -32.68 40.31
N ASP C 199 -35.06 -33.21 41.11
CA ASP C 199 -34.16 -32.38 41.92
C ASP C 199 -32.98 -31.97 41.05
N SER C 200 -33.28 -31.07 40.11
CA SER C 200 -32.36 -30.72 39.04
C SER C 200 -31.06 -30.15 39.58
N LEU C 201 -31.18 -29.15 40.44
CA LEU C 201 -30.01 -28.50 41.06
C LEU C 201 -29.24 -29.47 41.96
N GLY C 202 -29.95 -30.30 42.71
CA GLY C 202 -29.33 -31.34 43.50
C GLY C 202 -28.48 -32.28 42.68
N LEU C 203 -28.95 -32.62 41.47
CA LEU C 203 -28.15 -33.47 40.57
C LEU C 203 -26.87 -32.76 40.14
N VAL C 204 -26.95 -31.45 39.92
CA VAL C 204 -25.76 -30.69 39.55
C VAL C 204 -24.74 -30.73 40.70
N ARG C 205 -25.21 -30.52 41.92
CA ARG C 205 -24.32 -30.44 43.08
C ARG C 205 -23.63 -31.79 43.37
N ALA C 206 -24.35 -32.88 43.13
CA ALA C 206 -23.86 -34.22 43.46
C ALA C 206 -23.02 -34.87 42.35
N HIS C 207 -23.08 -34.32 41.13
CA HIS C 207 -22.39 -34.93 39.99
C HIS C 207 -21.70 -33.87 39.13
N ASN C 208 -20.39 -33.99 39.01
CA ASN C 208 -19.55 -33.05 38.25
CA ASN C 208 -19.61 -32.99 38.27
C ASN C 208 -19.88 -33.05 36.77
N ASN C 209 -20.54 -34.11 36.32
CA ASN C 209 -20.81 -34.31 34.90
C ASN C 209 -22.25 -34.00 34.45
N VAL C 210 -23.00 -33.30 35.28
CA VAL C 210 -24.38 -32.94 34.98
C VAL C 210 -24.45 -31.43 34.77
N VAL C 211 -25.07 -31.03 33.66
CA VAL C 211 -25.35 -29.62 33.36
CA VAL C 211 -25.37 -29.61 33.38
C VAL C 211 -26.86 -29.46 33.12
N VAL C 212 -27.44 -28.36 33.61
CA VAL C 212 -28.86 -28.08 33.39
C VAL C 212 -29.00 -26.86 32.48
N LEU C 213 -29.89 -26.97 31.50
CA LEU C 213 -30.17 -25.87 30.59
C LEU C 213 -31.55 -25.29 30.85
N ARG C 214 -31.61 -23.98 31.06
CA ARG C 214 -32.88 -23.28 31.22
C ARG C 214 -32.92 -22.04 30.32
N THR C 215 -34.10 -21.42 30.24
CA THR C 215 -34.32 -20.35 29.28
C THR C 215 -35.18 -19.22 29.82
N PHE C 216 -35.04 -18.04 29.23
CA PHE C 216 -35.93 -16.93 29.51
C PHE C 216 -37.06 -16.84 28.49
N SER C 217 -37.12 -17.79 27.55
CA SER C 217 -38.01 -17.65 26.39
C SER C 217 -39.49 -17.92 26.65
N LYS C 218 -39.80 -18.76 27.62
CA LYS C 218 -41.17 -19.20 27.81
C LYS C 218 -41.74 -18.58 29.07
N ALA C 219 -41.57 -19.26 30.20
CA ALA C 219 -42.04 -18.76 31.47
C ALA C 219 -41.70 -17.29 31.69
N TYR C 220 -40.46 -16.89 31.36
CA TYR C 220 -40.05 -15.50 31.60
C TYR C 220 -40.36 -14.54 30.43
N GLY C 221 -40.90 -15.08 29.35
CA GLY C 221 -41.49 -14.27 28.27
C GLY C 221 -40.55 -13.39 27.47
N LEU C 222 -39.32 -13.85 27.24
CA LEU C 222 -38.37 -13.07 26.44
C LEU C 222 -37.86 -13.84 25.21
N ALA C 223 -38.71 -14.64 24.59
CA ALA C 223 -38.36 -15.41 23.38
C ALA C 223 -37.70 -14.56 22.30
N GLY C 224 -38.11 -13.29 22.23
CA GLY C 224 -37.63 -12.39 21.22
C GLY C 224 -36.22 -11.88 21.44
N LEU C 225 -35.77 -11.92 22.69
CA LEU C 225 -34.48 -11.31 23.07
C LEU C 225 -33.31 -12.28 23.18
N ARG C 226 -33.61 -13.56 23.37
CA ARG C 226 -32.63 -14.66 23.21
C ARG C 226 -31.64 -14.75 24.37
N ILE C 227 -32.12 -15.27 25.50
CA ILE C 227 -31.26 -15.52 26.66
C ILE C 227 -31.55 -16.90 27.22
N GLY C 228 -30.55 -17.78 27.18
CA GLY C 228 -30.57 -19.07 27.85
C GLY C 228 -29.42 -19.15 28.85
N TYR C 229 -29.47 -20.14 29.73
CA TYR C 229 -28.38 -20.35 30.69
C TYR C 229 -28.17 -21.80 31.06
N ALA C 230 -26.94 -22.08 31.46
CA ALA C 230 -26.53 -23.41 31.87
C ALA C 230 -26.01 -23.36 33.31
N ILE C 231 -26.37 -24.36 34.08
CA ILE C 231 -25.92 -24.48 35.46
C ILE C 231 -25.09 -25.75 35.54
N GLY C 232 -23.83 -25.63 35.94
CA GLY C 232 -22.96 -26.81 35.97
C GLY C 232 -21.70 -26.65 36.79
N HIS C 233 -20.83 -27.66 36.72
CA HIS C 233 -19.54 -27.60 37.40
C HIS C 233 -18.70 -26.50 36.77
N PRO C 234 -17.98 -25.72 37.60
CA PRO C 234 -17.19 -24.60 37.09
C PRO C 234 -16.29 -24.92 35.89
N ASP C 235 -15.72 -26.12 35.84
CA ASP C 235 -14.85 -26.48 34.73
C ASP C 235 -15.63 -26.70 33.43
N VAL C 236 -16.83 -27.24 33.54
CA VAL C 236 -17.72 -27.36 32.39
C VAL C 236 -18.17 -25.97 31.92
N ILE C 237 -18.49 -25.10 32.86
CA ILE C 237 -18.95 -23.76 32.53
C ILE C 237 -17.82 -23.01 31.84
N THR C 238 -16.60 -23.15 32.35
CA THR C 238 -15.43 -22.53 31.74
C THR C 238 -15.28 -22.98 30.30
N ALA C 239 -15.46 -24.28 30.05
CA ALA C 239 -15.38 -24.82 28.70
C ALA C 239 -16.44 -24.20 27.77
N LEU C 240 -17.69 -24.20 28.22
CA LEU C 240 -18.78 -23.58 27.45
C LEU C 240 -18.43 -22.14 27.06
N ASP C 241 -17.84 -21.39 27.99
CA ASP C 241 -17.46 -20.00 27.76
C ASP C 241 -16.26 -19.85 26.82
N LYS C 242 -15.47 -20.90 26.65
CA LYS C 242 -14.39 -20.89 25.66
C LYS C 242 -14.93 -20.93 24.24
N VAL C 243 -16.04 -21.67 24.02
CA VAL C 243 -16.62 -21.81 22.69
C VAL C 243 -17.80 -20.86 22.44
N TYR C 244 -18.19 -20.13 23.48
CA TYR C 244 -19.19 -19.06 23.39
C TYR C 244 -18.81 -18.07 22.30
N VAL C 245 -19.74 -17.78 21.39
CA VAL C 245 -19.49 -16.74 20.37
C VAL C 245 -19.65 -15.38 21.04
N PRO C 246 -18.56 -14.58 21.09
CA PRO C 246 -18.55 -13.37 21.91
C PRO C 246 -19.66 -12.38 21.57
N PHE C 247 -20.17 -11.73 22.60
CA PHE C 247 -21.19 -10.67 22.46
C PHE C 247 -22.51 -11.13 21.85
N THR C 248 -22.75 -12.43 21.73
CA THR C 248 -24.01 -12.90 21.15
C THR C 248 -25.23 -12.65 22.06
N VAL C 249 -24.98 -12.57 23.36
CA VAL C 249 -26.02 -12.16 24.31
C VAL C 249 -26.02 -10.64 24.40
N SER C 250 -27.07 -10.03 23.85
CA SER C 250 -27.12 -8.58 23.66
C SER C 250 -27.26 -7.80 24.97
N SER C 251 -27.01 -6.50 24.92
CA SER C 251 -27.11 -5.66 26.12
C SER C 251 -28.55 -5.55 26.57
N ILE C 252 -29.44 -5.40 25.60
CA ILE C 252 -30.85 -5.35 25.85
C ILE C 252 -31.33 -6.68 26.41
N GLY C 253 -30.84 -7.78 25.85
CA GLY C 253 -31.13 -9.10 26.41
C GLY C 253 -30.72 -9.26 27.87
N GLN C 254 -29.51 -8.83 28.19
CA GLN C 254 -29.02 -8.94 29.56
C GLN C 254 -29.87 -8.06 30.48
N ALA C 255 -30.14 -6.83 30.05
CA ALA C 255 -30.91 -5.90 30.89
C ALA C 255 -32.31 -6.44 31.16
N ALA C 256 -32.93 -6.97 30.10
CA ALA C 256 -34.27 -7.53 30.19
C ALA C 256 -34.32 -8.76 31.08
N ALA C 257 -33.31 -9.63 30.97
CA ALA C 257 -33.28 -10.85 31.80
C ALA C 257 -33.13 -10.51 33.27
N ILE C 258 -32.24 -9.59 33.60
CA ILE C 258 -32.01 -9.22 34.99
C ILE C 258 -33.32 -8.70 35.61
N ALA C 259 -34.00 -7.83 34.88
CA ALA C 259 -35.28 -7.29 35.33
C ALA C 259 -36.35 -8.39 35.48
N SER C 260 -36.36 -9.37 34.59
CA SER C 260 -37.28 -10.50 34.68
C SER C 260 -37.01 -11.34 35.92
N LEU C 261 -35.74 -11.50 36.27
CA LEU C 261 -35.38 -12.24 37.48
C LEU C 261 -35.90 -11.51 38.72
N ASP C 262 -35.86 -10.18 38.69
CA ASP C 262 -36.41 -9.36 39.78
C ASP C 262 -37.91 -9.58 39.92
N ALA C 263 -38.57 -9.95 38.82
CA ALA C 263 -40.01 -10.17 38.80
C ALA C 263 -40.36 -11.65 38.72
N ALA C 264 -39.45 -12.52 39.14
CA ALA C 264 -39.68 -13.96 39.07
C ALA C 264 -40.96 -14.43 39.76
N ASP C 265 -41.29 -13.85 40.92
CA ASP C 265 -42.50 -14.26 41.64
C ASP C 265 -43.74 -14.09 40.78
N GLU C 266 -43.92 -12.88 40.25
CA GLU C 266 -45.05 -12.56 39.37
C GLU C 266 -45.04 -13.46 38.12
N LEU C 267 -43.91 -13.53 37.44
CA LEU C 267 -43.83 -14.32 36.20
C LEU C 267 -44.10 -15.79 36.44
N LEU C 268 -43.53 -16.36 37.51
CA LEU C 268 -43.72 -17.77 37.81
C LEU C 268 -45.15 -18.09 38.26
N ALA C 269 -45.77 -17.13 38.94
CA ALA C 269 -47.16 -17.29 39.39
C ALA C 269 -48.08 -17.51 38.19
N ARG C 270 -47.72 -16.92 37.04
CA ARG C 270 -48.55 -17.02 35.82
C ARG C 270 -48.59 -18.43 35.24
N THR C 271 -47.60 -19.25 35.55
CA THR C 271 -47.55 -20.60 35.00
C THR C 271 -48.71 -21.45 35.52
N ASP C 272 -49.26 -21.10 36.68
CA ASP C 272 -50.41 -21.84 37.23
C ASP C 272 -51.63 -21.81 36.31
N THR C 273 -51.91 -20.65 35.72
CA THR C 273 -52.98 -20.48 34.75
C THR C 273 -52.75 -21.32 33.49
N VAL C 274 -51.51 -21.35 33.00
CA VAL C 274 -51.17 -22.20 31.87
C VAL C 274 -51.48 -23.65 32.19
N VAL C 275 -51.02 -24.10 33.36
CA VAL C 275 -51.23 -25.48 33.76
C VAL C 275 -52.74 -25.83 33.84
N ALA C 276 -53.56 -24.88 34.29
CA ALA C 276 -55.00 -25.11 34.37
C ALA C 276 -55.60 -25.26 32.97
N GLU C 277 -55.15 -24.44 32.04
CA GLU C 277 -55.59 -24.55 30.66
C GLU C 277 -55.13 -25.85 30.02
N ARG C 278 -53.91 -26.27 30.33
CA ARG C 278 -53.34 -27.50 29.78
C ARG C 278 -54.17 -28.71 30.18
N ALA C 279 -54.61 -28.73 31.45
CA ALA C 279 -55.46 -29.80 31.94
C ALA C 279 -56.84 -29.77 31.26
N ARG C 280 -57.40 -28.59 31.09
CA ARG C 280 -58.71 -28.43 30.46
C ARG C 280 -58.65 -28.86 28.99
N VAL C 281 -57.66 -28.34 28.27
CA VAL C 281 -57.46 -28.72 26.87
C VAL C 281 -57.30 -30.24 26.73
N SER C 282 -56.50 -30.83 27.62
CA SER C 282 -56.26 -32.27 27.57
C SER C 282 -57.56 -33.06 27.78
N ALA C 283 -58.37 -32.63 28.74
CA ALA C 283 -59.64 -33.31 29.03
C ALA C 283 -60.59 -33.21 27.84
N GLU C 284 -60.66 -32.03 27.23
CA GLU C 284 -61.58 -31.77 26.13
C GLU C 284 -61.21 -32.58 24.89
N LEU C 285 -59.91 -32.66 24.62
CA LEU C 285 -59.41 -33.47 23.52
C LEU C 285 -59.74 -34.93 23.75
N ARG C 286 -59.56 -35.40 24.99
CA ARG C 286 -59.81 -36.79 25.33
C ARG C 286 -61.29 -37.17 25.25
N ALA C 287 -62.17 -36.25 25.62
CA ALA C 287 -63.61 -36.44 25.46
C ALA C 287 -63.99 -36.53 23.97
N ALA C 288 -63.30 -35.77 23.13
CA ALA C 288 -63.55 -35.78 21.69
C ALA C 288 -63.04 -37.03 20.99
N GLY C 289 -62.25 -37.83 21.71
CA GLY C 289 -61.74 -39.10 21.19
C GLY C 289 -60.26 -39.11 20.84
N PHE C 290 -59.58 -37.99 21.08
CA PHE C 290 -58.12 -37.94 20.91
C PHE C 290 -57.42 -38.67 22.05
N THR C 291 -56.31 -39.34 21.75
CA THR C 291 -55.46 -39.93 22.77
C THR C 291 -54.14 -39.18 22.79
N LEU C 292 -53.77 -38.67 23.96
CA LEU C 292 -52.52 -37.93 24.12
C LEU C 292 -51.86 -38.29 25.45
N PRO C 293 -50.52 -38.22 25.53
CA PRO C 293 -49.85 -38.52 26.78
C PRO C 293 -49.97 -37.40 27.81
N PRO C 294 -49.59 -37.69 29.08
CA PRO C 294 -49.64 -36.67 30.14
C PRO C 294 -48.58 -35.59 29.97
N SER C 295 -49.02 -34.36 29.75
CA SER C 295 -48.11 -33.24 29.52
C SER C 295 -47.68 -32.56 30.81
N GLN C 296 -46.41 -32.15 30.85
CA GLN C 296 -45.88 -31.32 31.94
C GLN C 296 -45.21 -30.06 31.41
N ALA C 297 -45.55 -29.68 30.18
CA ALA C 297 -44.98 -28.47 29.54
C ALA C 297 -46.09 -27.46 29.31
N ASN C 298 -45.88 -26.49 28.43
CA ASN C 298 -46.93 -25.55 28.03
C ASN C 298 -47.50 -25.89 26.66
N PHE C 299 -47.55 -27.18 26.36
CA PHE C 299 -48.10 -27.66 25.11
C PHE C 299 -48.54 -29.11 25.29
N VAL C 300 -49.34 -29.58 24.34
CA VAL C 300 -49.75 -30.98 24.29
C VAL C 300 -49.28 -31.62 22.99
N TRP C 301 -49.21 -32.95 23.00
CA TRP C 301 -48.72 -33.74 21.88
C TRP C 301 -49.84 -34.62 21.38
N LEU C 302 -50.19 -34.48 20.10
CA LEU C 302 -51.19 -35.33 19.47
C LEU C 302 -50.52 -36.30 18.51
N PRO C 303 -50.42 -37.59 18.89
CA PRO C 303 -49.75 -38.60 18.07
C PRO C 303 -50.63 -39.10 16.92
N LEU C 304 -50.83 -38.24 15.92
CA LEU C 304 -51.75 -38.52 14.81
C LEU C 304 -51.13 -39.29 13.65
N GLY C 305 -49.86 -39.66 13.77
CA GLY C 305 -49.21 -40.48 12.74
C GLY C 305 -49.27 -39.86 11.35
N SER C 306 -49.79 -40.63 10.41
CA SER C 306 -49.86 -40.19 9.01
C SER C 306 -50.86 -39.05 8.80
N ARG C 307 -51.79 -38.88 9.73
CA ARG C 307 -52.78 -37.79 9.65
C ARG C 307 -52.26 -36.42 10.12
N THR C 308 -50.99 -36.33 10.52
CA THR C 308 -50.49 -35.06 11.10
C THR C 308 -50.44 -33.95 10.06
N GLN C 309 -49.97 -34.25 8.85
CA GLN C 309 -49.84 -33.24 7.82
C GLN C 309 -51.21 -32.61 7.53
N ASP C 310 -52.21 -33.46 7.31
CA ASP C 310 -53.57 -33.00 7.06
C ASP C 310 -54.11 -32.16 8.22
N PHE C 311 -53.96 -32.67 9.45
CA PHE C 311 -54.39 -31.93 10.63
C PHE C 311 -53.85 -30.49 10.60
N VAL C 312 -52.55 -30.35 10.41
CA VAL C 312 -51.90 -29.04 10.50
C VAL C 312 -52.35 -28.11 9.37
N GLU C 313 -52.48 -28.67 8.17
CA GLU C 313 -52.91 -27.90 7.00
C GLU C 313 -54.35 -27.38 7.17
N GLN C 314 -55.25 -28.24 7.65
CA GLN C 314 -56.63 -27.82 7.87
C GLN C 314 -56.72 -26.80 8.99
N ALA C 315 -55.86 -26.94 10.01
CA ALA C 315 -55.83 -25.96 11.08
C ALA C 315 -55.45 -24.61 10.48
N ALA C 316 -54.45 -24.62 9.58
CA ALA C 316 -53.97 -23.39 8.93
C ALA C 316 -55.06 -22.69 8.11
N ASP C 317 -55.91 -23.47 7.46
CA ASP C 317 -57.08 -22.92 6.75
C ASP C 317 -58.03 -22.23 7.72
N ALA C 318 -58.19 -22.79 8.92
CA ALA C 318 -58.99 -22.15 9.96
C ALA C 318 -58.20 -21.07 10.71
N ARG C 319 -57.09 -20.63 10.14
CA ARG C 319 -56.24 -19.60 10.74
C ARG C 319 -55.71 -19.98 12.13
N ILE C 320 -55.37 -21.26 12.29
CA ILE C 320 -54.74 -21.73 13.52
C ILE C 320 -53.40 -22.39 13.18
N VAL C 321 -52.33 -21.91 13.80
CA VAL C 321 -51.00 -22.42 13.53
C VAL C 321 -50.56 -23.36 14.64
N VAL C 322 -50.37 -24.63 14.26
CA VAL C 322 -49.83 -25.67 15.15
C VAL C 322 -48.64 -26.35 14.43
N ARG C 323 -47.83 -27.14 15.15
CA ARG C 323 -46.56 -27.59 14.60
C ARG C 323 -46.48 -29.09 14.27
N PRO C 324 -46.27 -29.42 12.99
CA PRO C 324 -46.19 -30.81 12.59
C PRO C 324 -44.81 -31.37 12.83
N TYR C 325 -44.74 -32.63 13.20
CA TYR C 325 -43.46 -33.34 13.27
C TYR C 325 -43.57 -34.63 12.47
N GLY C 326 -43.16 -34.53 11.21
CA GLY C 326 -43.17 -35.64 10.26
C GLY C 326 -44.48 -36.38 10.19
N THR C 327 -44.42 -37.69 10.33
CA THR C 327 -45.61 -38.53 10.39
C THR C 327 -45.75 -39.07 11.80
N ASP C 328 -45.24 -38.32 12.77
CA ASP C 328 -45.30 -38.73 14.17
C ASP C 328 -46.50 -38.07 14.84
N GLY C 329 -46.48 -36.75 14.91
CA GLY C 329 -47.52 -36.03 15.63
C GLY C 329 -47.51 -34.54 15.46
N VAL C 330 -48.42 -33.91 16.19
CA VAL C 330 -48.61 -32.47 16.18
C VAL C 330 -48.42 -31.95 17.60
N ARG C 331 -47.63 -30.88 17.74
CA ARG C 331 -47.42 -30.23 19.02
C ARG C 331 -48.26 -28.94 19.05
N VAL C 332 -49.14 -28.84 20.03
CA VAL C 332 -50.05 -27.72 20.15
C VAL C 332 -49.79 -26.96 21.45
N THR C 333 -49.44 -25.69 21.32
CA THR C 333 -49.14 -24.86 22.47
C THR C 333 -50.44 -24.53 23.21
N VAL C 334 -50.35 -24.48 24.54
CA VAL C 334 -51.44 -24.02 25.36
C VAL C 334 -51.22 -22.52 25.60
N ALA C 335 -52.17 -21.70 25.15
CA ALA C 335 -52.02 -20.26 25.23
C ALA C 335 -53.25 -19.62 25.91
N ALA C 336 -53.73 -18.49 25.40
CA ALA C 336 -54.89 -17.82 25.99
C ALA C 336 -56.14 -18.68 25.85
N PRO C 337 -57.04 -18.67 26.85
CA PRO C 337 -58.23 -19.53 26.84
C PRO C 337 -59.06 -19.49 25.53
N GLU C 338 -59.22 -18.29 24.98
CA GLU C 338 -60.03 -18.11 23.76
C GLU C 338 -59.30 -18.65 22.55
N GLU C 339 -57.97 -18.64 22.58
CA GLU C 339 -57.18 -19.26 21.51
C GLU C 339 -57.32 -20.77 21.64
N ASN C 340 -57.21 -21.25 22.87
CA ASN C 340 -57.40 -22.67 23.16
C ASN C 340 -58.79 -23.17 22.76
N ASP C 341 -59.80 -22.34 22.96
CA ASP C 341 -61.17 -22.72 22.59
C ASP C 341 -61.32 -22.79 21.08
N ALA C 342 -60.70 -21.85 20.38
CA ALA C 342 -60.70 -21.85 18.91
C ALA C 342 -60.02 -23.12 18.40
N PHE C 343 -58.91 -23.49 19.02
CA PHE C 343 -58.22 -24.72 18.64
C PHE C 343 -59.11 -25.94 18.90
N LEU C 344 -59.77 -25.98 20.06
CA LEU C 344 -60.61 -27.13 20.41
C LEU C 344 -61.81 -27.27 19.47
N ARG C 345 -62.41 -26.14 19.09
CA ARG C 345 -63.50 -26.17 18.13
C ARG C 345 -63.03 -26.80 16.82
N PHE C 346 -61.86 -26.38 16.35
CA PHE C 346 -61.30 -26.98 15.13
C PHE C 346 -61.04 -28.46 15.30
N ALA C 347 -60.40 -28.83 16.40
CA ALA C 347 -60.01 -30.23 16.64
C ALA C 347 -61.24 -31.15 16.70
N ARG C 348 -62.29 -30.68 17.35
CA ARG C 348 -63.55 -31.43 17.42
C ARG C 348 -64.18 -31.65 16.05
N ARG C 349 -64.25 -30.58 15.25
CA ARG C 349 -64.76 -30.70 13.88
C ARG C 349 -63.92 -31.70 13.08
N TRP C 350 -62.60 -31.53 13.14
CA TRP C 350 -61.70 -32.36 12.37
C TRP C 350 -61.88 -33.82 12.70
N ARG C 351 -62.00 -34.12 13.99
CA ARG C 351 -62.08 -35.52 14.39
C ARG C 351 -63.37 -36.19 13.94
N SER C 352 -64.48 -35.48 14.07
CA SER C 352 -65.78 -36.04 13.70
C SER C 352 -65.88 -36.22 12.19
N ASP C 353 -65.09 -35.46 11.43
CA ASP C 353 -64.98 -35.63 9.99
C ASP C 353 -64.15 -36.84 9.57
N GLN C 354 -63.35 -37.39 10.49
CA GLN C 354 -62.65 -38.64 10.19
C GLN C 354 -63.63 -39.79 10.43
N VAL D 2 30.76 -10.70 -1.43
CA VAL D 2 30.10 -10.29 -2.71
C VAL D 2 29.96 -8.78 -2.78
N THR D 3 30.25 -8.24 -3.97
CA THR D 3 30.14 -6.81 -4.26
C THR D 3 29.18 -6.67 -5.44
N ALA D 4 28.67 -5.46 -5.69
CA ALA D 4 27.85 -5.21 -6.88
C ALA D 4 28.73 -5.41 -8.10
N ARG D 5 28.23 -6.13 -9.09
CA ARG D 5 28.98 -6.39 -10.30
C ARG D 5 28.92 -5.19 -11.26
N LEU D 6 30.08 -4.61 -11.51
CA LEU D 6 30.21 -3.48 -12.43
C LEU D 6 30.93 -3.98 -13.68
N ARG D 7 30.84 -3.22 -14.78
CA ARG D 7 31.51 -3.60 -16.01
C ARG D 7 33.02 -3.65 -15.81
N PRO D 8 33.66 -4.73 -16.28
CA PRO D 8 35.09 -4.91 -16.06
C PRO D 8 35.96 -3.80 -16.64
N GLU D 9 35.57 -3.25 -17.80
CA GLU D 9 36.38 -2.21 -18.47
C GLU D 9 36.59 -0.94 -17.66
N LEU D 10 35.77 -0.72 -16.64
CA LEU D 10 35.91 0.48 -15.80
C LEU D 10 37.27 0.54 -15.13
N ALA D 11 37.79 -0.62 -14.74
CA ALA D 11 39.12 -0.69 -14.13
C ALA D 11 40.16 -0.41 -15.21
N GLY D 12 40.95 0.64 -15.02
CA GLY D 12 41.91 1.07 -16.05
C GLY D 12 41.49 2.35 -16.72
N LEU D 13 40.21 2.71 -16.61
CA LEU D 13 39.74 4.01 -17.06
C LEU D 13 40.34 5.06 -16.12
N PRO D 14 40.47 6.31 -16.59
CA PRO D 14 41.12 7.34 -15.76
C PRO D 14 40.38 7.66 -14.45
N VAL D 15 41.11 7.58 -13.33
CA VAL D 15 40.62 8.01 -12.03
C VAL D 15 41.25 9.34 -11.64
N TYR D 16 40.43 10.38 -11.63
CA TYR D 16 40.92 11.73 -11.36
C TYR D 16 41.09 11.96 -9.86
N VAL D 17 42.24 12.50 -9.49
CA VAL D 17 42.55 12.79 -8.10
C VAL D 17 42.42 14.30 -7.90
N PRO D 18 41.58 14.72 -6.94
CA PRO D 18 41.52 16.15 -6.63
C PRO D 18 42.91 16.75 -6.42
N GLY D 19 43.25 17.76 -7.22
CA GLY D 19 44.58 18.36 -7.18
C GLY D 19 44.74 19.36 -6.04
N LYS D 20 45.97 19.50 -5.56
CA LYS D 20 46.30 20.44 -4.49
C LYS D 20 46.03 21.89 -4.96
N THR D 21 44.98 22.50 -4.46
CA THR D 21 44.65 23.88 -4.84
C THR D 21 45.24 24.89 -3.85
N VAL D 22 46.34 25.52 -4.25
CA VAL D 22 47.05 26.45 -3.38
C VAL D 22 46.55 27.88 -3.62
N PRO D 23 46.21 28.59 -2.54
CA PRO D 23 45.84 30.01 -2.64
C PRO D 23 46.88 30.81 -3.42
N GLY D 24 46.41 31.64 -4.35
CA GLY D 24 47.26 32.53 -5.12
C GLY D 24 48.07 31.88 -6.23
N ALA D 25 47.80 30.61 -6.52
CA ALA D 25 48.51 29.93 -7.59
C ALA D 25 48.12 30.55 -8.93
N ILE D 26 49.04 30.54 -9.88
CA ILE D 26 48.77 31.06 -11.23
C ILE D 26 48.21 29.93 -12.10
N LYS D 27 46.99 30.09 -12.58
CA LYS D 27 46.27 29.01 -13.26
C LYS D 27 46.51 28.96 -14.76
N LEU D 28 47.41 28.07 -15.19
CA LEU D 28 47.76 27.96 -16.61
C LEU D 28 47.60 26.54 -17.14
N ALA D 29 46.62 25.82 -16.59
CA ALA D 29 46.49 24.41 -16.86
C ALA D 29 45.15 24.00 -17.45
N SER D 30 44.25 24.95 -17.70
CA SER D 30 42.89 24.64 -18.17
C SER D 30 42.38 25.45 -19.38
N ASN D 31 43.26 26.20 -20.02
CA ASN D 31 42.92 26.99 -21.21
C ASN D 31 41.77 27.97 -21.00
N GLU D 32 41.64 28.48 -19.78
CA GLU D 32 40.63 29.51 -19.49
C GLU D 32 41.11 30.90 -19.92
N THR D 33 40.19 31.73 -20.41
CA THR D 33 40.46 33.15 -20.59
C THR D 33 40.31 33.83 -19.22
N VAL D 34 40.86 35.03 -19.08
CA VAL D 34 41.06 35.60 -17.74
C VAL D 34 40.00 36.62 -17.28
N PHE D 35 39.05 36.99 -18.12
CA PHE D 35 38.10 38.06 -17.78
C PHE D 35 36.74 37.55 -17.37
N GLY D 36 36.19 38.18 -16.33
CA GLY D 36 34.87 37.86 -15.83
C GLY D 36 33.77 38.26 -16.81
N PRO D 37 32.51 38.07 -16.42
CA PRO D 37 31.40 38.26 -17.33
C PRO D 37 31.10 39.71 -17.63
N LEU D 38 30.77 40.00 -18.88
CA LEU D 38 30.28 41.31 -19.29
C LEU D 38 29.02 41.66 -18.53
N PRO D 39 28.77 42.96 -18.35
CA PRO D 39 27.52 43.41 -17.73
C PRO D 39 26.26 42.76 -18.31
N SER D 40 26.23 42.59 -19.63
CA SER D 40 25.07 42.01 -20.31
C SER D 40 24.92 40.52 -19.98
N VAL D 41 26.06 39.85 -19.81
CA VAL D 41 26.07 38.44 -19.49
C VAL D 41 25.67 38.21 -18.03
N ARG D 42 26.26 38.96 -17.11
CA ARG D 42 25.87 38.89 -15.70
CA ARG D 42 25.88 38.93 -15.69
C ARG D 42 24.38 39.21 -15.53
N ALA D 43 23.86 40.14 -16.34
CA ALA D 43 22.45 40.52 -16.26
C ALA D 43 21.55 39.35 -16.63
N ALA D 44 21.91 38.64 -17.70
CA ALA D 44 21.12 37.50 -18.14
C ALA D 44 21.12 36.39 -17.09
N ILE D 45 22.29 36.16 -16.48
CA ILE D 45 22.43 35.18 -15.42
C ILE D 45 21.56 35.55 -14.22
N ASP D 46 21.62 36.82 -13.80
CA ASP D 46 20.82 37.31 -12.68
C ASP D 46 19.31 37.15 -12.92
N ARG D 47 18.84 37.46 -14.12
CA ARG D 47 17.41 37.34 -14.41
C ARG D 47 16.95 35.89 -14.50
N ALA D 48 17.75 35.04 -15.13
CA ALA D 48 17.42 33.61 -15.21
C ALA D 48 17.38 32.99 -13.80
N THR D 49 18.18 33.54 -12.91
CA THR D 49 18.21 33.11 -11.51
C THR D 49 16.87 33.31 -10.82
N ASP D 50 16.09 34.30 -11.28
CA ASP D 50 14.76 34.55 -10.72
C ASP D 50 13.84 33.33 -10.78
N THR D 51 14.02 32.47 -11.79
CA THR D 51 13.13 31.32 -11.98
C THR D 51 13.91 30.01 -11.91
N VAL D 52 14.90 29.95 -11.01
CA VAL D 52 15.76 28.78 -10.89
C VAL D 52 14.99 27.55 -10.36
N ASN D 53 13.82 27.77 -9.76
CA ASN D 53 12.92 26.68 -9.44
C ASN D 53 12.29 25.99 -10.65
N ARG D 54 12.43 26.57 -11.84
CA ARG D 54 11.87 26.01 -13.06
C ARG D 54 12.94 25.28 -13.88
N TYR D 55 12.55 24.19 -14.55
CA TYR D 55 13.43 23.47 -15.46
C TYR D 55 13.86 24.34 -16.67
N PRO D 56 15.06 24.11 -17.20
CA PRO D 56 15.43 24.79 -18.44
C PRO D 56 14.51 24.42 -19.59
N ASP D 57 14.62 25.16 -20.68
CA ASP D 57 14.04 24.72 -21.94
C ASP D 57 14.89 23.54 -22.42
N ASN D 58 14.29 22.36 -22.45
CA ASN D 58 15.00 21.19 -22.92
C ASN D 58 15.51 21.36 -24.34
N GLY D 59 14.72 22.03 -25.17
CA GLY D 59 15.05 22.21 -26.58
C GLY D 59 16.03 23.33 -26.87
N CYS D 60 16.35 24.16 -25.88
CA CYS D 60 17.28 25.27 -26.06
C CYS D 60 16.89 26.06 -27.31
N VAL D 61 15.61 26.35 -27.45
CA VAL D 61 15.09 26.89 -28.69
C VAL D 61 15.67 28.27 -29.02
N GLN D 62 15.59 29.20 -28.08
CA GLN D 62 16.15 30.54 -28.31
C GLN D 62 17.66 30.47 -28.57
N LEU D 63 18.37 29.59 -27.87
CA LEU D 63 19.81 29.46 -28.05
C LEU D 63 20.16 28.93 -29.45
N LYS D 64 19.41 27.93 -29.91
CA LYS D 64 19.65 27.37 -31.22
C LYS D 64 19.39 28.40 -32.31
N ALA D 65 18.35 29.21 -32.10
CA ALA D 65 18.01 30.28 -33.03
C ALA D 65 19.11 31.33 -33.08
N ALA D 66 19.62 31.69 -31.90
CA ALA D 66 20.72 32.65 -31.80
C ALA D 66 21.95 32.11 -32.50
N LEU D 67 22.24 30.83 -32.27
CA LEU D 67 23.40 30.19 -32.89
C LEU D 67 23.23 30.10 -34.42
N ALA D 68 22.02 29.79 -34.88
CA ALA D 68 21.78 29.69 -36.33
C ALA D 68 21.94 31.08 -36.98
N ARG D 69 21.47 32.11 -36.31
CA ARG D 69 21.64 33.49 -36.77
C ARG D 69 23.12 33.87 -36.77
N HIS D 70 23.85 33.41 -35.76
CA HIS D 70 25.29 33.66 -35.62
C HIS D 70 26.07 32.97 -36.74
N LEU D 71 25.62 31.78 -37.12
CA LEU D 71 26.29 31.02 -38.16
C LEU D 71 25.94 31.53 -39.57
N GLY D 72 24.84 32.27 -39.68
CA GLY D 72 24.50 32.93 -40.93
C GLY D 72 23.47 32.22 -41.80
N PRO D 73 23.29 32.72 -43.04
CA PRO D 73 22.19 32.33 -43.93
C PRO D 73 22.12 30.86 -44.32
N ASP D 74 23.25 30.15 -44.29
CA ASP D 74 23.28 28.76 -44.70
C ASP D 74 22.88 27.79 -43.60
N PHE D 75 22.63 28.30 -42.39
CA PHE D 75 22.35 27.42 -41.25
C PHE D 75 21.06 27.77 -40.53
N ALA D 76 20.27 26.75 -40.23
CA ALA D 76 19.02 26.89 -39.49
C ALA D 76 19.13 26.19 -38.14
N PRO D 77 18.15 26.40 -37.25
CA PRO D 77 18.23 25.73 -35.95
C PRO D 77 18.39 24.21 -36.10
N GLU D 78 17.86 23.65 -37.19
CA GLU D 78 17.91 22.21 -37.43
C GLU D 78 19.33 21.69 -37.63
N HIS D 79 20.28 22.58 -37.93
CA HIS D 79 21.68 22.21 -38.09
C HIS D 79 22.46 22.27 -36.78
N VAL D 80 21.79 22.60 -35.67
CA VAL D 80 22.50 22.84 -34.41
C VAL D 80 22.05 21.93 -33.28
N ALA D 81 23.01 21.23 -32.66
CA ALA D 81 22.77 20.57 -31.37
C ALA D 81 23.53 21.32 -30.25
N VAL D 82 23.00 21.28 -29.03
CA VAL D 82 23.61 21.97 -27.90
C VAL D 82 23.86 20.97 -26.79
N GLY D 83 25.03 21.07 -26.14
CA GLY D 83 25.44 20.14 -25.10
C GLY D 83 25.97 20.82 -23.84
N CYS D 84 25.94 20.08 -22.74
CA CYS D 84 26.52 20.56 -21.48
C CYS D 84 28.03 20.49 -21.61
N GLY D 85 28.56 21.53 -22.24
CA GLY D 85 29.92 21.52 -22.74
C GLY D 85 30.00 20.67 -23.98
N SER D 86 30.98 20.95 -24.82
CA SER D 86 31.19 20.10 -25.98
C SER D 86 31.78 18.75 -25.57
N VAL D 87 32.30 18.63 -24.33
CA VAL D 87 32.67 17.30 -23.80
C VAL D 87 31.47 16.36 -23.77
N SER D 88 30.28 16.89 -23.48
CA SER D 88 29.04 16.11 -23.54
C SER D 88 28.69 15.72 -24.97
N LEU D 89 28.93 16.63 -25.90
CA LEU D 89 28.70 16.33 -27.31
C LEU D 89 29.67 15.28 -27.84
N CYS D 90 30.88 15.21 -27.28
CA CYS D 90 31.84 14.19 -27.70
C CYS D 90 31.33 12.80 -27.31
N GLN D 91 30.75 12.67 -26.10
CA GLN D 91 30.16 11.40 -25.71
C GLN D 91 28.97 11.09 -26.59
N GLN D 92 28.12 12.09 -26.84
CA GLN D 92 26.93 11.90 -27.68
C GLN D 92 27.28 11.41 -29.08
N LEU D 93 28.37 11.91 -29.65
CA LEU D 93 28.83 11.46 -30.96
C LEU D 93 29.18 9.97 -30.92
N VAL D 94 29.87 9.55 -29.87
CA VAL D 94 30.20 8.15 -29.73
C VAL D 94 28.92 7.33 -29.57
N GLN D 95 27.95 7.86 -28.82
CA GLN D 95 26.71 7.14 -28.56
C GLN D 95 25.83 7.00 -29.79
N VAL D 96 25.91 7.92 -30.74
CA VAL D 96 25.09 7.77 -31.93
C VAL D 96 25.75 6.88 -33.00
N THR D 97 27.05 6.63 -32.88
CA THR D 97 27.80 5.92 -33.91
C THR D 97 28.36 4.56 -33.52
N ALA D 98 28.82 4.42 -32.27
CA ALA D 98 29.70 3.30 -31.92
C ALA D 98 29.16 2.40 -30.80
N SER D 99 29.32 1.10 -30.99
CA SER D 99 28.99 0.11 -29.95
C SER D 99 30.09 -0.96 -29.93
N VAL D 100 29.78 -2.10 -29.32
CA VAL D 100 30.77 -3.17 -29.09
C VAL D 100 31.46 -3.59 -30.37
N GLY D 101 32.78 -3.73 -30.32
CA GLY D 101 33.54 -4.12 -31.50
C GLY D 101 33.76 -3.01 -32.52
N ASP D 102 33.01 -1.92 -32.42
CA ASP D 102 33.17 -0.79 -33.34
C ASP D 102 34.46 -0.02 -33.06
N GLU D 103 34.95 0.69 -34.07
CA GLU D 103 36.20 1.43 -33.95
C GLU D 103 36.00 2.93 -34.06
N VAL D 104 36.70 3.68 -33.21
CA VAL D 104 36.68 5.13 -33.28
C VAL D 104 38.12 5.56 -33.50
N VAL D 105 38.37 6.26 -34.61
CA VAL D 105 39.72 6.69 -34.98
C VAL D 105 39.99 8.15 -34.58
N PHE D 106 41.13 8.37 -33.92
CA PHE D 106 41.60 9.72 -33.65
C PHE D 106 43.12 9.74 -33.54
N GLY D 107 43.71 10.89 -33.84
CA GLY D 107 45.15 11.08 -33.62
C GLY D 107 45.46 11.03 -32.14
N TRP D 108 46.70 10.68 -31.80
CA TRP D 108 47.11 10.58 -30.40
C TRP D 108 48.62 10.91 -30.28
N ARG D 109 49.01 11.82 -29.39
CA ARG D 109 48.15 12.37 -28.33
C ARG D 109 47.11 13.39 -28.80
N SER D 110 45.89 13.23 -28.28
CA SER D 110 44.83 14.19 -28.52
C SER D 110 44.00 14.37 -27.24
N PHE D 111 42.74 14.80 -27.40
CA PHE D 111 41.89 15.13 -26.27
C PHE D 111 41.76 13.96 -25.31
N GLU D 112 42.04 14.19 -24.04
CA GLU D 112 42.10 13.10 -23.06
C GLU D 112 40.78 12.34 -22.86
N LEU D 113 39.64 12.92 -23.22
CA LEU D 113 38.35 12.22 -23.02
C LEU D 113 37.94 11.28 -24.15
N TYR D 114 38.62 11.35 -25.30
CA TYR D 114 38.26 10.50 -26.43
C TYR D 114 38.32 8.98 -26.06
N PRO D 115 39.49 8.49 -25.55
CA PRO D 115 39.59 7.07 -25.19
C PRO D 115 38.57 6.55 -24.16
N PRO D 116 38.47 7.19 -22.99
CA PRO D 116 37.49 6.72 -22.02
C PRO D 116 36.05 6.74 -22.53
N GLN D 117 35.66 7.76 -23.27
CA GLN D 117 34.28 7.86 -23.77
C GLN D 117 34.02 6.74 -24.80
N VAL D 118 35.03 6.43 -25.61
CA VAL D 118 34.95 5.33 -26.56
C VAL D 118 34.84 3.98 -25.83
N ARG D 119 35.66 3.78 -24.81
CA ARG D 119 35.63 2.52 -24.07
C ARG D 119 34.34 2.32 -23.26
N VAL D 120 33.78 3.42 -22.76
CA VAL D 120 32.50 3.37 -22.03
C VAL D 120 31.36 2.90 -22.94
N ALA D 121 31.38 3.34 -24.20
CA ALA D 121 30.42 2.86 -25.20
C ALA D 121 30.68 1.41 -25.63
N GLY D 122 31.80 0.83 -25.18
CA GLY D 122 32.16 -0.54 -25.50
C GLY D 122 32.99 -0.64 -26.77
N ALA D 123 33.35 0.51 -27.35
CA ALA D 123 34.03 0.55 -28.65
C ALA D 123 35.55 0.55 -28.49
N ILE D 124 36.27 0.46 -29.61
CA ILE D 124 37.72 0.32 -29.58
C ILE D 124 38.36 1.61 -30.09
N PRO D 125 39.14 2.29 -29.23
CA PRO D 125 39.78 3.52 -29.68
C PRO D 125 41.00 3.17 -30.54
N ILE D 126 41.07 3.78 -31.72
CA ILE D 126 42.19 3.56 -32.62
C ILE D 126 43.03 4.83 -32.60
N GLN D 127 44.14 4.75 -31.88
CA GLN D 127 44.94 5.91 -31.51
C GLN D 127 46.14 6.03 -32.43
N VAL D 128 46.00 6.88 -33.44
CA VAL D 128 46.98 6.98 -34.50
C VAL D 128 48.02 8.04 -34.13
N PRO D 129 49.31 7.66 -34.06
CA PRO D 129 50.33 8.58 -33.59
C PRO D 129 50.50 9.82 -34.44
N LEU D 130 50.95 10.89 -33.82
CA LEU D 130 51.17 12.14 -34.53
C LEU D 130 52.46 12.07 -35.33
N THR D 131 52.58 12.99 -36.27
CA THR D 131 53.87 13.28 -36.90
CA THR D 131 53.86 13.27 -36.90
C THR D 131 54.18 14.75 -36.63
N ASP D 132 55.35 15.01 -36.09
CA ASP D 132 55.77 16.37 -35.81
C ASP D 132 54.73 17.11 -34.96
N HIS D 133 54.18 16.42 -33.96
CA HIS D 133 53.20 16.98 -33.03
C HIS D 133 51.90 17.40 -33.69
N THR D 134 51.59 16.76 -34.82
CA THR D 134 50.45 17.13 -35.66
C THR D 134 49.69 15.90 -36.13
N PHE D 135 48.35 16.01 -36.18
CA PHE D 135 47.52 14.92 -36.70
C PHE D 135 48.08 14.47 -38.03
N ASP D 136 48.17 13.16 -38.19
CA ASP D 136 48.72 12.57 -39.39
C ASP D 136 47.58 12.00 -40.22
N LEU D 137 46.99 12.85 -41.06
CA LEU D 137 45.77 12.50 -41.76
C LEU D 137 45.89 11.26 -42.65
N TYR D 138 47.05 11.06 -43.25
CA TYR D 138 47.26 9.89 -44.10
C TYR D 138 47.31 8.58 -43.31
N ALA D 139 48.00 8.59 -42.17
CA ALA D 139 48.04 7.42 -41.30
C ALA D 139 46.62 7.10 -40.82
N MET D 140 45.88 8.14 -40.46
CA MET D 140 44.53 7.98 -39.97
C MET D 140 43.63 7.38 -41.04
N LEU D 141 43.76 7.89 -42.27
CA LEU D 141 43.02 7.34 -43.40
C LEU D 141 43.35 5.87 -43.63
N ALA D 142 44.62 5.50 -43.50
CA ALA D 142 45.07 4.12 -43.70
C ALA D 142 44.60 3.17 -42.58
N THR D 143 44.04 3.75 -41.52
CA THR D 143 43.56 3.00 -40.37
C THR D 143 42.09 2.62 -40.55
N VAL D 144 41.40 3.26 -41.49
CA VAL D 144 39.97 3.03 -41.69
C VAL D 144 39.70 1.59 -42.09
N THR D 145 38.67 1.00 -41.47
CA THR D 145 38.24 -0.36 -41.79
C THR D 145 36.72 -0.34 -41.94
N ASP D 146 36.09 -1.50 -42.12
CA ASP D 146 34.63 -1.55 -42.19
C ASP D 146 33.96 -1.40 -40.82
N ARG D 147 34.74 -1.47 -39.75
CA ARG D 147 34.21 -1.26 -38.39
C ARG D 147 34.37 0.17 -37.89
N THR D 148 34.98 1.04 -38.70
CA THR D 148 35.15 2.43 -38.31
C THR D 148 33.80 3.16 -38.33
N ARG D 149 33.36 3.64 -37.16
CA ARG D 149 32.08 4.34 -37.01
C ARG D 149 32.22 5.84 -36.81
N LEU D 150 33.39 6.29 -36.40
CA LEU D 150 33.58 7.70 -36.03
C LEU D 150 35.05 8.07 -36.14
N ILE D 151 35.31 9.27 -36.66
CA ILE D 151 36.64 9.84 -36.71
C ILE D 151 36.66 11.22 -36.08
N PHE D 152 37.59 11.43 -35.16
CA PHE D 152 37.81 12.75 -34.54
C PHE D 152 39.05 13.41 -35.15
N VAL D 153 38.86 14.62 -35.66
CA VAL D 153 39.98 15.50 -36.00
C VAL D 153 39.91 16.68 -35.03
N CYS D 154 40.88 16.76 -34.13
CA CYS D 154 40.97 17.88 -33.19
C CYS D 154 41.84 19.01 -33.78
N ASN D 155 41.22 20.13 -34.13
CA ASN D 155 41.92 21.15 -34.92
C ASN D 155 41.52 22.55 -34.48
N PRO D 156 42.40 23.25 -33.75
CA PRO D 156 43.74 22.83 -33.29
C PRO D 156 43.68 21.69 -32.29
N ASN D 157 44.75 20.89 -32.25
CA ASN D 157 44.85 19.77 -31.33
C ASN D 157 45.10 20.19 -29.87
N ASN D 158 44.36 19.58 -28.95
CA ASN D 158 44.70 19.60 -27.54
C ASN D 158 45.27 18.21 -27.24
N PRO D 159 46.51 18.14 -26.74
CA PRO D 159 47.32 19.21 -26.15
C PRO D 159 48.47 19.79 -26.97
N THR D 160 48.72 19.31 -28.18
CA THR D 160 49.94 19.70 -28.89
C THR D 160 49.88 21.04 -29.63
N SER D 161 48.70 21.65 -29.66
CA SER D 161 48.49 23.04 -30.11
C SER D 161 48.40 23.28 -31.62
N THR D 162 48.74 22.28 -32.42
CA THR D 162 48.96 22.49 -33.84
C THR D 162 47.70 22.28 -34.68
N VAL D 163 47.75 22.75 -35.92
CA VAL D 163 46.67 22.45 -36.88
C VAL D 163 47.22 21.78 -38.12
N VAL D 164 46.40 20.96 -38.77
CA VAL D 164 46.76 20.44 -40.10
C VAL D 164 46.55 21.53 -41.12
N GLY D 165 47.03 21.33 -42.36
CA GLY D 165 46.79 22.30 -43.42
C GLY D 165 45.30 22.41 -43.70
N PRO D 166 44.77 23.65 -43.87
CA PRO D 166 43.35 23.78 -44.13
C PRO D 166 42.87 23.05 -45.38
N ASP D 167 43.67 23.11 -46.45
CA ASP D 167 43.37 22.41 -47.70
C ASP D 167 43.57 20.90 -47.54
N ALA D 168 44.58 20.54 -46.74
CA ALA D 168 44.84 19.14 -46.41
C ALA D 168 43.67 18.51 -45.64
N LEU D 169 42.98 19.29 -44.81
CA LEU D 169 41.81 18.79 -44.09
C LEU D 169 40.70 18.46 -45.07
N ALA D 170 40.40 19.40 -45.97
CA ALA D 170 39.40 19.14 -47.02
C ALA D 170 39.72 17.85 -47.83
N ARG D 171 40.98 17.66 -48.19
CA ARG D 171 41.36 16.46 -48.96
C ARG D 171 41.15 15.18 -48.14
N PHE D 172 41.46 15.24 -46.85
CA PHE D 172 41.23 14.10 -45.96
C PHE D 172 39.74 13.74 -45.91
N VAL D 173 38.91 14.76 -45.70
CA VAL D 173 37.46 14.58 -45.60
C VAL D 173 36.89 14.04 -46.92
N GLU D 174 37.37 14.57 -48.04
CA GLU D 174 36.97 14.08 -49.35
C GLU D 174 37.34 12.62 -49.56
N ALA D 175 38.43 12.18 -48.94
CA ALA D 175 38.95 10.82 -49.12
C ALA D 175 38.34 9.76 -48.19
N VAL D 176 37.76 10.17 -47.07
CA VAL D 176 37.16 9.22 -46.12
C VAL D 176 35.84 8.68 -46.67
N PRO D 177 35.64 7.35 -46.61
CA PRO D 177 34.37 6.83 -47.12
C PRO D 177 33.19 7.61 -46.56
N ALA D 178 32.19 7.84 -47.40
CA ALA D 178 31.17 8.84 -47.14
C ALA D 178 30.21 8.50 -46.01
N HIS D 179 30.15 7.23 -45.64
CA HIS D 179 29.22 6.79 -44.59
C HIS D 179 29.80 6.97 -43.17
N ILE D 180 31.07 7.33 -43.07
CA ILE D 180 31.71 7.46 -41.75
C ILE D 180 31.56 8.87 -41.19
N LEU D 181 31.02 8.98 -39.99
CA LEU D 181 30.89 10.29 -39.35
C LEU D 181 32.27 10.84 -38.98
N ILE D 182 32.52 12.08 -39.40
CA ILE D 182 33.76 12.78 -39.09
C ILE D 182 33.42 13.98 -38.22
N ALA D 183 33.98 14.01 -37.02
CA ALA D 183 33.78 15.13 -36.10
C ALA D 183 35.02 15.99 -36.05
N ILE D 184 34.86 17.26 -36.42
CA ILE D 184 35.96 18.21 -36.37
C ILE D 184 35.83 19.03 -35.09
N ASP D 185 36.70 18.76 -34.13
CA ASP D 185 36.64 19.42 -32.82
C ASP D 185 37.32 20.79 -32.86
N GLU D 186 36.52 21.85 -32.81
CA GLU D 186 37.01 23.23 -32.98
C GLU D 186 36.95 24.03 -31.69
N ALA D 187 37.28 23.39 -30.57
CA ALA D 187 37.37 24.07 -29.28
C ALA D 187 38.19 25.39 -29.36
N TYR D 188 39.23 25.42 -30.18
CA TYR D 188 40.15 26.56 -30.22
C TYR D 188 40.20 27.29 -31.57
N VAL D 189 39.19 27.07 -32.41
CA VAL D 189 39.20 27.58 -33.78
C VAL D 189 39.36 29.10 -33.84
N GLU D 190 38.88 29.78 -32.80
CA GLU D 190 38.90 31.23 -32.76
C GLU D 190 40.31 31.81 -32.56
N TYR D 191 41.26 30.96 -32.23
CA TYR D 191 42.65 31.41 -32.02
C TYR D 191 43.54 31.17 -33.24
N ILE D 192 43.00 30.51 -34.27
CA ILE D 192 43.79 30.20 -35.47
C ILE D 192 44.10 31.47 -36.28
N ARG D 193 45.33 31.61 -36.71
CA ARG D 193 45.75 32.76 -37.51
C ARG D 193 46.60 32.28 -38.66
N ASP D 194 47.29 33.20 -39.36
CA ASP D 194 48.20 32.85 -40.47
C ASP D 194 47.55 32.08 -41.61
N GLY D 195 46.28 32.35 -41.88
CA GLY D 195 45.56 31.67 -42.97
C GLY D 195 45.41 30.16 -42.79
N MET D 196 45.52 29.68 -41.56
CA MET D 196 45.49 28.24 -41.34
C MET D 196 44.10 27.72 -40.99
N ARG D 197 43.15 28.62 -40.75
CA ARG D 197 41.81 28.18 -40.41
C ARG D 197 41.14 27.53 -41.62
N PRO D 198 40.59 26.32 -41.44
CA PRO D 198 39.91 25.67 -42.56
C PRO D 198 38.49 26.19 -42.79
N ASP D 199 37.95 25.90 -43.96
CA ASP D 199 36.56 26.24 -44.27
C ASP D 199 35.68 25.19 -43.61
N SER D 200 35.52 25.32 -42.29
CA SER D 200 34.86 24.33 -41.47
C SER D 200 33.39 24.21 -41.85
N LEU D 201 32.69 25.34 -41.86
CA LEU D 201 31.28 25.40 -42.24
C LEU D 201 31.06 24.94 -43.68
N GLY D 202 32.03 25.21 -44.55
CA GLY D 202 32.00 24.73 -45.93
C GLY D 202 32.11 23.23 -46.01
N LEU D 203 32.88 22.62 -45.10
CA LEU D 203 32.98 21.16 -45.07
C LEU D 203 31.67 20.56 -44.58
N VAL D 204 31.05 21.21 -43.59
CA VAL D 204 29.73 20.77 -43.11
C VAL D 204 28.68 20.82 -44.24
N ARG D 205 28.71 21.88 -45.04
CA ARG D 205 27.72 22.05 -46.11
C ARG D 205 27.90 21.02 -47.23
N ALA D 206 29.14 20.71 -47.56
CA ALA D 206 29.41 19.85 -48.73
C ALA D 206 29.45 18.37 -48.39
N HIS D 207 29.51 18.05 -47.10
CA HIS D 207 29.62 16.66 -46.67
C HIS D 207 28.64 16.39 -45.53
N ASN D 208 27.58 15.63 -45.80
CA ASN D 208 26.59 15.31 -44.78
C ASN D 208 27.09 14.38 -43.66
N ASN D 209 28.30 13.86 -43.78
CA ASN D 209 28.91 13.07 -42.71
C ASN D 209 29.94 13.85 -41.90
N VAL D 210 29.92 15.18 -42.02
CA VAL D 210 30.84 16.02 -41.26
C VAL D 210 30.08 16.81 -40.22
N VAL D 211 30.58 16.77 -38.98
CA VAL D 211 30.05 17.56 -37.88
CA VAL D 211 30.04 17.60 -37.90
C VAL D 211 31.15 18.41 -37.24
N VAL D 212 30.82 19.64 -36.89
CA VAL D 212 31.78 20.56 -36.28
C VAL D 212 31.36 20.82 -34.84
N LEU D 213 32.30 20.66 -33.92
CA LEU D 213 32.05 20.96 -32.51
C LEU D 213 32.70 22.26 -32.11
N ARG D 214 31.95 23.13 -31.46
CA ARG D 214 32.51 24.33 -30.86
C ARG D 214 32.03 24.50 -29.44
N THR D 215 32.59 25.50 -28.74
CA THR D 215 32.34 25.72 -27.31
C THR D 215 32.21 27.20 -26.93
N PHE D 216 31.53 27.43 -25.81
CA PHE D 216 31.44 28.75 -25.20
C PHE D 216 32.48 28.92 -24.08
N SER D 217 33.28 27.88 -23.85
CA SER D 217 34.12 27.79 -22.65
C SER D 217 35.38 28.63 -22.68
N LYS D 218 35.94 28.84 -23.88
CA LYS D 218 37.23 29.52 -24.03
C LYS D 218 37.06 30.96 -24.51
N ALA D 219 37.06 31.17 -25.82
CA ALA D 219 36.95 32.52 -26.38
C ALA D 219 35.69 33.27 -25.91
N TYR D 220 34.58 32.58 -25.70
CA TYR D 220 33.37 33.25 -25.17
C TYR D 220 33.30 33.34 -23.65
N GLY D 221 34.22 32.67 -22.95
CA GLY D 221 34.43 32.92 -21.53
C GLY D 221 33.39 32.39 -20.56
N LEU D 222 32.75 31.27 -20.91
CA LEU D 222 31.72 30.69 -20.04
C LEU D 222 32.06 29.27 -19.59
N ALA D 223 33.34 29.00 -19.36
CA ALA D 223 33.82 27.69 -18.89
C ALA D 223 33.07 27.13 -17.67
N GLY D 224 32.58 28.02 -16.80
CA GLY D 224 31.85 27.60 -15.60
C GLY D 224 30.39 27.23 -15.82
N LEU D 225 29.82 27.60 -16.97
CA LEU D 225 28.39 27.42 -17.25
C LEU D 225 28.05 26.25 -18.18
N ARG D 226 29.03 25.80 -18.96
CA ARG D 226 28.93 24.51 -19.67
C ARG D 226 27.94 24.55 -20.83
N ILE D 227 28.34 25.22 -21.91
CA ILE D 227 27.57 25.22 -23.16
C ILE D 227 28.52 24.92 -24.32
N GLY D 228 28.23 23.82 -25.02
CA GLY D 228 28.94 23.47 -26.26
C GLY D 228 27.91 23.32 -27.36
N TYR D 229 28.34 23.35 -28.62
CA TYR D 229 27.42 23.14 -29.73
C TYR D 229 28.04 22.37 -30.88
N ALA D 230 27.19 21.66 -31.62
CA ALA D 230 27.59 20.92 -32.82
C ALA D 230 26.87 21.46 -34.05
N ILE D 231 27.58 21.53 -35.16
CA ILE D 231 27.02 21.96 -36.43
C ILE D 231 27.12 20.78 -37.41
N GLY D 232 25.98 20.36 -37.95
CA GLY D 232 25.97 19.16 -38.79
C GLY D 232 24.70 19.03 -39.62
N HIS D 233 24.63 17.93 -40.38
CA HIS D 233 23.43 17.59 -41.15
C HIS D 233 22.25 17.36 -40.20
N PRO D 234 21.04 17.82 -40.58
CA PRO D 234 19.85 17.72 -39.73
C PRO D 234 19.57 16.33 -39.13
N ASP D 235 19.83 15.27 -39.88
CA ASP D 235 19.68 13.89 -39.39
C ASP D 235 20.68 13.55 -38.29
N VAL D 236 21.92 14.02 -38.42
CA VAL D 236 22.96 13.79 -37.41
C VAL D 236 22.62 14.54 -36.13
N ILE D 237 22.12 15.75 -36.28
CA ILE D 237 21.69 16.56 -35.14
C ILE D 237 20.49 15.93 -34.41
N THR D 238 19.52 15.46 -35.17
CA THR D 238 18.36 14.78 -34.62
C THR D 238 18.81 13.58 -33.79
N ALA D 239 19.81 12.87 -34.29
CA ALA D 239 20.35 11.69 -33.62
C ALA D 239 21.03 12.10 -32.32
N LEU D 240 21.75 13.21 -32.37
CA LEU D 240 22.44 13.73 -31.19
C LEU D 240 21.46 14.10 -30.11
N ASP D 241 20.30 14.61 -30.51
CA ASP D 241 19.29 15.07 -29.56
C ASP D 241 18.47 13.92 -28.98
N LYS D 242 18.57 12.74 -29.60
CA LYS D 242 17.96 11.54 -29.03
C LYS D 242 18.78 10.98 -27.86
N VAL D 243 20.09 11.20 -27.87
CA VAL D 243 20.94 10.70 -26.79
C VAL D 243 21.34 11.81 -25.80
N TYR D 244 21.00 13.05 -26.13
CA TYR D 244 21.14 14.20 -25.22
C TYR D 244 20.46 13.88 -23.88
N VAL D 245 21.20 14.04 -22.77
CA VAL D 245 20.59 13.91 -21.43
C VAL D 245 19.75 15.16 -21.20
N PRO D 246 18.43 15.01 -21.03
CA PRO D 246 17.55 16.16 -20.93
C PRO D 246 17.91 17.15 -19.86
N PHE D 247 17.72 18.43 -20.19
CA PHE D 247 17.89 19.55 -19.28
C PHE D 247 19.31 19.79 -18.79
N THR D 248 20.31 19.13 -19.39
CA THR D 248 21.69 19.27 -18.92
C THR D 248 22.28 20.65 -19.21
N VAL D 249 21.75 21.32 -20.23
CA VAL D 249 22.08 22.72 -20.52
C VAL D 249 21.17 23.63 -19.70
N SER D 250 21.75 24.25 -18.67
CA SER D 250 20.97 24.97 -17.67
C SER D 250 20.35 26.22 -18.27
N SER D 251 19.38 26.78 -17.56
CA SER D 251 18.73 28.03 -17.98
C SER D 251 19.72 29.19 -17.99
N ILE D 252 20.55 29.24 -16.95
CA ILE D 252 21.55 30.29 -16.83
C ILE D 252 22.57 30.13 -17.94
N GLY D 253 22.95 28.89 -18.23
CA GLY D 253 23.84 28.61 -19.34
C GLY D 253 23.30 29.10 -20.67
N GLN D 254 22.03 28.81 -20.95
CA GLN D 254 21.42 29.21 -22.22
C GLN D 254 21.42 30.74 -22.34
N ALA D 255 20.97 31.42 -21.29
CA ALA D 255 20.82 32.88 -21.28
C ALA D 255 22.17 33.57 -21.43
N ALA D 256 23.17 33.10 -20.69
CA ALA D 256 24.51 33.61 -20.79
C ALA D 256 25.09 33.39 -22.18
N ALA D 257 24.83 32.22 -22.76
CA ALA D 257 25.30 31.93 -24.12
C ALA D 257 24.68 32.86 -25.16
N ILE D 258 23.37 33.10 -25.07
CA ILE D 258 22.70 34.04 -25.99
C ILE D 258 23.30 35.45 -25.86
N ALA D 259 23.46 35.91 -24.62
CA ALA D 259 24.10 37.22 -24.35
C ALA D 259 25.52 37.29 -24.88
N SER D 260 26.25 36.18 -24.82
CA SER D 260 27.62 36.16 -25.32
C SER D 260 27.68 36.24 -26.85
N LEU D 261 26.75 35.55 -27.50
CA LEU D 261 26.63 35.64 -28.96
C LEU D 261 26.39 37.08 -29.41
N ASP D 262 25.56 37.82 -28.67
CA ASP D 262 25.28 39.22 -28.96
C ASP D 262 26.55 40.07 -28.85
N ALA D 263 27.41 39.73 -27.88
CA ALA D 263 28.65 40.44 -27.65
C ALA D 263 29.83 39.80 -28.41
N ALA D 264 29.53 39.05 -29.46
CA ALA D 264 30.54 38.32 -30.19
C ALA D 264 31.66 39.21 -30.76
N ASP D 265 31.32 40.39 -31.27
CA ASP D 265 32.34 41.29 -31.82
C ASP D 265 33.42 41.57 -30.78
N GLU D 266 33.01 41.93 -29.57
CA GLU D 266 33.91 42.23 -28.45
C GLU D 266 34.73 41.00 -28.06
N LEU D 267 34.04 39.89 -27.79
CA LEU D 267 34.69 38.69 -27.27
C LEU D 267 35.70 38.11 -28.25
N LEU D 268 35.35 38.05 -29.52
CA LEU D 268 36.24 37.52 -30.55
C LEU D 268 37.45 38.42 -30.78
N ALA D 269 37.28 39.72 -30.55
CA ALA D 269 38.33 40.70 -30.77
C ALA D 269 39.41 40.51 -29.71
N ARG D 270 38.99 40.08 -28.52
CA ARG D 270 39.94 39.81 -27.45
C ARG D 270 40.93 38.70 -27.79
N THR D 271 40.60 37.86 -28.76
CA THR D 271 41.48 36.75 -29.15
C THR D 271 42.78 37.21 -29.80
N ASP D 272 42.74 38.39 -30.42
CA ASP D 272 43.94 38.99 -31.00
C ASP D 272 45.02 39.27 -29.92
N THR D 273 44.60 39.69 -28.73
CA THR D 273 45.52 39.88 -27.60
C THR D 273 46.15 38.56 -27.18
N VAL D 274 45.34 37.52 -27.06
CA VAL D 274 45.83 36.19 -26.70
C VAL D 274 46.87 35.72 -27.70
N VAL D 275 46.57 35.90 -28.98
CA VAL D 275 47.48 35.54 -30.06
C VAL D 275 48.85 36.25 -29.98
N ALA D 276 48.83 37.53 -29.60
CA ALA D 276 50.08 38.30 -29.48
C ALA D 276 50.90 37.78 -28.30
N GLU D 277 50.26 37.58 -27.16
CA GLU D 277 50.90 36.93 -26.00
C GLU D 277 51.46 35.56 -26.37
N ARG D 278 50.71 34.80 -27.16
CA ARG D 278 51.15 33.47 -27.63
C ARG D 278 52.42 33.55 -28.44
N ALA D 279 52.51 34.54 -29.31
CA ALA D 279 53.70 34.74 -30.13
C ALA D 279 54.90 35.10 -29.26
N ARG D 280 54.70 36.02 -28.32
CA ARG D 280 55.76 36.48 -27.42
C ARG D 280 56.25 35.36 -26.50
N VAL D 281 55.31 34.72 -25.82
CA VAL D 281 55.62 33.54 -25.01
C VAL D 281 56.41 32.50 -25.82
N SER D 282 55.95 32.22 -27.03
CA SER D 282 56.63 31.27 -27.91
C SER D 282 58.05 31.74 -28.24
N ALA D 283 58.22 33.03 -28.52
CA ALA D 283 59.55 33.57 -28.84
C ALA D 283 60.48 33.47 -27.63
N GLU D 284 59.99 33.90 -26.47
CA GLU D 284 60.80 33.94 -25.26
C GLU D 284 61.28 32.54 -24.86
N LEU D 285 60.40 31.54 -25.04
CA LEU D 285 60.73 30.15 -24.75
C LEU D 285 61.81 29.61 -25.68
N ARG D 286 61.72 29.96 -26.96
CA ARG D 286 62.70 29.52 -27.95
C ARG D 286 64.07 30.18 -27.73
N ALA D 287 64.07 31.45 -27.37
CA ALA D 287 65.30 32.16 -27.03
C ALA D 287 65.95 31.59 -25.77
N ALA D 288 65.13 31.06 -24.86
CA ALA D 288 65.63 30.44 -23.63
C ALA D 288 66.07 28.98 -23.83
N GLY D 289 65.84 28.44 -25.02
CA GLY D 289 66.31 27.10 -25.36
C GLY D 289 65.24 26.00 -25.30
N PHE D 290 63.97 26.38 -25.34
CA PHE D 290 62.91 25.37 -25.47
C PHE D 290 62.54 25.21 -26.94
N THR D 291 62.17 24.00 -27.33
CA THR D 291 61.53 23.79 -28.64
C THR D 291 60.04 23.57 -28.43
N LEU D 292 59.24 24.11 -29.35
CA LEU D 292 57.79 23.93 -29.30
C LEU D 292 57.22 24.11 -30.70
N PRO D 293 56.17 23.34 -31.04
CA PRO D 293 55.62 23.49 -32.37
C PRO D 293 54.83 24.80 -32.55
N PRO D 294 54.48 25.13 -33.81
CA PRO D 294 53.63 26.29 -34.07
C PRO D 294 52.23 26.10 -33.48
N SER D 295 51.87 26.95 -32.54
CA SER D 295 50.58 26.87 -31.87
C SER D 295 49.54 27.73 -32.57
N GLN D 296 48.34 27.19 -32.75
CA GLN D 296 47.22 27.96 -33.26
C GLN D 296 46.05 27.96 -32.28
N ALA D 297 46.37 27.77 -31.00
CA ALA D 297 45.35 27.72 -29.94
C ALA D 297 45.66 28.78 -28.89
N ASN D 298 45.07 28.69 -27.70
CA ASN D 298 45.42 29.62 -26.62
C ASN D 298 46.33 28.97 -25.56
N PHE D 299 47.24 28.14 -26.03
CA PHE D 299 48.19 27.45 -25.17
C PHE D 299 49.36 27.00 -26.03
N VAL D 300 50.47 26.67 -25.38
CA VAL D 300 51.62 26.14 -26.10
C VAL D 300 51.92 24.74 -25.58
N TRP D 301 52.65 23.97 -26.38
CA TRP D 301 53.03 22.58 -26.05
C TRP D 301 54.54 22.40 -25.94
N LEU D 302 55.01 21.96 -24.78
CA LEU D 302 56.44 21.72 -24.57
C LEU D 302 56.71 20.22 -24.51
N PRO D 303 57.30 19.66 -25.57
CA PRO D 303 57.53 18.22 -25.65
C PRO D 303 58.75 17.79 -24.81
N LEU D 304 58.62 17.85 -23.49
CA LEU D 304 59.75 17.62 -22.60
C LEU D 304 60.00 16.14 -22.29
N GLY D 305 59.15 15.26 -22.79
CA GLY D 305 59.37 13.83 -22.62
C GLY D 305 59.39 13.43 -21.16
N SER D 306 60.43 12.70 -20.76
CA SER D 306 60.49 12.15 -19.41
C SER D 306 60.81 13.22 -18.35
N ARG D 307 61.01 14.46 -18.78
CA ARG D 307 61.22 15.58 -17.85
C ARG D 307 59.92 16.32 -17.51
N THR D 308 58.78 15.87 -18.04
CA THR D 308 57.53 16.64 -17.90
C THR D 308 57.02 16.61 -16.46
N GLN D 309 57.11 15.47 -15.79
CA GLN D 309 56.61 15.37 -14.42
C GLN D 309 57.36 16.36 -13.52
N ASP D 310 58.68 16.38 -13.66
CA ASP D 310 59.53 17.26 -12.87
C ASP D 310 59.28 18.74 -13.17
N PHE D 311 59.15 19.07 -14.46
CA PHE D 311 58.83 20.42 -14.87
C PHE D 311 57.57 20.91 -14.16
N VAL D 312 56.54 20.07 -14.17
CA VAL D 312 55.24 20.45 -13.63
C VAL D 312 55.24 20.60 -12.11
N GLU D 313 55.90 19.66 -11.43
CA GLU D 313 56.02 19.71 -9.97
C GLU D 313 56.80 20.95 -9.51
N GLN D 314 57.88 21.28 -10.20
CA GLN D 314 58.66 22.46 -9.85
C GLN D 314 57.90 23.75 -10.12
N ALA D 315 57.10 23.75 -11.18
CA ALA D 315 56.23 24.90 -11.45
C ALA D 315 55.22 25.08 -10.33
N ALA D 316 54.66 23.96 -9.85
CA ALA D 316 53.69 23.97 -8.76
C ALA D 316 54.32 24.51 -7.47
N ASP D 317 55.52 24.03 -7.14
CA ASP D 317 56.30 24.56 -6.01
C ASP D 317 56.47 26.08 -6.10
N ALA D 318 56.61 26.57 -7.32
CA ALA D 318 56.72 28.01 -7.57
C ALA D 318 55.35 28.67 -7.81
N ARG D 319 54.28 27.99 -7.42
CA ARG D 319 52.91 28.52 -7.49
C ARG D 319 52.39 28.72 -8.91
N ILE D 320 52.90 27.95 -9.86
CA ILE D 320 52.45 28.01 -11.24
C ILE D 320 51.88 26.67 -11.67
N VAL D 321 50.60 26.66 -12.03
CA VAL D 321 49.90 25.43 -12.42
C VAL D 321 49.88 25.26 -13.95
N VAL D 322 50.59 24.26 -14.45
CA VAL D 322 50.52 23.87 -15.85
C VAL D 322 50.17 22.38 -15.94
N ARG D 323 49.80 21.90 -17.12
CA ARG D 323 49.24 20.55 -17.24
C ARG D 323 50.19 19.50 -17.81
N PRO D 324 50.45 18.43 -17.03
CA PRO D 324 51.32 17.37 -17.49
C PRO D 324 50.56 16.34 -18.32
N TYR D 325 51.24 15.75 -19.30
CA TYR D 325 50.69 14.63 -20.03
C TYR D 325 51.74 13.53 -20.12
N GLY D 326 51.68 12.62 -19.14
CA GLY D 326 52.54 11.45 -19.06
C GLY D 326 54.01 11.78 -19.23
N THR D 327 54.64 11.13 -20.20
CA THR D 327 56.04 11.38 -20.51
C THR D 327 56.13 11.93 -21.93
N ASP D 328 55.12 12.69 -22.32
CA ASP D 328 55.09 13.30 -23.64
C ASP D 328 55.43 14.77 -23.55
N GLY D 329 54.67 15.52 -22.77
CA GLY D 329 54.87 16.96 -22.73
C GLY D 329 54.02 17.72 -21.73
N VAL D 330 54.15 19.04 -21.76
CA VAL D 330 53.44 19.92 -20.84
C VAL D 330 52.67 20.95 -21.65
N ARG D 331 51.39 21.08 -21.35
CA ARG D 331 50.57 22.10 -22.00
C ARG D 331 50.47 23.29 -21.07
N VAL D 332 50.84 24.46 -21.60
CA VAL D 332 50.88 25.72 -20.84
C VAL D 332 49.91 26.72 -21.46
N THR D 333 48.90 27.13 -20.71
CA THR D 333 47.92 28.10 -21.20
C THR D 333 48.55 29.50 -21.29
N VAL D 334 48.20 30.19 -22.36
CA VAL D 334 48.60 31.58 -22.54
C VAL D 334 47.49 32.41 -21.93
N ALA D 335 47.82 33.19 -20.91
CA ALA D 335 46.80 33.94 -20.19
C ALA D 335 47.22 35.41 -20.02
N ALA D 336 47.03 36.00 -18.84
CA ALA D 336 47.39 37.41 -18.63
C ALA D 336 48.91 37.61 -18.76
N PRO D 337 49.33 38.81 -19.20
CA PRO D 337 50.75 39.09 -19.42
C PRO D 337 51.65 38.84 -18.20
N GLU D 338 51.21 39.22 -17.00
CA GLU D 338 52.02 39.00 -15.79
C GLU D 338 52.09 37.51 -15.47
N GLU D 339 51.02 36.80 -15.76
CA GLU D 339 50.97 35.36 -15.48
C GLU D 339 51.93 34.68 -16.41
N ASN D 340 51.91 35.10 -17.68
CA ASN D 340 52.85 34.59 -18.69
C ASN D 340 54.30 34.94 -18.36
N ASP D 341 54.53 36.16 -17.89
CA ASP D 341 55.88 36.57 -17.45
C ASP D 341 56.37 35.66 -16.32
N ALA D 342 55.49 35.40 -15.35
CA ALA D 342 55.81 34.53 -14.19
C ALA D 342 56.12 33.12 -14.64
N PHE D 343 55.39 32.63 -15.64
CA PHE D 343 55.70 31.32 -16.19
C PHE D 343 57.06 31.33 -16.84
N LEU D 344 57.34 32.38 -17.60
CA LEU D 344 58.59 32.45 -18.33
C LEU D 344 59.80 32.55 -17.40
N ARG D 345 59.66 33.23 -16.27
CA ARG D 345 60.75 33.31 -15.30
C ARG D 345 61.07 31.91 -14.81
N PHE D 346 60.04 31.17 -14.41
CA PHE D 346 60.22 29.80 -13.96
C PHE D 346 60.86 28.99 -15.07
N ALA D 347 60.30 29.11 -16.27
CA ALA D 347 60.78 28.33 -17.41
C ALA D 347 62.26 28.56 -17.67
N ARG D 348 62.69 29.82 -17.64
CA ARG D 348 64.11 30.14 -17.87
C ARG D 348 65.01 29.53 -16.81
N ARG D 349 64.64 29.72 -15.55
CA ARG D 349 65.40 29.18 -14.42
C ARG D 349 65.48 27.67 -14.52
N TRP D 350 64.33 27.03 -14.69
CA TRP D 350 64.28 25.58 -14.75
C TRP D 350 65.20 25.07 -15.85
N ARG D 351 65.16 25.72 -17.01
CA ARG D 351 65.95 25.28 -18.17
C ARG D 351 67.45 25.32 -17.86
N SER D 352 67.92 26.44 -17.30
CA SER D 352 69.34 26.59 -16.95
C SER D 352 69.82 25.51 -16.00
N ASP D 353 68.97 25.14 -15.05
CA ASP D 353 69.34 24.17 -14.03
C ASP D 353 69.43 22.74 -14.57
N GLN D 354 69.01 22.55 -15.82
CA GLN D 354 69.15 21.25 -16.48
C GLN D 354 70.56 21.13 -17.04
N1 PLP E . -14.70 -8.84 11.76
C2 PLP E . -13.76 -7.93 12.08
C2A PLP E . -12.55 -7.74 11.19
C3 PLP E . -13.89 -7.11 13.31
O3 PLP E . -12.97 -6.17 13.67
C4 PLP E . -15.10 -7.32 14.14
C4A PLP E . -15.30 -6.55 15.39
C5 PLP E . -16.05 -8.36 13.68
C6 PLP E . -15.80 -9.07 12.51
C5A PLP E . -17.29 -8.64 14.50
O4P PLP E . -18.18 -7.53 14.44
P PLP E . -19.74 -7.79 14.76
O1P PLP E . -19.82 -9.20 15.27
O2P PLP E . -20.40 -7.59 13.41
O3P PLP E . -20.03 -6.76 15.83
N PHE F . -14.36 -6.32 16.31
CA PHE F . -14.28 -5.67 17.66
C PHE F . -12.92 -5.90 18.32
O PHE F . -12.65 -5.33 19.39
CB PHE F . -15.38 -6.21 18.58
CG PHE F . -15.37 -7.71 18.73
CD1 PHE F . -14.24 -8.38 19.18
CD2 PHE F . -16.52 -8.45 18.44
CE1 PHE F . -14.24 -9.76 19.32
CE2 PHE F . -16.51 -9.82 18.58
CZ PHE F . -15.38 -10.48 19.02
OXT PHE F . -12.07 -6.64 17.82
N1 EPE G . -16.19 6.75 -0.82
C2 EPE G . -16.56 6.03 0.40
C3 EPE G . -17.52 6.91 1.20
N4 EPE G . -18.60 7.36 0.33
C5 EPE G . -18.56 7.07 -1.09
C6 EPE G . -17.18 7.55 -1.53
C7 EPE G . -19.72 8.16 0.83
C8 EPE G . -20.24 7.50 2.10
O8 EPE G . -19.49 7.99 3.23
C9 EPE G . -14.81 6.75 -1.34
C10 EPE G . -14.17 5.37 -1.25
S EPE G . -12.70 5.41 -2.04
O1S EPE G . -12.97 5.40 -3.49
O2S EPE G . -11.87 4.25 -1.64
O3S EPE G . -11.94 6.64 -1.72
N1 PLP H . 14.10 10.56 -11.26
C2 PLP H . 12.75 10.72 -11.21
C2A PLP H . 11.87 9.63 -10.66
C3 PLP H . 12.13 11.96 -11.69
O3 PLP H . 10.78 12.11 -11.64
C4 PLP H . 13.03 13.01 -12.22
C4A PLP H . 12.47 14.28 -12.75
C5 PLP H . 14.48 12.72 -12.22
C6 PLP H . 14.93 11.49 -11.74
C5A PLP H . 15.49 13.73 -12.74
O4P PLP H . 15.54 14.88 -11.88
P PLP H . 16.76 15.92 -11.98
O1P PLP H . 17.54 15.51 -13.20
O2P PLP H . 17.53 15.72 -10.69
O3P PLP H . 16.08 17.27 -12.10
N PHE I . 11.33 14.43 -13.46
CA PHE I . 10.60 15.49 -14.22
C PHE I . 9.55 14.91 -15.17
O PHE I . 8.64 15.65 -15.58
CB PHE I . 11.56 16.38 -15.02
CG PHE I . 12.51 15.60 -15.91
CD1 PHE I . 12.05 14.91 -17.01
CD2 PHE I . 13.88 15.61 -15.65
CE1 PHE I . 12.92 14.21 -17.82
CE2 PHE I . 14.76 14.92 -16.46
CZ PHE I . 14.27 14.21 -17.55
OXT PHE I . 9.59 13.73 -15.53
N1 EPE J . 8.60 12.90 8.04
C2 EPE J . 8.99 13.55 6.80
C3 EPE J . 8.88 15.07 7.01
N4 EPE J . 9.72 15.44 8.15
C5 EPE J . 9.83 14.54 9.27
C6 EPE J . 8.58 13.67 9.28
C7 EPE J . 10.46 16.70 8.25
C8 EPE J . 10.81 17.29 6.89
O8 EPE J . 9.66 17.98 6.37
C9 EPE J . 8.24 11.47 8.15
C10 EPE J . 7.64 10.87 6.89
S EPE J . 6.92 9.42 7.28
O1S EPE J . 7.67 8.81 8.40
O2S EPE J . 6.92 8.46 6.15
O3S EPE J . 5.52 9.67 7.71
N1 PLP K . -34.64 -26.63 24.44
C2 PLP K . -35.80 -27.20 24.04
C2A PLP K . -35.88 -28.69 23.91
C3 PLP K . -36.99 -26.37 23.73
O3 PLP K . -38.14 -26.94 23.33
C4 PLP K . -36.85 -24.91 23.88
C4A PLP K . -37.97 -23.97 23.60
C5 PLP K . -35.53 -24.40 24.31
C6 PLP K . -34.50 -25.30 24.58
C5A PLP K . -35.34 -22.92 24.53
O4P PLP K . -34.84 -22.26 23.39
P PLP K . -34.26 -20.78 23.59
O1P PLP K . -33.11 -20.79 22.59
O2P PLP K . -33.81 -20.59 25.00
O3P PLP K . -35.41 -19.88 23.23
N PHE L . -35.37 -23.50 14.13
CA PHE L . -36.65 -24.20 13.88
C PHE L . -37.77 -23.19 13.58
O PHE L . -37.68 -22.40 12.66
CB PHE L . -37.00 -25.14 15.05
CG PHE L . -36.96 -24.49 16.42
CD1 PHE L . -38.12 -24.01 17.01
CD2 PHE L . -35.77 -24.40 17.13
CE1 PHE L . -38.08 -23.44 18.28
CE2 PHE L . -35.73 -23.81 18.39
CZ PHE L . -36.88 -23.34 18.96
OXT PHE L . -38.81 -23.16 14.25
N1 EPE M . -43.91 -26.54 42.22
C2 EPE M . -43.67 -25.82 40.97
C3 EPE M . -44.64 -24.64 40.86
N4 EPE M . -44.54 -23.85 42.09
C5 EPE M . -43.94 -24.41 43.27
C6 EPE M . -44.49 -25.83 43.35
C7 EPE M . -45.08 -22.50 42.14
C8 EPE M . -44.25 -21.63 41.19
O8 EPE M . -45.02 -21.44 39.99
C9 EPE M . -43.57 -27.94 42.41
C10 EPE M . -43.83 -28.75 41.15
S EPE M . -44.01 -30.35 41.56
O1S EPE M . -43.25 -30.66 42.79
O2S EPE M . -43.50 -31.25 40.49
O3S EPE M . -45.45 -30.60 41.76
N1 PLP N . 37.55 19.34 -27.03
C2 PLP N . 38.81 19.72 -26.74
C2A PLP N . 39.94 19.07 -27.48
C3 PLP N . 39.07 20.76 -25.72
O3 PLP N . 40.35 21.13 -25.46
C4 PLP N . 37.92 21.38 -25.04
C4A PLP N . 38.10 22.44 -24.00
C5 PLP N . 36.59 20.86 -25.44
C6 PLP N . 36.49 19.87 -26.42
C5A PLP N . 35.27 21.35 -24.89
O4P PLP N . 35.24 21.84 -23.57
P PLP N . 33.80 22.26 -23.03
O1P PLP N . 33.20 20.96 -22.55
O2P PLP N . 33.03 22.88 -24.18
O3P PLP N . 34.12 23.25 -21.93
N PHE O . 42.09 16.57 -13.67
CA PHE O . 41.02 17.37 -12.98
C PHE O . 40.23 16.54 -11.97
O PHE O . 39.31 15.79 -12.29
CB PHE O . 40.08 18.06 -14.00
CG PHE O . 40.04 17.43 -15.37
CD1 PHE O . 39.37 16.22 -15.59
CD2 PHE O . 40.64 18.05 -16.45
CE1 PHE O . 39.33 15.65 -16.84
CE2 PHE O . 40.60 17.48 -17.72
CZ PHE O . 39.94 16.28 -17.91
OXT PHE O . 40.49 16.59 -10.77
N1 EPE P . 40.69 35.43 -38.81
C2 EPE P . 40.34 34.88 -37.50
C3 EPE P . 40.19 36.05 -36.52
N4 EPE P . 39.21 36.98 -37.05
C5 EPE P . 39.13 37.22 -38.49
C6 EPE P . 40.49 36.84 -39.07
C7 EPE P . 38.29 37.68 -36.16
C8 EPE P . 39.10 38.31 -35.02
O8 EPE P . 38.65 39.65 -34.78
C9 EPE P . 41.21 34.59 -39.90
C10 EPE P . 42.14 33.48 -39.36
S EPE P . 43.07 32.89 -40.61
O1S EPE P . 42.30 32.88 -41.87
O2S EPE P . 43.56 31.54 -40.37
O3S EPE P . 44.27 33.77 -40.73
#